data_3G98
# 
_entry.id   3G98 
# 
_audit_conform.dict_name       mmcif_pdbx.dic 
_audit_conform.dict_version    5.387 
_audit_conform.dict_location   http://mmcif.pdb.org/dictionaries/ascii/mmcif_pdbx.dic 
# 
loop_
_database_2.database_id 
_database_2.database_code 
_database_2.pdbx_database_accession 
_database_2.pdbx_DOI 
PDB   3G98         pdb_00003g98 10.2210/pdb3g98/pdb 
RCSB  RCSB051582   ?            ?                   
WWPDB D_1000051582 ?            ?                   
# 
loop_
_pdbx_audit_revision_history.ordinal 
_pdbx_audit_revision_history.data_content_type 
_pdbx_audit_revision_history.major_revision 
_pdbx_audit_revision_history.minor_revision 
_pdbx_audit_revision_history.revision_date 
1 'Structure model' 1 0 2009-10-06 
2 'Structure model' 1 1 2011-07-13 
3 'Structure model' 1 2 2024-02-21 
# 
_pdbx_audit_revision_details.ordinal             1 
_pdbx_audit_revision_details.revision_ordinal    1 
_pdbx_audit_revision_details.data_content_type   'Structure model' 
_pdbx_audit_revision_details.provider            repository 
_pdbx_audit_revision_details.type                'Initial release' 
_pdbx_audit_revision_details.description         ? 
_pdbx_audit_revision_details.details             ? 
# 
loop_
_pdbx_audit_revision_group.ordinal 
_pdbx_audit_revision_group.revision_ordinal 
_pdbx_audit_revision_group.data_content_type 
_pdbx_audit_revision_group.group 
1 2 'Structure model' 'Version format compliance' 
2 3 'Structure model' 'Data collection'           
3 3 'Structure model' 'Database references'       
# 
loop_
_pdbx_audit_revision_category.ordinal 
_pdbx_audit_revision_category.revision_ordinal 
_pdbx_audit_revision_category.data_content_type 
_pdbx_audit_revision_category.category 
1 3 'Structure model' chem_comp_atom     
2 3 'Structure model' chem_comp_bond     
3 3 'Structure model' database_2         
4 3 'Structure model' struct_ref_seq_dif 
# 
loop_
_pdbx_audit_revision_item.ordinal 
_pdbx_audit_revision_item.revision_ordinal 
_pdbx_audit_revision_item.data_content_type 
_pdbx_audit_revision_item.item 
1 3 'Structure model' '_database_2.pdbx_DOI'                
2 3 'Structure model' '_database_2.pdbx_database_accession' 
3 3 'Structure model' '_struct_ref_seq_dif.details'         
# 
_pdbx_database_status.status_code                     REL 
_pdbx_database_status.entry_id                        3G98 
_pdbx_database_status.recvd_initial_deposition_date   2009-02-13 
_pdbx_database_status.deposit_site                    RCSB 
_pdbx_database_status.process_site                    RCSB 
_pdbx_database_status.status_code_sf                  REL 
_pdbx_database_status.status_code_mr                  ? 
_pdbx_database_status.SG_entry                        ? 
_pdbx_database_status.pdb_format_compatible           Y 
_pdbx_database_status.status_code_cs                  ? 
_pdbx_database_status.status_code_nmr_data            ? 
_pdbx_database_status.methods_development_category    ? 
# 
loop_
_audit_author.name 
_audit_author.pdbx_ordinal 
'Guo, M.'      1 
'Yang, X.L.'   2 
'Schimmel, P.' 3 
# 
_citation.id                        primary 
_citation.title                     'The C-Ala domain brings together editing and aminoacylation functions on one tRNA.' 
_citation.journal_abbrev            Science 
_citation.journal_volume            325 
_citation.page_first                744 
_citation.page_last                 747 
_citation.year                      2009 
_citation.journal_id_ASTM           SCIEAS 
_citation.country                   US 
_citation.journal_id_ISSN           0036-8075 
_citation.journal_id_CSD            0038 
_citation.book_publisher            ? 
_citation.pdbx_database_id_PubMed   19661429 
_citation.pdbx_database_id_DOI      10.1126/science.1174343 
# 
loop_
_citation_author.citation_id 
_citation_author.name 
_citation_author.ordinal 
_citation_author.identifier_ORCID 
primary 'Guo, M.'      1 ? 
primary 'Chong, Y.E.'  2 ? 
primary 'Beebe, K.'    3 ? 
primary 'Shapiro, R.'  4 ? 
primary 'Yang, X.L.'   5 ? 
primary 'Schimmel, P.' 6 ? 
# 
loop_
_entity.id 
_entity.type 
_entity.src_method 
_entity.pdbx_description 
_entity.formula_weight 
_entity.pdbx_number_of_molecules 
_entity.pdbx_ec 
_entity.pdbx_mutation 
_entity.pdbx_fragment 
_entity.details 
1 polymer man 'Alanyl-tRNA synthetase' 12161.997 2   6.1.1.7 ? 'UNP residues 758-867' ? 
2 water   nat water                    18.015    139 ?       ? ?                      ? 
# 
_entity_name_com.entity_id   1 
_entity_name_com.name        'Alanine--tRNA ligase, AlaRS' 
# 
_entity_poly.entity_id                      1 
_entity_poly.type                           'polypeptide(L)' 
_entity_poly.nstd_linkage                   no 
_entity_poly.nstd_monomer                   no 
_entity_poly.pdbx_seq_one_letter_code       
;MKEENVGDFTLHYGVFEEVEPEELRNLADMLRQRTKKDVVFIASRKGDKINFVIGVSKEISDKVNAKEVIREVGKVLKGG
GGGRADLAQGGGKAPDKFPEAVKLLKEILSG
;
_entity_poly.pdbx_seq_one_letter_code_can   
;MKEENVGDFTLHYGVFEEVEPEELRNLADMLRQRTKKDVVFIASRKGDKINFVIGVSKEISDKVNAKEVIREVGKVLKGG
GGGRADLAQGGGKAPDKFPEAVKLLKEILSG
;
_entity_poly.pdbx_strand_id                 A,B 
_entity_poly.pdbx_target_identifier         ? 
# 
_pdbx_entity_nonpoly.entity_id   2 
_pdbx_entity_nonpoly.name        water 
_pdbx_entity_nonpoly.comp_id     HOH 
# 
loop_
_entity_poly_seq.entity_id 
_entity_poly_seq.num 
_entity_poly_seq.mon_id 
_entity_poly_seq.hetero 
1 1   MET n 
1 2   LYS n 
1 3   GLU n 
1 4   GLU n 
1 5   ASN n 
1 6   VAL n 
1 7   GLY n 
1 8   ASP n 
1 9   PHE n 
1 10  THR n 
1 11  LEU n 
1 12  HIS n 
1 13  TYR n 
1 14  GLY n 
1 15  VAL n 
1 16  PHE n 
1 17  GLU n 
1 18  GLU n 
1 19  VAL n 
1 20  GLU n 
1 21  PRO n 
1 22  GLU n 
1 23  GLU n 
1 24  LEU n 
1 25  ARG n 
1 26  ASN n 
1 27  LEU n 
1 28  ALA n 
1 29  ASP n 
1 30  MET n 
1 31  LEU n 
1 32  ARG n 
1 33  GLN n 
1 34  ARG n 
1 35  THR n 
1 36  LYS n 
1 37  LYS n 
1 38  ASP n 
1 39  VAL n 
1 40  VAL n 
1 41  PHE n 
1 42  ILE n 
1 43  ALA n 
1 44  SER n 
1 45  ARG n 
1 46  LYS n 
1 47  GLY n 
1 48  ASP n 
1 49  LYS n 
1 50  ILE n 
1 51  ASN n 
1 52  PHE n 
1 53  VAL n 
1 54  ILE n 
1 55  GLY n 
1 56  VAL n 
1 57  SER n 
1 58  LYS n 
1 59  GLU n 
1 60  ILE n 
1 61  SER n 
1 62  ASP n 
1 63  LYS n 
1 64  VAL n 
1 65  ASN n 
1 66  ALA n 
1 67  LYS n 
1 68  GLU n 
1 69  VAL n 
1 70  ILE n 
1 71  ARG n 
1 72  GLU n 
1 73  VAL n 
1 74  GLY n 
1 75  LYS n 
1 76  VAL n 
1 77  LEU n 
1 78  LYS n 
1 79  GLY n 
1 80  GLY n 
1 81  GLY n 
1 82  GLY n 
1 83  GLY n 
1 84  ARG n 
1 85  ALA n 
1 86  ASP n 
1 87  LEU n 
1 88  ALA n 
1 89  GLN n 
1 90  GLY n 
1 91  GLY n 
1 92  GLY n 
1 93  LYS n 
1 94  ALA n 
1 95  PRO n 
1 96  ASP n 
1 97  LYS n 
1 98  PHE n 
1 99  PRO n 
1 100 GLU n 
1 101 ALA n 
1 102 VAL n 
1 103 LYS n 
1 104 LEU n 
1 105 LEU n 
1 106 LYS n 
1 107 GLU n 
1 108 ILE n 
1 109 LEU n 
1 110 SER n 
1 111 GLY n 
# 
_entity_src_gen.entity_id                          1 
_entity_src_gen.pdbx_src_id                        1 
_entity_src_gen.pdbx_alt_source_flag               sample 
_entity_src_gen.pdbx_seq_type                      ? 
_entity_src_gen.pdbx_beg_seq_num                   ? 
_entity_src_gen.pdbx_end_seq_num                   ? 
_entity_src_gen.gene_src_common_name               ? 
_entity_src_gen.gene_src_genus                     ? 
_entity_src_gen.pdbx_gene_src_gene                 alaS 
_entity_src_gen.gene_src_species                   ? 
_entity_src_gen.gene_src_strain                    ? 
_entity_src_gen.gene_src_tissue                    ? 
_entity_src_gen.gene_src_tissue_fraction           ? 
_entity_src_gen.gene_src_details                   ? 
_entity_src_gen.pdbx_gene_src_fragment             ? 
_entity_src_gen.pdbx_gene_src_scientific_name      'Aquifex aeolicus' 
_entity_src_gen.pdbx_gene_src_ncbi_taxonomy_id     63363 
_entity_src_gen.pdbx_gene_src_variant              ? 
_entity_src_gen.pdbx_gene_src_cell_line            ? 
_entity_src_gen.pdbx_gene_src_atcc                 ? 
_entity_src_gen.pdbx_gene_src_organ                ? 
_entity_src_gen.pdbx_gene_src_organelle            ? 
_entity_src_gen.pdbx_gene_src_cell                 ? 
_entity_src_gen.pdbx_gene_src_cellular_location    ? 
_entity_src_gen.host_org_common_name               ? 
_entity_src_gen.pdbx_host_org_scientific_name      'Escherichia coli' 
_entity_src_gen.pdbx_host_org_ncbi_taxonomy_id     562 
_entity_src_gen.host_org_genus                     ? 
_entity_src_gen.pdbx_host_org_gene                 ? 
_entity_src_gen.pdbx_host_org_organ                ? 
_entity_src_gen.host_org_species                   ? 
_entity_src_gen.pdbx_host_org_tissue               ? 
_entity_src_gen.pdbx_host_org_tissue_fraction      ? 
_entity_src_gen.pdbx_host_org_strain               'BL21 DE3 CodonPlus' 
_entity_src_gen.pdbx_host_org_variant              ? 
_entity_src_gen.pdbx_host_org_cell_line            ? 
_entity_src_gen.pdbx_host_org_atcc                 ? 
_entity_src_gen.pdbx_host_org_culture_collection   ? 
_entity_src_gen.pdbx_host_org_cell                 ? 
_entity_src_gen.pdbx_host_org_organelle            ? 
_entity_src_gen.pdbx_host_org_cellular_location    ? 
_entity_src_gen.pdbx_host_org_vector_type          PLASMID 
_entity_src_gen.pdbx_host_org_vector               ? 
_entity_src_gen.host_org_details                   ? 
_entity_src_gen.expression_system_id               ? 
_entity_src_gen.plasmid_name                       pET20b+ 
_entity_src_gen.plasmid_details                    ? 
_entity_src_gen.pdbx_description                   ? 
# 
loop_
_chem_comp.id 
_chem_comp.type 
_chem_comp.mon_nstd_flag 
_chem_comp.name 
_chem_comp.pdbx_synonyms 
_chem_comp.formula 
_chem_comp.formula_weight 
ALA 'L-peptide linking' y ALANINE         ? 'C3 H7 N O2'     89.093  
ARG 'L-peptide linking' y ARGININE        ? 'C6 H15 N4 O2 1' 175.209 
ASN 'L-peptide linking' y ASPARAGINE      ? 'C4 H8 N2 O3'    132.118 
ASP 'L-peptide linking' y 'ASPARTIC ACID' ? 'C4 H7 N O4'     133.103 
GLN 'L-peptide linking' y GLUTAMINE       ? 'C5 H10 N2 O3'   146.144 
GLU 'L-peptide linking' y 'GLUTAMIC ACID' ? 'C5 H9 N O4'     147.129 
GLY 'peptide linking'   y GLYCINE         ? 'C2 H5 N O2'     75.067  
HIS 'L-peptide linking' y HISTIDINE       ? 'C6 H10 N3 O2 1' 156.162 
HOH non-polymer         . WATER           ? 'H2 O'           18.015  
ILE 'L-peptide linking' y ISOLEUCINE      ? 'C6 H13 N O2'    131.173 
LEU 'L-peptide linking' y LEUCINE         ? 'C6 H13 N O2'    131.173 
LYS 'L-peptide linking' y LYSINE          ? 'C6 H15 N2 O2 1' 147.195 
MET 'L-peptide linking' y METHIONINE      ? 'C5 H11 N O2 S'  149.211 
PHE 'L-peptide linking' y PHENYLALANINE   ? 'C9 H11 N O2'    165.189 
PRO 'L-peptide linking' y PROLINE         ? 'C5 H9 N O2'     115.130 
SER 'L-peptide linking' y SERINE          ? 'C3 H7 N O3'     105.093 
THR 'L-peptide linking' y THREONINE       ? 'C4 H9 N O3'     119.119 
TYR 'L-peptide linking' y TYROSINE        ? 'C9 H11 N O3'    181.189 
VAL 'L-peptide linking' y VALINE          ? 'C5 H11 N O2'    117.146 
# 
loop_
_pdbx_poly_seq_scheme.asym_id 
_pdbx_poly_seq_scheme.entity_id 
_pdbx_poly_seq_scheme.seq_id 
_pdbx_poly_seq_scheme.mon_id 
_pdbx_poly_seq_scheme.ndb_seq_num 
_pdbx_poly_seq_scheme.pdb_seq_num 
_pdbx_poly_seq_scheme.auth_seq_num 
_pdbx_poly_seq_scheme.pdb_mon_id 
_pdbx_poly_seq_scheme.auth_mon_id 
_pdbx_poly_seq_scheme.pdb_strand_id 
_pdbx_poly_seq_scheme.pdb_ins_code 
_pdbx_poly_seq_scheme.hetero 
A 1 1   MET 1   757 757 MET MET A . n 
A 1 2   LYS 2   758 758 LYS LYS A . n 
A 1 3   GLU 3   759 759 GLU GLU A . n 
A 1 4   GLU 4   760 760 GLU GLU A . n 
A 1 5   ASN 5   761 761 ASN ASN A . n 
A 1 6   VAL 6   762 762 VAL VAL A . n 
A 1 7   GLY 7   763 763 GLY GLY A . n 
A 1 8   ASP 8   764 764 ASP ASP A . n 
A 1 9   PHE 9   765 765 PHE PHE A . n 
A 1 10  THR 10  766 766 THR THR A . n 
A 1 11  LEU 11  767 767 LEU LEU A . n 
A 1 12  HIS 12  768 768 HIS HIS A . n 
A 1 13  TYR 13  769 769 TYR TYR A . n 
A 1 14  GLY 14  770 770 GLY GLY A . n 
A 1 15  VAL 15  771 771 VAL VAL A . n 
A 1 16  PHE 16  772 772 PHE PHE A . n 
A 1 17  GLU 17  773 773 GLU GLU A . n 
A 1 18  GLU 18  774 774 GLU GLU A . n 
A 1 19  VAL 19  775 775 VAL VAL A . n 
A 1 20  GLU 20  776 776 GLU GLU A . n 
A 1 21  PRO 21  777 777 PRO PRO A . n 
A 1 22  GLU 22  778 778 GLU GLU A . n 
A 1 23  GLU 23  779 779 GLU GLU A . n 
A 1 24  LEU 24  780 780 LEU LEU A . n 
A 1 25  ARG 25  781 781 ARG ARG A . n 
A 1 26  ASN 26  782 782 ASN ASN A . n 
A 1 27  LEU 27  783 783 LEU LEU A . n 
A 1 28  ALA 28  784 784 ALA ALA A . n 
A 1 29  ASP 29  785 785 ASP ASP A . n 
A 1 30  MET 30  786 786 MET MET A . n 
A 1 31  LEU 31  787 787 LEU LEU A . n 
A 1 32  ARG 32  788 788 ARG ARG A . n 
A 1 33  GLN 33  789 789 GLN GLN A . n 
A 1 34  ARG 34  790 790 ARG ARG A . n 
A 1 35  THR 35  791 791 THR THR A . n 
A 1 36  LYS 36  792 792 LYS LYS A . n 
A 1 37  LYS 37  793 793 LYS LYS A . n 
A 1 38  ASP 38  794 794 ASP ASP A . n 
A 1 39  VAL 39  795 795 VAL VAL A . n 
A 1 40  VAL 40  796 796 VAL VAL A . n 
A 1 41  PHE 41  797 797 PHE PHE A . n 
A 1 42  ILE 42  798 798 ILE ILE A . n 
A 1 43  ALA 43  799 799 ALA ALA A . n 
A 1 44  SER 44  800 800 SER SER A . n 
A 1 45  ARG 45  801 801 ARG ARG A . n 
A 1 46  LYS 46  802 802 LYS LYS A . n 
A 1 47  GLY 47  803 803 GLY GLY A . n 
A 1 48  ASP 48  804 804 ASP ASP A . n 
A 1 49  LYS 49  805 805 LYS LYS A . n 
A 1 50  ILE 50  806 806 ILE ILE A . n 
A 1 51  ASN 51  807 807 ASN ASN A . n 
A 1 52  PHE 52  808 808 PHE PHE A . n 
A 1 53  VAL 53  809 809 VAL VAL A . n 
A 1 54  ILE 54  810 810 ILE ILE A . n 
A 1 55  GLY 55  811 811 GLY GLY A . n 
A 1 56  VAL 56  812 812 VAL VAL A . n 
A 1 57  SER 57  813 813 SER SER A . n 
A 1 58  LYS 58  814 814 LYS LYS A . n 
A 1 59  GLU 59  815 815 GLU GLU A . n 
A 1 60  ILE 60  816 816 ILE ILE A . n 
A 1 61  SER 61  817 817 SER SER A . n 
A 1 62  ASP 62  818 818 ASP ASP A . n 
A 1 63  LYS 63  819 819 LYS LYS A . n 
A 1 64  VAL 64  820 820 VAL VAL A . n 
A 1 65  ASN 65  821 821 ASN ASN A . n 
A 1 66  ALA 66  822 822 ALA ALA A . n 
A 1 67  LYS 67  823 823 LYS LYS A . n 
A 1 68  GLU 68  824 824 GLU GLU A . n 
A 1 69  VAL 69  825 825 VAL VAL A . n 
A 1 70  ILE 70  826 826 ILE ILE A . n 
A 1 71  ARG 71  827 827 ARG ARG A . n 
A 1 72  GLU 72  828 828 GLU GLU A . n 
A 1 73  VAL 73  829 829 VAL VAL A . n 
A 1 74  GLY 74  830 830 GLY GLY A . n 
A 1 75  LYS 75  831 831 LYS LYS A . n 
A 1 76  VAL 76  832 832 VAL VAL A . n 
A 1 77  LEU 77  833 833 LEU LEU A . n 
A 1 78  LYS 78  834 834 LYS LYS A . n 
A 1 79  GLY 79  835 835 GLY GLY A . n 
A 1 80  GLY 80  836 836 GLY GLY A . n 
A 1 81  GLY 81  837 837 GLY GLY A . n 
A 1 82  GLY 82  838 838 GLY GLY A . n 
A 1 83  GLY 83  839 839 GLY GLY A . n 
A 1 84  ARG 84  840 840 ARG ARG A . n 
A 1 85  ALA 85  841 841 ALA ALA A . n 
A 1 86  ASP 86  842 842 ASP ASP A . n 
A 1 87  LEU 87  843 843 LEU LEU A . n 
A 1 88  ALA 88  844 844 ALA ALA A . n 
A 1 89  GLN 89  845 845 GLN GLN A . n 
A 1 90  GLY 90  846 846 GLY GLY A . n 
A 1 91  GLY 91  847 847 GLY GLY A . n 
A 1 92  GLY 92  848 848 GLY GLY A . n 
A 1 93  LYS 93  849 849 LYS LYS A . n 
A 1 94  ALA 94  850 850 ALA ALA A . n 
A 1 95  PRO 95  851 851 PRO PRO A . n 
A 1 96  ASP 96  852 852 ASP ASP A . n 
A 1 97  LYS 97  853 853 LYS LYS A . n 
A 1 98  PHE 98  854 854 PHE PHE A . n 
A 1 99  PRO 99  855 855 PRO PRO A . n 
A 1 100 GLU 100 856 856 GLU GLU A . n 
A 1 101 ALA 101 857 857 ALA ALA A . n 
A 1 102 VAL 102 858 858 VAL VAL A . n 
A 1 103 LYS 103 859 859 LYS LYS A . n 
A 1 104 LEU 104 860 860 LEU LEU A . n 
A 1 105 LEU 105 861 861 LEU LEU A . n 
A 1 106 LYS 106 862 862 LYS LYS A . n 
A 1 107 GLU 107 863 863 GLU GLU A . n 
A 1 108 ILE 108 864 864 ILE ILE A . n 
A 1 109 LEU 109 865 865 LEU LEU A . n 
A 1 110 SER 110 866 866 SER SER A . n 
A 1 111 GLY 111 867 867 GLY GLY A . n 
B 1 1   MET 1   757 757 MET MET B . n 
B 1 2   LYS 2   758 758 LYS LYS B . n 
B 1 3   GLU 3   759 759 GLU GLU B . n 
B 1 4   GLU 4   760 760 GLU GLU B . n 
B 1 5   ASN 5   761 761 ASN ASN B . n 
B 1 6   VAL 6   762 762 VAL VAL B . n 
B 1 7   GLY 7   763 763 GLY GLY B . n 
B 1 8   ASP 8   764 764 ASP ASP B . n 
B 1 9   PHE 9   765 765 PHE PHE B . n 
B 1 10  THR 10  766 766 THR THR B . n 
B 1 11  LEU 11  767 767 LEU LEU B . n 
B 1 12  HIS 12  768 768 HIS HIS B . n 
B 1 13  TYR 13  769 769 TYR TYR B . n 
B 1 14  GLY 14  770 770 GLY GLY B . n 
B 1 15  VAL 15  771 771 VAL VAL B . n 
B 1 16  PHE 16  772 772 PHE PHE B . n 
B 1 17  GLU 17  773 773 GLU GLU B . n 
B 1 18  GLU 18  774 774 GLU GLU B . n 
B 1 19  VAL 19  775 775 VAL VAL B . n 
B 1 20  GLU 20  776 776 GLU GLU B . n 
B 1 21  PRO 21  777 777 PRO PRO B . n 
B 1 22  GLU 22  778 778 GLU GLU B . n 
B 1 23  GLU 23  779 779 GLU GLU B . n 
B 1 24  LEU 24  780 780 LEU LEU B . n 
B 1 25  ARG 25  781 781 ARG ARG B . n 
B 1 26  ASN 26  782 782 ASN ASN B . n 
B 1 27  LEU 27  783 783 LEU LEU B . n 
B 1 28  ALA 28  784 784 ALA ALA B . n 
B 1 29  ASP 29  785 785 ASP ASP B . n 
B 1 30  MET 30  786 786 MET MET B . n 
B 1 31  LEU 31  787 787 LEU LEU B . n 
B 1 32  ARG 32  788 788 ARG ARG B . n 
B 1 33  GLN 33  789 789 GLN GLN B . n 
B 1 34  ARG 34  790 790 ARG ARG B . n 
B 1 35  THR 35  791 791 THR THR B . n 
B 1 36  LYS 36  792 792 LYS LYS B . n 
B 1 37  LYS 37  793 793 LYS LYS B . n 
B 1 38  ASP 38  794 794 ASP ASP B . n 
B 1 39  VAL 39  795 795 VAL VAL B . n 
B 1 40  VAL 40  796 796 VAL VAL B . n 
B 1 41  PHE 41  797 797 PHE PHE B . n 
B 1 42  ILE 42  798 798 ILE ILE B . n 
B 1 43  ALA 43  799 799 ALA ALA B . n 
B 1 44  SER 44  800 800 SER SER B . n 
B 1 45  ARG 45  801 801 ARG ARG B . n 
B 1 46  LYS 46  802 802 LYS LYS B . n 
B 1 47  GLY 47  803 803 GLY GLY B . n 
B 1 48  ASP 48  804 804 ASP ASP B . n 
B 1 49  LYS 49  805 805 LYS LYS B . n 
B 1 50  ILE 50  806 806 ILE ILE B . n 
B 1 51  ASN 51  807 807 ASN ASN B . n 
B 1 52  PHE 52  808 808 PHE PHE B . n 
B 1 53  VAL 53  809 809 VAL VAL B . n 
B 1 54  ILE 54  810 810 ILE ILE B . n 
B 1 55  GLY 55  811 811 GLY GLY B . n 
B 1 56  VAL 56  812 812 VAL VAL B . n 
B 1 57  SER 57  813 813 SER SER B . n 
B 1 58  LYS 58  814 814 LYS LYS B . n 
B 1 59  GLU 59  815 815 GLU GLU B . n 
B 1 60  ILE 60  816 816 ILE ILE B . n 
B 1 61  SER 61  817 817 SER SER B . n 
B 1 62  ASP 62  818 818 ASP ASP B . n 
B 1 63  LYS 63  819 819 LYS LYS B . n 
B 1 64  VAL 64  820 820 VAL VAL B . n 
B 1 65  ASN 65  821 821 ASN ASN B . n 
B 1 66  ALA 66  822 822 ALA ALA B . n 
B 1 67  LYS 67  823 823 LYS LYS B . n 
B 1 68  GLU 68  824 824 GLU GLU B . n 
B 1 69  VAL 69  825 825 VAL VAL B . n 
B 1 70  ILE 70  826 826 ILE ILE B . n 
B 1 71  ARG 71  827 827 ARG ARG B . n 
B 1 72  GLU 72  828 828 GLU GLU B . n 
B 1 73  VAL 73  829 829 VAL VAL B . n 
B 1 74  GLY 74  830 830 GLY GLY B . n 
B 1 75  LYS 75  831 831 LYS LYS B . n 
B 1 76  VAL 76  832 832 VAL VAL B . n 
B 1 77  LEU 77  833 833 LEU LEU B . n 
B 1 78  LYS 78  834 834 LYS LYS B . n 
B 1 79  GLY 79  835 835 GLY GLY B . n 
B 1 80  GLY 80  836 836 GLY GLY B . n 
B 1 81  GLY 81  837 837 GLY GLY B . n 
B 1 82  GLY 82  838 838 GLY GLY B . n 
B 1 83  GLY 83  839 839 GLY GLY B . n 
B 1 84  ARG 84  840 840 ARG ARG B . n 
B 1 85  ALA 85  841 841 ALA ALA B . n 
B 1 86  ASP 86  842 842 ASP ASP B . n 
B 1 87  LEU 87  843 843 LEU LEU B . n 
B 1 88  ALA 88  844 844 ALA ALA B . n 
B 1 89  GLN 89  845 845 GLN GLN B . n 
B 1 90  GLY 90  846 846 GLY GLY B . n 
B 1 91  GLY 91  847 847 GLY GLY B . n 
B 1 92  GLY 92  848 848 GLY GLY B . n 
B 1 93  LYS 93  849 849 LYS LYS B . n 
B 1 94  ALA 94  850 850 ALA ALA B . n 
B 1 95  PRO 95  851 851 PRO PRO B . n 
B 1 96  ASP 96  852 852 ASP ASP B . n 
B 1 97  LYS 97  853 853 LYS LYS B . n 
B 1 98  PHE 98  854 854 PHE PHE B . n 
B 1 99  PRO 99  855 855 PRO PRO B . n 
B 1 100 GLU 100 856 856 GLU GLU B . n 
B 1 101 ALA 101 857 857 ALA ALA B . n 
B 1 102 VAL 102 858 858 VAL VAL B . n 
B 1 103 LYS 103 859 859 LYS LYS B . n 
B 1 104 LEU 104 860 860 LEU LEU B . n 
B 1 105 LEU 105 861 861 LEU LEU B . n 
B 1 106 LYS 106 862 862 LYS LYS B . n 
B 1 107 GLU 107 863 863 GLU GLU B . n 
B 1 108 ILE 108 864 864 ILE ILE B . n 
B 1 109 LEU 109 865 865 LEU LEU B . n 
B 1 110 SER 110 866 866 SER SER B . n 
B 1 111 GLY 111 867 867 GLY GLY B . n 
# 
loop_
_pdbx_nonpoly_scheme.asym_id 
_pdbx_nonpoly_scheme.entity_id 
_pdbx_nonpoly_scheme.mon_id 
_pdbx_nonpoly_scheme.ndb_seq_num 
_pdbx_nonpoly_scheme.pdb_seq_num 
_pdbx_nonpoly_scheme.auth_seq_num 
_pdbx_nonpoly_scheme.pdb_mon_id 
_pdbx_nonpoly_scheme.auth_mon_id 
_pdbx_nonpoly_scheme.pdb_strand_id 
_pdbx_nonpoly_scheme.pdb_ins_code 
C 2 HOH 1  1   1   HOH HOH A . 
C 2 HOH 2  2   2   HOH HOH A . 
C 2 HOH 3  3   3   HOH HOH A . 
C 2 HOH 4  5   5   HOH HOH A . 
C 2 HOH 5  6   6   HOH HOH A . 
C 2 HOH 6  7   7   HOH HOH A . 
C 2 HOH 7  8   8   HOH HOH A . 
C 2 HOH 8  10  10  HOH HOH A . 
C 2 HOH 9  11  11  HOH HOH A . 
C 2 HOH 10 12  12  HOH HOH A . 
C 2 HOH 11 14  14  HOH HOH A . 
C 2 HOH 12 19  19  HOH HOH A . 
C 2 HOH 13 20  20  HOH HOH A . 
C 2 HOH 14 23  23  HOH HOH A . 
C 2 HOH 15 27  27  HOH HOH A . 
C 2 HOH 16 28  28  HOH HOH A . 
C 2 HOH 17 31  31  HOH HOH A . 
C 2 HOH 18 32  32  HOH HOH A . 
C 2 HOH 19 34  34  HOH HOH A . 
C 2 HOH 20 35  35  HOH HOH A . 
C 2 HOH 21 36  36  HOH HOH A . 
C 2 HOH 22 37  37  HOH HOH A . 
C 2 HOH 23 39  39  HOH HOH A . 
C 2 HOH 24 41  41  HOH HOH A . 
C 2 HOH 25 42  42  HOH HOH A . 
C 2 HOH 26 43  43  HOH HOH A . 
C 2 HOH 27 44  44  HOH HOH A . 
C 2 HOH 28 47  47  HOH HOH A . 
C 2 HOH 29 49  49  HOH HOH A . 
C 2 HOH 30 51  51  HOH HOH A . 
C 2 HOH 31 55  55  HOH HOH A . 
C 2 HOH 32 56  56  HOH HOH A . 
C 2 HOH 33 57  57  HOH HOH A . 
C 2 HOH 34 59  59  HOH HOH A . 
C 2 HOH 35 66  66  HOH HOH A . 
C 2 HOH 36 69  69  HOH HOH A . 
C 2 HOH 37 74  74  HOH HOH A . 
C 2 HOH 38 75  75  HOH HOH A . 
C 2 HOH 39 76  76  HOH HOH A . 
C 2 HOH 40 80  80  HOH HOH A . 
C 2 HOH 41 81  81  HOH HOH A . 
C 2 HOH 42 85  85  HOH HOH A . 
C 2 HOH 43 86  86  HOH HOH A . 
C 2 HOH 44 87  87  HOH HOH A . 
C 2 HOH 45 89  89  HOH HOH A . 
C 2 HOH 46 94  94  HOH HOH A . 
C 2 HOH 47 97  97  HOH HOH A . 
C 2 HOH 48 100 100 HOH HOH A . 
C 2 HOH 49 101 101 HOH HOH A . 
C 2 HOH 50 102 102 HOH HOH A . 
C 2 HOH 51 103 103 HOH HOH A . 
C 2 HOH 52 104 104 HOH HOH A . 
C 2 HOH 53 105 105 HOH HOH A . 
C 2 HOH 54 109 109 HOH HOH A . 
C 2 HOH 55 113 113 HOH HOH A . 
C 2 HOH 56 115 115 HOH HOH A . 
C 2 HOH 57 119 119 HOH HOH A . 
C 2 HOH 58 127 127 HOH HOH A . 
C 2 HOH 59 130 130 HOH HOH A . 
C 2 HOH 60 132 132 HOH HOH A . 
C 2 HOH 61 134 134 HOH HOH A . 
C 2 HOH 62 136 136 HOH HOH A . 
C 2 HOH 63 139 139 HOH HOH A . 
C 2 HOH 64 140 140 HOH HOH A . 
C 2 HOH 65 142 142 HOH HOH A . 
C 2 HOH 66 145 145 HOH HOH A . 
C 2 HOH 67 146 146 HOH HOH A . 
C 2 HOH 68 147 147 HOH HOH A . 
C 2 HOH 69 148 148 HOH HOH A . 
C 2 HOH 70 149 149 HOH HOH A . 
C 2 HOH 71 151 151 HOH HOH A . 
C 2 HOH 72 152 152 HOH HOH A . 
D 2 HOH 1  4   4   HOH HOH B . 
D 2 HOH 2  9   9   HOH HOH B . 
D 2 HOH 3  13  13  HOH HOH B . 
D 2 HOH 4  15  15  HOH HOH B . 
D 2 HOH 5  16  16  HOH HOH B . 
D 2 HOH 6  17  17  HOH HOH B . 
D 2 HOH 7  18  18  HOH HOH B . 
D 2 HOH 8  21  21  HOH HOH B . 
D 2 HOH 9  22  22  HOH HOH B . 
D 2 HOH 10 24  24  HOH HOH B . 
D 2 HOH 11 25  25  HOH HOH B . 
D 2 HOH 12 26  26  HOH HOH B . 
D 2 HOH 13 29  29  HOH HOH B . 
D 2 HOH 14 30  30  HOH HOH B . 
D 2 HOH 15 33  33  HOH HOH B . 
D 2 HOH 16 38  38  HOH HOH B . 
D 2 HOH 17 40  40  HOH HOH B . 
D 2 HOH 18 45  45  HOH HOH B . 
D 2 HOH 19 46  46  HOH HOH B . 
D 2 HOH 20 48  48  HOH HOH B . 
D 2 HOH 21 50  50  HOH HOH B . 
D 2 HOH 22 52  52  HOH HOH B . 
D 2 HOH 23 53  53  HOH HOH B . 
D 2 HOH 24 54  54  HOH HOH B . 
D 2 HOH 25 58  58  HOH HOH B . 
D 2 HOH 26 60  60  HOH HOH B . 
D 2 HOH 27 61  61  HOH HOH B . 
D 2 HOH 28 62  62  HOH HOH B . 
D 2 HOH 29 63  63  HOH HOH B . 
D 2 HOH 30 64  64  HOH HOH B . 
D 2 HOH 31 65  65  HOH HOH B . 
D 2 HOH 32 67  67  HOH HOH B . 
D 2 HOH 33 68  68  HOH HOH B . 
D 2 HOH 34 70  70  HOH HOH B . 
D 2 HOH 35 71  71  HOH HOH B . 
D 2 HOH 36 77  77  HOH HOH B . 
D 2 HOH 37 79  79  HOH HOH B . 
D 2 HOH 38 82  82  HOH HOH B . 
D 2 HOH 39 83  83  HOH HOH B . 
D 2 HOH 40 84  84  HOH HOH B . 
D 2 HOH 41 90  90  HOH HOH B . 
D 2 HOH 42 91  91  HOH HOH B . 
D 2 HOH 43 92  92  HOH HOH B . 
D 2 HOH 44 95  95  HOH HOH B . 
D 2 HOH 45 96  96  HOH HOH B . 
D 2 HOH 46 98  98  HOH HOH B . 
D 2 HOH 47 99  99  HOH HOH B . 
D 2 HOH 48 106 106 HOH HOH B . 
D 2 HOH 49 108 108 HOH HOH B . 
D 2 HOH 50 110 110 HOH HOH B . 
D 2 HOH 51 114 114 HOH HOH B . 
D 2 HOH 52 116 116 HOH HOH B . 
D 2 HOH 53 118 118 HOH HOH B . 
D 2 HOH 54 122 122 HOH HOH B . 
D 2 HOH 55 124 124 HOH HOH B . 
D 2 HOH 56 125 125 HOH HOH B . 
D 2 HOH 57 128 128 HOH HOH B . 
D 2 HOH 58 129 129 HOH HOH B . 
D 2 HOH 59 131 131 HOH HOH B . 
D 2 HOH 60 133 133 HOH HOH B . 
D 2 HOH 61 135 135 HOH HOH B . 
D 2 HOH 62 137 137 HOH HOH B . 
D 2 HOH 63 138 138 HOH HOH B . 
D 2 HOH 64 141 141 HOH HOH B . 
D 2 HOH 65 143 143 HOH HOH B . 
D 2 HOH 66 144 144 HOH HOH B . 
D 2 HOH 67 150 150 HOH HOH B . 
# 
loop_
_software.name 
_software.classification 
_software.version 
_software.citation_id 
_software.pdbx_ordinal 
Blu-Ice  'data collection' .        ? 1 
SOLVE    phasing           .        ? 2 
REFMAC   refinement        5.2.0019 ? 3 
HKL-2000 'data reduction'  .        ? 4 
HKL-2000 'data scaling'    .        ? 5 
# 
_cell.entry_id           3G98 
_cell.length_a           50.740 
_cell.length_b           54.506 
_cell.length_c           66.256 
_cell.angle_alpha        90.00 
_cell.angle_beta         90.00 
_cell.angle_gamma        90.00 
_cell.Z_PDB              8 
_cell.pdbx_unique_axis   ? 
_cell.length_a_esd       ? 
_cell.length_b_esd       ? 
_cell.length_c_esd       ? 
_cell.angle_alpha_esd    ? 
_cell.angle_beta_esd     ? 
_cell.angle_gamma_esd    ? 
# 
_symmetry.entry_id                         3G98 
_symmetry.space_group_name_H-M             'P 21 21 21' 
_symmetry.pdbx_full_space_group_name_H-M   ? 
_symmetry.cell_setting                     ? 
_symmetry.Int_Tables_number                19 
_symmetry.space_group_name_Hall            ? 
# 
_exptl.entry_id          3G98 
_exptl.method            'X-RAY DIFFRACTION' 
_exptl.crystals_number   1 
# 
_exptl_crystal.id                    1 
_exptl_crystal.density_meas          ? 
_exptl_crystal.density_Matthews      1.88 
_exptl_crystal.density_percent_sol   34.69 
_exptl_crystal.description           ? 
_exptl_crystal.F_000                 ? 
_exptl_crystal.preparation           ? 
# 
_exptl_crystal_grow.crystal_id      1 
_exptl_crystal_grow.method          'VAPOR DIFFUSION, SITTING DROP' 
_exptl_crystal_grow.temp            295.0 
_exptl_crystal_grow.temp_details    ? 
_exptl_crystal_grow.pH              6.0 
_exptl_crystal_grow.pdbx_details    '30% PEG6000, 100 mM MES, 1 M LiCl, pH 6.0, VAPOR DIFFUSION, SITTING DROP, temperature 295.0K' 
_exptl_crystal_grow.pdbx_pH_range   ? 
# 
_diffrn.id                     1 
_diffrn.ambient_temp           100 
_diffrn.ambient_temp_details   ? 
_diffrn.crystal_id             1 
# 
_diffrn_detector.diffrn_id              1 
_diffrn_detector.detector               CCD 
_diffrn_detector.type                   'MARMOSAIC 325 mm CCD' 
_diffrn_detector.pdbx_collection_date   2007-05-06 
_diffrn_detector.details                
'Flat mirror (vertical focusing); single crystal Si(111) bent monochromator (horizontal focusing)' 
# 
_diffrn_radiation.diffrn_id                        1 
_diffrn_radiation.wavelength_id                    1 
_diffrn_radiation.pdbx_monochromatic_or_laue_m_l   M 
_diffrn_radiation.monochromator                    
'Side scattering bent cube-root I-beam single crystal; asymmetric cut 4.965 degs' 
_diffrn_radiation.pdbx_diffrn_protocol             'SINGLE WAVELENGTH' 
_diffrn_radiation.pdbx_scattering_type             x-ray 
# 
_diffrn_radiation_wavelength.id           1 
_diffrn_radiation_wavelength.wavelength   0.98 
_diffrn_radiation_wavelength.wt           1.0 
# 
_diffrn_source.diffrn_id                   1 
_diffrn_source.source                      SYNCHROTRON 
_diffrn_source.type                        'SSRL BEAMLINE BL11-1' 
_diffrn_source.pdbx_synchrotron_site       SSRL 
_diffrn_source.pdbx_synchrotron_beamline   BL11-1 
_diffrn_source.pdbx_wavelength             ? 
_diffrn_source.pdbx_wavelength_list        0.98 
# 
_reflns.entry_id                     3G98 
_reflns.observed_criterion_sigma_I   1.0 
_reflns.observed_criterion_sigma_F   1.0 
_reflns.d_resolution_low             50 
_reflns.d_resolution_high            1.85 
_reflns.number_obs                   16087 
_reflns.number_all                   16315 
_reflns.percent_possible_obs         98.6 
_reflns.pdbx_Rmerge_I_obs            0.053 
_reflns.pdbx_Rsym_value              0.053 
_reflns.pdbx_netI_over_sigmaI        46.8 
_reflns.B_iso_Wilson_estimate        26.8 
_reflns.pdbx_redundancy              11.4 
_reflns.R_free_details               ? 
_reflns.limit_h_max                  ? 
_reflns.limit_h_min                  ? 
_reflns.limit_k_max                  ? 
_reflns.limit_k_min                  ? 
_reflns.limit_l_max                  ? 
_reflns.limit_l_min                  ? 
_reflns.observed_criterion_F_max     ? 
_reflns.observed_criterion_F_min     ? 
_reflns.pdbx_chi_squared             ? 
_reflns.pdbx_scaling_rejects         ? 
_reflns.pdbx_diffrn_id               1 
_reflns.pdbx_ordinal                 1 
# 
_reflns_shell.d_res_high             1.85 
_reflns_shell.d_res_low              1.92 
_reflns_shell.percent_possible_all   86.0 
_reflns_shell.Rmerge_I_obs           0.405 
_reflns_shell.pdbx_Rsym_value        0.405 
_reflns_shell.meanI_over_sigI_obs    3.3 
_reflns_shell.pdbx_redundancy        6.1 
_reflns_shell.percent_possible_obs   ? 
_reflns_shell.number_unique_all      1375 
_reflns_shell.number_measured_all    ? 
_reflns_shell.number_measured_obs    ? 
_reflns_shell.number_unique_obs      ? 
_reflns_shell.pdbx_chi_squared       ? 
_reflns_shell.pdbx_diffrn_id         ? 
_reflns_shell.pdbx_ordinal           1 
# 
_refine.entry_id                                 3G98 
_refine.ls_number_reflns_obs                     15234 
_refine.ls_number_reflns_all                     16315 
_refine.pdbx_ls_sigma_I                          ? 
_refine.pdbx_ls_sigma_F                          2.0 
_refine.pdbx_data_cutoff_high_absF               ? 
_refine.pdbx_data_cutoff_low_absF                ? 
_refine.pdbx_data_cutoff_high_rms_absF           ? 
_refine.ls_d_res_low                             40.28 
_refine.ls_d_res_high                            1.85 
_refine.ls_percent_reflns_obs                    99.22 
_refine.ls_R_factor_obs                          .18598 
_refine.ls_R_factor_all                          .216 
_refine.ls_R_factor_R_work                       .18423 
_refine.ls_R_factor_R_free                       .21871 
_refine.ls_R_factor_R_free_error                 ? 
_refine.ls_R_factor_R_free_error_details         ? 
_refine.ls_percent_reflns_R_free                 5.0 
_refine.ls_number_reflns_R_free                  808 
_refine.ls_number_parameters                     ? 
_refine.ls_number_restraints                     ? 
_refine.occupancy_min                            ? 
_refine.occupancy_max                            ? 
_refine.correlation_coeff_Fo_to_Fc               .962 
_refine.correlation_coeff_Fo_to_Fc_free          .946 
_refine.B_iso_mean                               29.535 
_refine.aniso_B[1][1]                            1.01 
_refine.aniso_B[2][2]                            -.70 
_refine.aniso_B[3][3]                            -.31 
_refine.aniso_B[1][2]                            .00 
_refine.aniso_B[1][3]                            .00 
_refine.aniso_B[2][3]                            .00 
_refine.solvent_model_details                    'BABINET MODEL WITH MASK' 
_refine.solvent_model_param_ksol                 ? 
_refine.solvent_model_param_bsol                 ? 
_refine.pdbx_solvent_vdw_probe_radii             1.40 
_refine.pdbx_solvent_ion_probe_radii             .80 
_refine.pdbx_solvent_shrinkage_radii             .80 
_refine.pdbx_ls_cross_valid_method               THROUGHOUT 
_refine.details                                  'HYDROGENS HAVE BEEN ADDED IN THE RIDING POSITIONS' 
_refine.pdbx_starting_model                      ? 
_refine.pdbx_method_to_determine_struct          SAD 
_refine.pdbx_isotropic_thermal_model             ? 
_refine.pdbx_stereochemistry_target_values       'MAXIMUM LIKELIHOOD' 
_refine.pdbx_stereochem_target_val_spec_case     ? 
_refine.pdbx_R_Free_selection_details            RANDOM 
_refine.pdbx_overall_ESU_R                       .170 
_refine.pdbx_overall_ESU_R_Free                  .144 
_refine.overall_SU_ML                            .093 
_refine.overall_SU_B                             6.216 
_refine.ls_redundancy_reflns_obs                 ? 
_refine.B_iso_min                                ? 
_refine.B_iso_max                                ? 
_refine.overall_SU_R_Cruickshank_DPI             ? 
_refine.overall_SU_R_free                        ? 
_refine.ls_wR_factor_R_free                      ? 
_refine.ls_wR_factor_R_work                      ? 
_refine.overall_FOM_free_R_set                   ? 
_refine.overall_FOM_work_R_set                   ? 
_refine.pdbx_overall_phase_error                 ? 
_refine.pdbx_refine_id                           'X-RAY DIFFRACTION' 
_refine.pdbx_diffrn_id                           1 
_refine.pdbx_TLS_residual_ADP_flag               ? 
_refine.pdbx_overall_SU_R_free_Cruickshank_DPI   ? 
_refine.pdbx_overall_SU_R_Blow_DPI               ? 
_refine.pdbx_overall_SU_R_free_Blow_DPI          ? 
# 
_refine_hist.pdbx_refine_id                   'X-RAY DIFFRACTION' 
_refine_hist.cycle_id                         LAST 
_refine_hist.pdbx_number_atoms_protein        1718 
_refine_hist.pdbx_number_atoms_nucleic_acid   0 
_refine_hist.pdbx_number_atoms_ligand         0 
_refine_hist.number_atoms_solvent             139 
_refine_hist.number_atoms_total               1857 
_refine_hist.d_res_high                       1.85 
_refine_hist.d_res_low                        40.28 
# 
loop_
_refine_ls_restr.type 
_refine_ls_restr.dev_ideal 
_refine_ls_restr.dev_ideal_target 
_refine_ls_restr.weight 
_refine_ls_restr.number 
_refine_ls_restr.pdbx_refine_id 
_refine_ls_restr.pdbx_restraint_function 
r_bond_refined_d         .006   .022   ? 1738 'X-RAY DIFFRACTION' ? 
r_angle_refined_deg      .984   1.993  ? 2322 'X-RAY DIFFRACTION' ? 
r_dihedral_angle_1_deg   4.474  5.000  ? 224  'X-RAY DIFFRACTION' ? 
r_dihedral_angle_2_deg   32.152 25.128 ? 78   'X-RAY DIFFRACTION' ? 
r_dihedral_angle_3_deg   11.777 15.000 ? 350  'X-RAY DIFFRACTION' ? 
r_dihedral_angle_4_deg   17.427 15.000 ? 12   'X-RAY DIFFRACTION' ? 
r_chiral_restr           .071   .200   ? 254  'X-RAY DIFFRACTION' ? 
r_gen_planes_refined     .003   .020   ? 1286 'X-RAY DIFFRACTION' ? 
r_nbd_refined            .235   .300   ? 840  'X-RAY DIFFRACTION' ? 
r_nbtor_refined          .321   .500   ? 1178 'X-RAY DIFFRACTION' ? 
r_xyhbond_nbd_refined    .232   .500   ? 222  'X-RAY DIFFRACTION' ? 
r_symmetry_vdw_refined   .244   .300   ? 53   'X-RAY DIFFRACTION' ? 
r_symmetry_hbond_refined .261   .500   ? 25   'X-RAY DIFFRACTION' ? 
r_mcbond_it              5.474  3.000  ? 1128 'X-RAY DIFFRACTION' ? 
r_mcangle_it             6.246  3.000  ? 1746 'X-RAY DIFFRACTION' ? 
r_scbond_it              7.357  2.000  ? 660  'X-RAY DIFFRACTION' ? 
r_scangle_it             10.131 3.000  ? 574  'X-RAY DIFFRACTION' ? 
# 
_refine_ls_shell.pdbx_total_number_of_bins_used   20 
_refine_ls_shell.d_res_high                       1.85 
_refine_ls_shell.d_res_low                        1.901 
_refine_ls_shell.number_reflns_R_work             1023 
_refine_ls_shell.R_factor_R_work                  .285 
_refine_ls_shell.percent_reflns_obs               90.10 
_refine_ls_shell.R_factor_R_free                  .365 
_refine_ls_shell.R_factor_R_free_error            ? 
_refine_ls_shell.percent_reflns_R_free            ? 
_refine_ls_shell.number_reflns_R_free             33 
_refine_ls_shell.number_reflns_all                ? 
_refine_ls_shell.R_factor_all                     ? 
_refine_ls_shell.number_reflns_obs                ? 
_refine_ls_shell.redundancy_reflns_obs            ? 
_refine_ls_shell.pdbx_refine_id                   'X-RAY DIFFRACTION' 
# 
_struct.entry_id                  3G98 
_struct.title                     'Crystal Structure of the C-Ala domain from Aquifex aeolicus alanyl-tRNA synthetase' 
_struct.pdbx_model_details        ? 
_struct.pdbx_CASP_flag            ? 
_struct.pdbx_model_type_details   ? 
# 
_struct_keywords.entry_id        3G98 
_struct_keywords.pdbx_keywords   LIGASE 
_struct_keywords.text            
'alpha and beta fold, Aminoacyl-tRNA synthetase, ATP-binding, Cytoplasm, Ligase, Nucleotide-binding, Protein biosynthesis' 
# 
loop_
_struct_asym.id 
_struct_asym.pdbx_blank_PDB_chainid_flag 
_struct_asym.pdbx_modified 
_struct_asym.entity_id 
_struct_asym.details 
A N N 1 ? 
B N N 1 ? 
C N N 2 ? 
D N N 2 ? 
# 
_struct_ref.id                         1 
_struct_ref.db_name                    UNP 
_struct_ref.db_code                    SYA_AQUAE 
_struct_ref.pdbx_db_accession          O67323 
_struct_ref.entity_id                  1 
_struct_ref.pdbx_seq_one_letter_code   
;KEENVGDFTLHYGVFEEVEPEELRNLADMLRQRTKKDVVFIASRKGDKINFVIGVSKEISDKVNAKEVIREVGKVLKGGG
GGRADLAQGGGKAPDKFPEAVKLLKEILSG
;
_struct_ref.pdbx_align_begin           758 
_struct_ref.pdbx_db_isoform            ? 
# 
loop_
_struct_ref_seq.align_id 
_struct_ref_seq.ref_id 
_struct_ref_seq.pdbx_PDB_id_code 
_struct_ref_seq.pdbx_strand_id 
_struct_ref_seq.seq_align_beg 
_struct_ref_seq.pdbx_seq_align_beg_ins_code 
_struct_ref_seq.seq_align_end 
_struct_ref_seq.pdbx_seq_align_end_ins_code 
_struct_ref_seq.pdbx_db_accession 
_struct_ref_seq.db_align_beg 
_struct_ref_seq.pdbx_db_align_beg_ins_code 
_struct_ref_seq.db_align_end 
_struct_ref_seq.pdbx_db_align_end_ins_code 
_struct_ref_seq.pdbx_auth_seq_align_beg 
_struct_ref_seq.pdbx_auth_seq_align_end 
1 1 3G98 A 2 ? 111 ? O67323 758 ? 867 ? 758 867 
2 1 3G98 B 2 ? 111 ? O67323 758 ? 867 ? 758 867 
# 
loop_
_struct_ref_seq_dif.align_id 
_struct_ref_seq_dif.pdbx_pdb_id_code 
_struct_ref_seq_dif.mon_id 
_struct_ref_seq_dif.pdbx_pdb_strand_id 
_struct_ref_seq_dif.seq_num 
_struct_ref_seq_dif.pdbx_pdb_ins_code 
_struct_ref_seq_dif.pdbx_seq_db_name 
_struct_ref_seq_dif.pdbx_seq_db_accession_code 
_struct_ref_seq_dif.db_mon_id 
_struct_ref_seq_dif.pdbx_seq_db_seq_num 
_struct_ref_seq_dif.details 
_struct_ref_seq_dif.pdbx_auth_seq_num 
_struct_ref_seq_dif.pdbx_ordinal 
1 3G98 MET A 1 ? UNP O67323 ? ? 'initiating methionine' 757 1 
2 3G98 MET B 1 ? UNP O67323 ? ? 'initiating methionine' 757 2 
# 
loop_
_pdbx_struct_assembly.id 
_pdbx_struct_assembly.details 
_pdbx_struct_assembly.method_details 
_pdbx_struct_assembly.oligomeric_details 
_pdbx_struct_assembly.oligomeric_count 
1 author_and_software_defined_assembly PISA monomeric 1 
2 author_and_software_defined_assembly PISA monomeric 1 
# 
loop_
_pdbx_struct_assembly_gen.assembly_id 
_pdbx_struct_assembly_gen.oper_expression 
_pdbx_struct_assembly_gen.asym_id_list 
1 1 A,C 
2 1 B,D 
# 
_pdbx_struct_oper_list.id                   1 
_pdbx_struct_oper_list.type                 'identity operation' 
_pdbx_struct_oper_list.name                 1_555 
_pdbx_struct_oper_list.symmetry_operation   x,y,z 
_pdbx_struct_oper_list.matrix[1][1]         1.0000000000 
_pdbx_struct_oper_list.matrix[1][2]         0.0000000000 
_pdbx_struct_oper_list.matrix[1][3]         0.0000000000 
_pdbx_struct_oper_list.vector[1]            0.0000000000 
_pdbx_struct_oper_list.matrix[2][1]         0.0000000000 
_pdbx_struct_oper_list.matrix[2][2]         1.0000000000 
_pdbx_struct_oper_list.matrix[2][3]         0.0000000000 
_pdbx_struct_oper_list.vector[2]            0.0000000000 
_pdbx_struct_oper_list.matrix[3][1]         0.0000000000 
_pdbx_struct_oper_list.matrix[3][2]         0.0000000000 
_pdbx_struct_oper_list.matrix[3][3]         1.0000000000 
_pdbx_struct_oper_list.vector[3]            0.0000000000 
# 
_struct_biol.id        1 
_struct_biol.details   ? 
# 
loop_
_struct_conf.conf_type_id 
_struct_conf.id 
_struct_conf.pdbx_PDB_helix_id 
_struct_conf.beg_label_comp_id 
_struct_conf.beg_label_asym_id 
_struct_conf.beg_label_seq_id 
_struct_conf.pdbx_beg_PDB_ins_code 
_struct_conf.end_label_comp_id 
_struct_conf.end_label_asym_id 
_struct_conf.end_label_seq_id 
_struct_conf.pdbx_end_PDB_ins_code 
_struct_conf.beg_auth_comp_id 
_struct_conf.beg_auth_asym_id 
_struct_conf.beg_auth_seq_id 
_struct_conf.end_auth_comp_id 
_struct_conf.end_auth_asym_id 
_struct_conf.end_auth_seq_id 
_struct_conf.pdbx_PDB_helix_class 
_struct_conf.details 
_struct_conf.pdbx_PDB_helix_length 
HELX_P HELX_P1 1 GLU A 20 ? ARG A 32  ? GLU A 776 ARG A 788 1 ? 13 
HELX_P HELX_P2 2 LYS A 58 ? SER A 61  ? LYS A 814 SER A 817 5 ? 4  
HELX_P HELX_P3 3 ASN A 65 ? LEU A 77  ? ASN A 821 LEU A 833 1 ? 13 
HELX_P HELX_P4 4 ALA A 94 ? ASP A 96  ? ALA A 850 ASP A 852 5 ? 3  
HELX_P HELX_P5 5 LYS A 97 ? GLY A 111 ? LYS A 853 GLY A 867 1 ? 15 
HELX_P HELX_P6 6 GLU B 20 ? GLN B 33  ? GLU B 776 GLN B 789 1 ? 14 
HELX_P HELX_P7 7 LYS B 58 ? SER B 61  ? LYS B 814 SER B 817 5 ? 4  
HELX_P HELX_P8 8 ASN B 65 ? LEU B 77  ? ASN B 821 LEU B 833 1 ? 13 
HELX_P HELX_P9 9 LYS B 97 ? GLY B 111 ? LYS B 853 GLY B 867 1 ? 15 
# 
_struct_conf_type.id          HELX_P 
_struct_conf_type.criteria    ? 
_struct_conf_type.reference   ? 
# 
loop_
_struct_sheet.id 
_struct_sheet.type 
_struct_sheet.number_strands 
_struct_sheet.details 
A ? 6 ? 
B ? 6 ? 
# 
loop_
_struct_sheet_order.sheet_id 
_struct_sheet_order.range_id_1 
_struct_sheet_order.range_id_2 
_struct_sheet_order.offset 
_struct_sheet_order.sense 
A 1 2 ? anti-parallel 
A 2 3 ? parallel      
A 3 4 ? anti-parallel 
A 4 5 ? anti-parallel 
A 5 6 ? anti-parallel 
B 1 2 ? anti-parallel 
B 2 3 ? parallel      
B 3 4 ? anti-parallel 
B 4 5 ? anti-parallel 
B 5 6 ? anti-parallel 
# 
loop_
_struct_sheet_range.sheet_id 
_struct_sheet_range.id 
_struct_sheet_range.beg_label_comp_id 
_struct_sheet_range.beg_label_asym_id 
_struct_sheet_range.beg_label_seq_id 
_struct_sheet_range.pdbx_beg_PDB_ins_code 
_struct_sheet_range.end_label_comp_id 
_struct_sheet_range.end_label_asym_id 
_struct_sheet_range.end_label_seq_id 
_struct_sheet_range.pdbx_end_PDB_ins_code 
_struct_sheet_range.beg_auth_comp_id 
_struct_sheet_range.beg_auth_asym_id 
_struct_sheet_range.beg_auth_seq_id 
_struct_sheet_range.end_auth_comp_id 
_struct_sheet_range.end_auth_asym_id 
_struct_sheet_range.end_auth_seq_id 
A 1 LYS A 2  ? VAL A 6  ? LYS A 758 VAL A 762 
A 2 PHE A 9  ? GLU A 17 ? PHE A 765 GLU A 773 
A 3 ASP A 38 ? LYS A 46 ? ASP A 794 LYS A 802 
A 4 LYS A 49 ? VAL A 56 ? LYS A 805 VAL A 812 
A 5 LEU A 87 ? GLY A 92 ? LEU A 843 GLY A 848 
A 6 GLY A 82 ? GLY A 83 ? GLY A 838 GLY A 839 
B 1 LYS B 2  ? VAL B 6  ? LYS B 758 VAL B 762 
B 2 PHE B 9  ? GLU B 17 ? PHE B 765 GLU B 773 
B 3 ASP B 38 ? LYS B 46 ? ASP B 794 LYS B 802 
B 4 LYS B 49 ? VAL B 56 ? LYS B 805 VAL B 812 
B 5 LEU B 87 ? GLY B 92 ? LEU B 843 GLY B 848 
B 6 GLY B 79 ? GLY B 83 ? GLY B 835 GLY B 839 
# 
loop_
_pdbx_struct_sheet_hbond.sheet_id 
_pdbx_struct_sheet_hbond.range_id_1 
_pdbx_struct_sheet_hbond.range_id_2 
_pdbx_struct_sheet_hbond.range_1_label_atom_id 
_pdbx_struct_sheet_hbond.range_1_label_comp_id 
_pdbx_struct_sheet_hbond.range_1_label_asym_id 
_pdbx_struct_sheet_hbond.range_1_label_seq_id 
_pdbx_struct_sheet_hbond.range_1_PDB_ins_code 
_pdbx_struct_sheet_hbond.range_1_auth_atom_id 
_pdbx_struct_sheet_hbond.range_1_auth_comp_id 
_pdbx_struct_sheet_hbond.range_1_auth_asym_id 
_pdbx_struct_sheet_hbond.range_1_auth_seq_id 
_pdbx_struct_sheet_hbond.range_2_label_atom_id 
_pdbx_struct_sheet_hbond.range_2_label_comp_id 
_pdbx_struct_sheet_hbond.range_2_label_asym_id 
_pdbx_struct_sheet_hbond.range_2_label_seq_id 
_pdbx_struct_sheet_hbond.range_2_PDB_ins_code 
_pdbx_struct_sheet_hbond.range_2_auth_atom_id 
_pdbx_struct_sheet_hbond.range_2_auth_comp_id 
_pdbx_struct_sheet_hbond.range_2_auth_asym_id 
_pdbx_struct_sheet_hbond.range_2_auth_seq_id 
A 1 2 N GLU A 4  ? N GLU A 760 O LEU A 11 ? O LEU A 767 
A 2 3 N PHE A 16 ? N PHE A 772 O ARG A 45 ? O ARG A 801 
A 3 4 N VAL A 40 ? N VAL A 796 O GLY A 55 ? O GLY A 811 
A 4 5 N ILE A 54 ? N ILE A 810 O ALA A 88 ? O ALA A 844 
A 5 6 O GLN A 89 ? O GLN A 845 N GLY A 82 ? N GLY A 838 
B 1 2 N GLU B 4  ? N GLU B 760 O LEU B 11 ? O LEU B 767 
B 2 3 N PHE B 16 ? N PHE B 772 O ALA B 43 ? O ALA B 799 
B 3 4 N VAL B 40 ? N VAL B 796 O GLY B 55 ? O GLY B 811 
B 4 5 N ILE B 54 ? N ILE B 810 O ALA B 88 ? O ALA B 844 
B 5 6 O GLN B 89 ? O GLN B 845 N GLY B 82 ? N GLY B 838 
# 
loop_
_pdbx_validate_close_contact.id 
_pdbx_validate_close_contact.PDB_model_num 
_pdbx_validate_close_contact.auth_atom_id_1 
_pdbx_validate_close_contact.auth_asym_id_1 
_pdbx_validate_close_contact.auth_comp_id_1 
_pdbx_validate_close_contact.auth_seq_id_1 
_pdbx_validate_close_contact.PDB_ins_code_1 
_pdbx_validate_close_contact.label_alt_id_1 
_pdbx_validate_close_contact.auth_atom_id_2 
_pdbx_validate_close_contact.auth_asym_id_2 
_pdbx_validate_close_contact.auth_comp_id_2 
_pdbx_validate_close_contact.auth_seq_id_2 
_pdbx_validate_close_contact.PDB_ins_code_2 
_pdbx_validate_close_contact.label_alt_id_2 
_pdbx_validate_close_contact.dist 
1 1 NH2 B ARG 781 ? ? O B HOH 118 ? ? 2.06 
2 1 O   A HOH 5   ? ? O A HOH 139 ? ? 2.18 
# 
_pdbx_validate_symm_contact.id                1 
_pdbx_validate_symm_contact.PDB_model_num     1 
_pdbx_validate_symm_contact.auth_atom_id_1    O 
_pdbx_validate_symm_contact.auth_asym_id_1    A 
_pdbx_validate_symm_contact.auth_comp_id_1    HOH 
_pdbx_validate_symm_contact.auth_seq_id_1     10 
_pdbx_validate_symm_contact.PDB_ins_code_1    ? 
_pdbx_validate_symm_contact.label_alt_id_1    ? 
_pdbx_validate_symm_contact.site_symmetry_1   1_555 
_pdbx_validate_symm_contact.auth_atom_id_2    O 
_pdbx_validate_symm_contact.auth_asym_id_2    B 
_pdbx_validate_symm_contact.auth_comp_id_2    HOH 
_pdbx_validate_symm_contact.auth_seq_id_2     15 
_pdbx_validate_symm_contact.PDB_ins_code_2    ? 
_pdbx_validate_symm_contact.label_alt_id_2    ? 
_pdbx_validate_symm_contact.site_symmetry_2   1_545 
_pdbx_validate_symm_contact.dist              2.14 
# 
loop_
_pdbx_validate_torsion.id 
_pdbx_validate_torsion.PDB_model_num 
_pdbx_validate_torsion.auth_comp_id 
_pdbx_validate_torsion.auth_asym_id 
_pdbx_validate_torsion.auth_seq_id 
_pdbx_validate_torsion.PDB_ins_code 
_pdbx_validate_torsion.label_alt_id 
_pdbx_validate_torsion.phi 
_pdbx_validate_torsion.psi 
1 1 THR A 791 ? ? -116.83 -156.82 
2 1 THR B 791 ? ? -128.65 -160.78 
3 1 LEU B 843 ? ? -162.40 117.69  
# 
loop_
_chem_comp_atom.comp_id 
_chem_comp_atom.atom_id 
_chem_comp_atom.type_symbol 
_chem_comp_atom.pdbx_aromatic_flag 
_chem_comp_atom.pdbx_stereo_config 
_chem_comp_atom.pdbx_ordinal 
ALA N    N N N 1   
ALA CA   C N S 2   
ALA C    C N N 3   
ALA O    O N N 4   
ALA CB   C N N 5   
ALA OXT  O N N 6   
ALA H    H N N 7   
ALA H2   H N N 8   
ALA HA   H N N 9   
ALA HB1  H N N 10  
ALA HB2  H N N 11  
ALA HB3  H N N 12  
ALA HXT  H N N 13  
ARG N    N N N 14  
ARG CA   C N S 15  
ARG C    C N N 16  
ARG O    O N N 17  
ARG CB   C N N 18  
ARG CG   C N N 19  
ARG CD   C N N 20  
ARG NE   N N N 21  
ARG CZ   C N N 22  
ARG NH1  N N N 23  
ARG NH2  N N N 24  
ARG OXT  O N N 25  
ARG H    H N N 26  
ARG H2   H N N 27  
ARG HA   H N N 28  
ARG HB2  H N N 29  
ARG HB3  H N N 30  
ARG HG2  H N N 31  
ARG HG3  H N N 32  
ARG HD2  H N N 33  
ARG HD3  H N N 34  
ARG HE   H N N 35  
ARG HH11 H N N 36  
ARG HH12 H N N 37  
ARG HH21 H N N 38  
ARG HH22 H N N 39  
ARG HXT  H N N 40  
ASN N    N N N 41  
ASN CA   C N S 42  
ASN C    C N N 43  
ASN O    O N N 44  
ASN CB   C N N 45  
ASN CG   C N N 46  
ASN OD1  O N N 47  
ASN ND2  N N N 48  
ASN OXT  O N N 49  
ASN H    H N N 50  
ASN H2   H N N 51  
ASN HA   H N N 52  
ASN HB2  H N N 53  
ASN HB3  H N N 54  
ASN HD21 H N N 55  
ASN HD22 H N N 56  
ASN HXT  H N N 57  
ASP N    N N N 58  
ASP CA   C N S 59  
ASP C    C N N 60  
ASP O    O N N 61  
ASP CB   C N N 62  
ASP CG   C N N 63  
ASP OD1  O N N 64  
ASP OD2  O N N 65  
ASP OXT  O N N 66  
ASP H    H N N 67  
ASP H2   H N N 68  
ASP HA   H N N 69  
ASP HB2  H N N 70  
ASP HB3  H N N 71  
ASP HD2  H N N 72  
ASP HXT  H N N 73  
GLN N    N N N 74  
GLN CA   C N S 75  
GLN C    C N N 76  
GLN O    O N N 77  
GLN CB   C N N 78  
GLN CG   C N N 79  
GLN CD   C N N 80  
GLN OE1  O N N 81  
GLN NE2  N N N 82  
GLN OXT  O N N 83  
GLN H    H N N 84  
GLN H2   H N N 85  
GLN HA   H N N 86  
GLN HB2  H N N 87  
GLN HB3  H N N 88  
GLN HG2  H N N 89  
GLN HG3  H N N 90  
GLN HE21 H N N 91  
GLN HE22 H N N 92  
GLN HXT  H N N 93  
GLU N    N N N 94  
GLU CA   C N S 95  
GLU C    C N N 96  
GLU O    O N N 97  
GLU CB   C N N 98  
GLU CG   C N N 99  
GLU CD   C N N 100 
GLU OE1  O N N 101 
GLU OE2  O N N 102 
GLU OXT  O N N 103 
GLU H    H N N 104 
GLU H2   H N N 105 
GLU HA   H N N 106 
GLU HB2  H N N 107 
GLU HB3  H N N 108 
GLU HG2  H N N 109 
GLU HG3  H N N 110 
GLU HE2  H N N 111 
GLU HXT  H N N 112 
GLY N    N N N 113 
GLY CA   C N N 114 
GLY C    C N N 115 
GLY O    O N N 116 
GLY OXT  O N N 117 
GLY H    H N N 118 
GLY H2   H N N 119 
GLY HA2  H N N 120 
GLY HA3  H N N 121 
GLY HXT  H N N 122 
HIS N    N N N 123 
HIS CA   C N S 124 
HIS C    C N N 125 
HIS O    O N N 126 
HIS CB   C N N 127 
HIS CG   C Y N 128 
HIS ND1  N Y N 129 
HIS CD2  C Y N 130 
HIS CE1  C Y N 131 
HIS NE2  N Y N 132 
HIS OXT  O N N 133 
HIS H    H N N 134 
HIS H2   H N N 135 
HIS HA   H N N 136 
HIS HB2  H N N 137 
HIS HB3  H N N 138 
HIS HD1  H N N 139 
HIS HD2  H N N 140 
HIS HE1  H N N 141 
HIS HE2  H N N 142 
HIS HXT  H N N 143 
HOH O    O N N 144 
HOH H1   H N N 145 
HOH H2   H N N 146 
ILE N    N N N 147 
ILE CA   C N S 148 
ILE C    C N N 149 
ILE O    O N N 150 
ILE CB   C N S 151 
ILE CG1  C N N 152 
ILE CG2  C N N 153 
ILE CD1  C N N 154 
ILE OXT  O N N 155 
ILE H    H N N 156 
ILE H2   H N N 157 
ILE HA   H N N 158 
ILE HB   H N N 159 
ILE HG12 H N N 160 
ILE HG13 H N N 161 
ILE HG21 H N N 162 
ILE HG22 H N N 163 
ILE HG23 H N N 164 
ILE HD11 H N N 165 
ILE HD12 H N N 166 
ILE HD13 H N N 167 
ILE HXT  H N N 168 
LEU N    N N N 169 
LEU CA   C N S 170 
LEU C    C N N 171 
LEU O    O N N 172 
LEU CB   C N N 173 
LEU CG   C N N 174 
LEU CD1  C N N 175 
LEU CD2  C N N 176 
LEU OXT  O N N 177 
LEU H    H N N 178 
LEU H2   H N N 179 
LEU HA   H N N 180 
LEU HB2  H N N 181 
LEU HB3  H N N 182 
LEU HG   H N N 183 
LEU HD11 H N N 184 
LEU HD12 H N N 185 
LEU HD13 H N N 186 
LEU HD21 H N N 187 
LEU HD22 H N N 188 
LEU HD23 H N N 189 
LEU HXT  H N N 190 
LYS N    N N N 191 
LYS CA   C N S 192 
LYS C    C N N 193 
LYS O    O N N 194 
LYS CB   C N N 195 
LYS CG   C N N 196 
LYS CD   C N N 197 
LYS CE   C N N 198 
LYS NZ   N N N 199 
LYS OXT  O N N 200 
LYS H    H N N 201 
LYS H2   H N N 202 
LYS HA   H N N 203 
LYS HB2  H N N 204 
LYS HB3  H N N 205 
LYS HG2  H N N 206 
LYS HG3  H N N 207 
LYS HD2  H N N 208 
LYS HD3  H N N 209 
LYS HE2  H N N 210 
LYS HE3  H N N 211 
LYS HZ1  H N N 212 
LYS HZ2  H N N 213 
LYS HZ3  H N N 214 
LYS HXT  H N N 215 
MET N    N N N 216 
MET CA   C N S 217 
MET C    C N N 218 
MET O    O N N 219 
MET CB   C N N 220 
MET CG   C N N 221 
MET SD   S N N 222 
MET CE   C N N 223 
MET OXT  O N N 224 
MET H    H N N 225 
MET H2   H N N 226 
MET HA   H N N 227 
MET HB2  H N N 228 
MET HB3  H N N 229 
MET HG2  H N N 230 
MET HG3  H N N 231 
MET HE1  H N N 232 
MET HE2  H N N 233 
MET HE3  H N N 234 
MET HXT  H N N 235 
PHE N    N N N 236 
PHE CA   C N S 237 
PHE C    C N N 238 
PHE O    O N N 239 
PHE CB   C N N 240 
PHE CG   C Y N 241 
PHE CD1  C Y N 242 
PHE CD2  C Y N 243 
PHE CE1  C Y N 244 
PHE CE2  C Y N 245 
PHE CZ   C Y N 246 
PHE OXT  O N N 247 
PHE H    H N N 248 
PHE H2   H N N 249 
PHE HA   H N N 250 
PHE HB2  H N N 251 
PHE HB3  H N N 252 
PHE HD1  H N N 253 
PHE HD2  H N N 254 
PHE HE1  H N N 255 
PHE HE2  H N N 256 
PHE HZ   H N N 257 
PHE HXT  H N N 258 
PRO N    N N N 259 
PRO CA   C N S 260 
PRO C    C N N 261 
PRO O    O N N 262 
PRO CB   C N N 263 
PRO CG   C N N 264 
PRO CD   C N N 265 
PRO OXT  O N N 266 
PRO H    H N N 267 
PRO HA   H N N 268 
PRO HB2  H N N 269 
PRO HB3  H N N 270 
PRO HG2  H N N 271 
PRO HG3  H N N 272 
PRO HD2  H N N 273 
PRO HD3  H N N 274 
PRO HXT  H N N 275 
SER N    N N N 276 
SER CA   C N S 277 
SER C    C N N 278 
SER O    O N N 279 
SER CB   C N N 280 
SER OG   O N N 281 
SER OXT  O N N 282 
SER H    H N N 283 
SER H2   H N N 284 
SER HA   H N N 285 
SER HB2  H N N 286 
SER HB3  H N N 287 
SER HG   H N N 288 
SER HXT  H N N 289 
THR N    N N N 290 
THR CA   C N S 291 
THR C    C N N 292 
THR O    O N N 293 
THR CB   C N R 294 
THR OG1  O N N 295 
THR CG2  C N N 296 
THR OXT  O N N 297 
THR H    H N N 298 
THR H2   H N N 299 
THR HA   H N N 300 
THR HB   H N N 301 
THR HG1  H N N 302 
THR HG21 H N N 303 
THR HG22 H N N 304 
THR HG23 H N N 305 
THR HXT  H N N 306 
TYR N    N N N 307 
TYR CA   C N S 308 
TYR C    C N N 309 
TYR O    O N N 310 
TYR CB   C N N 311 
TYR CG   C Y N 312 
TYR CD1  C Y N 313 
TYR CD2  C Y N 314 
TYR CE1  C Y N 315 
TYR CE2  C Y N 316 
TYR CZ   C Y N 317 
TYR OH   O N N 318 
TYR OXT  O N N 319 
TYR H    H N N 320 
TYR H2   H N N 321 
TYR HA   H N N 322 
TYR HB2  H N N 323 
TYR HB3  H N N 324 
TYR HD1  H N N 325 
TYR HD2  H N N 326 
TYR HE1  H N N 327 
TYR HE2  H N N 328 
TYR HH   H N N 329 
TYR HXT  H N N 330 
VAL N    N N N 331 
VAL CA   C N S 332 
VAL C    C N N 333 
VAL O    O N N 334 
VAL CB   C N N 335 
VAL CG1  C N N 336 
VAL CG2  C N N 337 
VAL OXT  O N N 338 
VAL H    H N N 339 
VAL H2   H N N 340 
VAL HA   H N N 341 
VAL HB   H N N 342 
VAL HG11 H N N 343 
VAL HG12 H N N 344 
VAL HG13 H N N 345 
VAL HG21 H N N 346 
VAL HG22 H N N 347 
VAL HG23 H N N 348 
VAL HXT  H N N 349 
# 
loop_
_chem_comp_bond.comp_id 
_chem_comp_bond.atom_id_1 
_chem_comp_bond.atom_id_2 
_chem_comp_bond.value_order 
_chem_comp_bond.pdbx_aromatic_flag 
_chem_comp_bond.pdbx_stereo_config 
_chem_comp_bond.pdbx_ordinal 
ALA N   CA   sing N N 1   
ALA N   H    sing N N 2   
ALA N   H2   sing N N 3   
ALA CA  C    sing N N 4   
ALA CA  CB   sing N N 5   
ALA CA  HA   sing N N 6   
ALA C   O    doub N N 7   
ALA C   OXT  sing N N 8   
ALA CB  HB1  sing N N 9   
ALA CB  HB2  sing N N 10  
ALA CB  HB3  sing N N 11  
ALA OXT HXT  sing N N 12  
ARG N   CA   sing N N 13  
ARG N   H    sing N N 14  
ARG N   H2   sing N N 15  
ARG CA  C    sing N N 16  
ARG CA  CB   sing N N 17  
ARG CA  HA   sing N N 18  
ARG C   O    doub N N 19  
ARG C   OXT  sing N N 20  
ARG CB  CG   sing N N 21  
ARG CB  HB2  sing N N 22  
ARG CB  HB3  sing N N 23  
ARG CG  CD   sing N N 24  
ARG CG  HG2  sing N N 25  
ARG CG  HG3  sing N N 26  
ARG CD  NE   sing N N 27  
ARG CD  HD2  sing N N 28  
ARG CD  HD3  sing N N 29  
ARG NE  CZ   sing N N 30  
ARG NE  HE   sing N N 31  
ARG CZ  NH1  sing N N 32  
ARG CZ  NH2  doub N N 33  
ARG NH1 HH11 sing N N 34  
ARG NH1 HH12 sing N N 35  
ARG NH2 HH21 sing N N 36  
ARG NH2 HH22 sing N N 37  
ARG OXT HXT  sing N N 38  
ASN N   CA   sing N N 39  
ASN N   H    sing N N 40  
ASN N   H2   sing N N 41  
ASN CA  C    sing N N 42  
ASN CA  CB   sing N N 43  
ASN CA  HA   sing N N 44  
ASN C   O    doub N N 45  
ASN C   OXT  sing N N 46  
ASN CB  CG   sing N N 47  
ASN CB  HB2  sing N N 48  
ASN CB  HB3  sing N N 49  
ASN CG  OD1  doub N N 50  
ASN CG  ND2  sing N N 51  
ASN ND2 HD21 sing N N 52  
ASN ND2 HD22 sing N N 53  
ASN OXT HXT  sing N N 54  
ASP N   CA   sing N N 55  
ASP N   H    sing N N 56  
ASP N   H2   sing N N 57  
ASP CA  C    sing N N 58  
ASP CA  CB   sing N N 59  
ASP CA  HA   sing N N 60  
ASP C   O    doub N N 61  
ASP C   OXT  sing N N 62  
ASP CB  CG   sing N N 63  
ASP CB  HB2  sing N N 64  
ASP CB  HB3  sing N N 65  
ASP CG  OD1  doub N N 66  
ASP CG  OD2  sing N N 67  
ASP OD2 HD2  sing N N 68  
ASP OXT HXT  sing N N 69  
GLN N   CA   sing N N 70  
GLN N   H    sing N N 71  
GLN N   H2   sing N N 72  
GLN CA  C    sing N N 73  
GLN CA  CB   sing N N 74  
GLN CA  HA   sing N N 75  
GLN C   O    doub N N 76  
GLN C   OXT  sing N N 77  
GLN CB  CG   sing N N 78  
GLN CB  HB2  sing N N 79  
GLN CB  HB3  sing N N 80  
GLN CG  CD   sing N N 81  
GLN CG  HG2  sing N N 82  
GLN CG  HG3  sing N N 83  
GLN CD  OE1  doub N N 84  
GLN CD  NE2  sing N N 85  
GLN NE2 HE21 sing N N 86  
GLN NE2 HE22 sing N N 87  
GLN OXT HXT  sing N N 88  
GLU N   CA   sing N N 89  
GLU N   H    sing N N 90  
GLU N   H2   sing N N 91  
GLU CA  C    sing N N 92  
GLU CA  CB   sing N N 93  
GLU CA  HA   sing N N 94  
GLU C   O    doub N N 95  
GLU C   OXT  sing N N 96  
GLU CB  CG   sing N N 97  
GLU CB  HB2  sing N N 98  
GLU CB  HB3  sing N N 99  
GLU CG  CD   sing N N 100 
GLU CG  HG2  sing N N 101 
GLU CG  HG3  sing N N 102 
GLU CD  OE1  doub N N 103 
GLU CD  OE2  sing N N 104 
GLU OE2 HE2  sing N N 105 
GLU OXT HXT  sing N N 106 
GLY N   CA   sing N N 107 
GLY N   H    sing N N 108 
GLY N   H2   sing N N 109 
GLY CA  C    sing N N 110 
GLY CA  HA2  sing N N 111 
GLY CA  HA3  sing N N 112 
GLY C   O    doub N N 113 
GLY C   OXT  sing N N 114 
GLY OXT HXT  sing N N 115 
HIS N   CA   sing N N 116 
HIS N   H    sing N N 117 
HIS N   H2   sing N N 118 
HIS CA  C    sing N N 119 
HIS CA  CB   sing N N 120 
HIS CA  HA   sing N N 121 
HIS C   O    doub N N 122 
HIS C   OXT  sing N N 123 
HIS CB  CG   sing N N 124 
HIS CB  HB2  sing N N 125 
HIS CB  HB3  sing N N 126 
HIS CG  ND1  sing Y N 127 
HIS CG  CD2  doub Y N 128 
HIS ND1 CE1  doub Y N 129 
HIS ND1 HD1  sing N N 130 
HIS CD2 NE2  sing Y N 131 
HIS CD2 HD2  sing N N 132 
HIS CE1 NE2  sing Y N 133 
HIS CE1 HE1  sing N N 134 
HIS NE2 HE2  sing N N 135 
HIS OXT HXT  sing N N 136 
HOH O   H1   sing N N 137 
HOH O   H2   sing N N 138 
ILE N   CA   sing N N 139 
ILE N   H    sing N N 140 
ILE N   H2   sing N N 141 
ILE CA  C    sing N N 142 
ILE CA  CB   sing N N 143 
ILE CA  HA   sing N N 144 
ILE C   O    doub N N 145 
ILE C   OXT  sing N N 146 
ILE CB  CG1  sing N N 147 
ILE CB  CG2  sing N N 148 
ILE CB  HB   sing N N 149 
ILE CG1 CD1  sing N N 150 
ILE CG1 HG12 sing N N 151 
ILE CG1 HG13 sing N N 152 
ILE CG2 HG21 sing N N 153 
ILE CG2 HG22 sing N N 154 
ILE CG2 HG23 sing N N 155 
ILE CD1 HD11 sing N N 156 
ILE CD1 HD12 sing N N 157 
ILE CD1 HD13 sing N N 158 
ILE OXT HXT  sing N N 159 
LEU N   CA   sing N N 160 
LEU N   H    sing N N 161 
LEU N   H2   sing N N 162 
LEU CA  C    sing N N 163 
LEU CA  CB   sing N N 164 
LEU CA  HA   sing N N 165 
LEU C   O    doub N N 166 
LEU C   OXT  sing N N 167 
LEU CB  CG   sing N N 168 
LEU CB  HB2  sing N N 169 
LEU CB  HB3  sing N N 170 
LEU CG  CD1  sing N N 171 
LEU CG  CD2  sing N N 172 
LEU CG  HG   sing N N 173 
LEU CD1 HD11 sing N N 174 
LEU CD1 HD12 sing N N 175 
LEU CD1 HD13 sing N N 176 
LEU CD2 HD21 sing N N 177 
LEU CD2 HD22 sing N N 178 
LEU CD2 HD23 sing N N 179 
LEU OXT HXT  sing N N 180 
LYS N   CA   sing N N 181 
LYS N   H    sing N N 182 
LYS N   H2   sing N N 183 
LYS CA  C    sing N N 184 
LYS CA  CB   sing N N 185 
LYS CA  HA   sing N N 186 
LYS C   O    doub N N 187 
LYS C   OXT  sing N N 188 
LYS CB  CG   sing N N 189 
LYS CB  HB2  sing N N 190 
LYS CB  HB3  sing N N 191 
LYS CG  CD   sing N N 192 
LYS CG  HG2  sing N N 193 
LYS CG  HG3  sing N N 194 
LYS CD  CE   sing N N 195 
LYS CD  HD2  sing N N 196 
LYS CD  HD3  sing N N 197 
LYS CE  NZ   sing N N 198 
LYS CE  HE2  sing N N 199 
LYS CE  HE3  sing N N 200 
LYS NZ  HZ1  sing N N 201 
LYS NZ  HZ2  sing N N 202 
LYS NZ  HZ3  sing N N 203 
LYS OXT HXT  sing N N 204 
MET N   CA   sing N N 205 
MET N   H    sing N N 206 
MET N   H2   sing N N 207 
MET CA  C    sing N N 208 
MET CA  CB   sing N N 209 
MET CA  HA   sing N N 210 
MET C   O    doub N N 211 
MET C   OXT  sing N N 212 
MET CB  CG   sing N N 213 
MET CB  HB2  sing N N 214 
MET CB  HB3  sing N N 215 
MET CG  SD   sing N N 216 
MET CG  HG2  sing N N 217 
MET CG  HG3  sing N N 218 
MET SD  CE   sing N N 219 
MET CE  HE1  sing N N 220 
MET CE  HE2  sing N N 221 
MET CE  HE3  sing N N 222 
MET OXT HXT  sing N N 223 
PHE N   CA   sing N N 224 
PHE N   H    sing N N 225 
PHE N   H2   sing N N 226 
PHE CA  C    sing N N 227 
PHE CA  CB   sing N N 228 
PHE CA  HA   sing N N 229 
PHE C   O    doub N N 230 
PHE C   OXT  sing N N 231 
PHE CB  CG   sing N N 232 
PHE CB  HB2  sing N N 233 
PHE CB  HB3  sing N N 234 
PHE CG  CD1  doub Y N 235 
PHE CG  CD2  sing Y N 236 
PHE CD1 CE1  sing Y N 237 
PHE CD1 HD1  sing N N 238 
PHE CD2 CE2  doub Y N 239 
PHE CD2 HD2  sing N N 240 
PHE CE1 CZ   doub Y N 241 
PHE CE1 HE1  sing N N 242 
PHE CE2 CZ   sing Y N 243 
PHE CE2 HE2  sing N N 244 
PHE CZ  HZ   sing N N 245 
PHE OXT HXT  sing N N 246 
PRO N   CA   sing N N 247 
PRO N   CD   sing N N 248 
PRO N   H    sing N N 249 
PRO CA  C    sing N N 250 
PRO CA  CB   sing N N 251 
PRO CA  HA   sing N N 252 
PRO C   O    doub N N 253 
PRO C   OXT  sing N N 254 
PRO CB  CG   sing N N 255 
PRO CB  HB2  sing N N 256 
PRO CB  HB3  sing N N 257 
PRO CG  CD   sing N N 258 
PRO CG  HG2  sing N N 259 
PRO CG  HG3  sing N N 260 
PRO CD  HD2  sing N N 261 
PRO CD  HD3  sing N N 262 
PRO OXT HXT  sing N N 263 
SER N   CA   sing N N 264 
SER N   H    sing N N 265 
SER N   H2   sing N N 266 
SER CA  C    sing N N 267 
SER CA  CB   sing N N 268 
SER CA  HA   sing N N 269 
SER C   O    doub N N 270 
SER C   OXT  sing N N 271 
SER CB  OG   sing N N 272 
SER CB  HB2  sing N N 273 
SER CB  HB3  sing N N 274 
SER OG  HG   sing N N 275 
SER OXT HXT  sing N N 276 
THR N   CA   sing N N 277 
THR N   H    sing N N 278 
THR N   H2   sing N N 279 
THR CA  C    sing N N 280 
THR CA  CB   sing N N 281 
THR CA  HA   sing N N 282 
THR C   O    doub N N 283 
THR C   OXT  sing N N 284 
THR CB  OG1  sing N N 285 
THR CB  CG2  sing N N 286 
THR CB  HB   sing N N 287 
THR OG1 HG1  sing N N 288 
THR CG2 HG21 sing N N 289 
THR CG2 HG22 sing N N 290 
THR CG2 HG23 sing N N 291 
THR OXT HXT  sing N N 292 
TYR N   CA   sing N N 293 
TYR N   H    sing N N 294 
TYR N   H2   sing N N 295 
TYR CA  C    sing N N 296 
TYR CA  CB   sing N N 297 
TYR CA  HA   sing N N 298 
TYR C   O    doub N N 299 
TYR C   OXT  sing N N 300 
TYR CB  CG   sing N N 301 
TYR CB  HB2  sing N N 302 
TYR CB  HB3  sing N N 303 
TYR CG  CD1  doub Y N 304 
TYR CG  CD2  sing Y N 305 
TYR CD1 CE1  sing Y N 306 
TYR CD1 HD1  sing N N 307 
TYR CD2 CE2  doub Y N 308 
TYR CD2 HD2  sing N N 309 
TYR CE1 CZ   doub Y N 310 
TYR CE1 HE1  sing N N 311 
TYR CE2 CZ   sing Y N 312 
TYR CE2 HE2  sing N N 313 
TYR CZ  OH   sing N N 314 
TYR OH  HH   sing N N 315 
TYR OXT HXT  sing N N 316 
VAL N   CA   sing N N 317 
VAL N   H    sing N N 318 
VAL N   H2   sing N N 319 
VAL CA  C    sing N N 320 
VAL CA  CB   sing N N 321 
VAL CA  HA   sing N N 322 
VAL C   O    doub N N 323 
VAL C   OXT  sing N N 324 
VAL CB  CG1  sing N N 325 
VAL CB  CG2  sing N N 326 
VAL CB  HB   sing N N 327 
VAL CG1 HG11 sing N N 328 
VAL CG1 HG12 sing N N 329 
VAL CG1 HG13 sing N N 330 
VAL CG2 HG21 sing N N 331 
VAL CG2 HG22 sing N N 332 
VAL CG2 HG23 sing N N 333 
VAL OXT HXT  sing N N 334 
# 
_atom_sites.entry_id                    3G98 
_atom_sites.fract_transf_matrix[1][1]   -0.01136091 
_atom_sites.fract_transf_matrix[1][2]   0.01567763 
_atom_sites.fract_transf_matrix[1][3]   -0.00368063 
_atom_sites.fract_transf_matrix[2][1]   0.01259559 
_atom_sites.fract_transf_matrix[2][2]   0.00637655 
_atom_sites.fract_transf_matrix[2][3]   -0.01171764 
_atom_sites.fract_transf_matrix[3][1]   -0.00668845 
_atom_sites.fract_transf_matrix[3][2]   -0.00749188 
_atom_sites.fract_transf_matrix[3][3]   -0.01126654 
_atom_sites.fract_transf_vector[1]      0.211537 
_atom_sites.fract_transf_vector[2]      0.632130 
_atom_sites.fract_transf_vector[3]      0.347500 
# 
loop_
_atom_type.symbol 
C 
N 
O 
S 
# 
loop_
_atom_site.group_PDB 
_atom_site.id 
_atom_site.type_symbol 
_atom_site.label_atom_id 
_atom_site.label_alt_id 
_atom_site.label_comp_id 
_atom_site.label_asym_id 
_atom_site.label_entity_id 
_atom_site.label_seq_id 
_atom_site.pdbx_PDB_ins_code 
_atom_site.Cartn_x 
_atom_site.Cartn_y 
_atom_site.Cartn_z 
_atom_site.occupancy 
_atom_site.B_iso_or_equiv 
_atom_site.pdbx_formal_charge 
_atom_site.auth_seq_id 
_atom_site.auth_comp_id 
_atom_site.auth_asym_id 
_atom_site.auth_atom_id 
_atom_site.pdbx_PDB_model_num 
ATOM   1    N N   . MET A 1 1   ? 2.172   -10.180 7.771   1.00 47.33 ? 757 MET A N   1 
ATOM   2    C CA  . MET A 1 1   ? 1.250   -9.063  7.404   1.00 48.60 ? 757 MET A CA  1 
ATOM   3    C C   . MET A 1 1   ? 1.944   -7.706  7.263   1.00 45.60 ? 757 MET A C   1 
ATOM   4    O O   . MET A 1 1   ? 3.060   -7.509  7.742   1.00 44.08 ? 757 MET A O   1 
ATOM   5    C CB  . MET A 1 1   ? 0.098   -8.967  8.402   1.00 60.93 ? 757 MET A CB  1 
ATOM   6    C CG  . MET A 1 1   ? 0.515   -8.987  9.851   1.00 57.39 ? 757 MET A CG  1 
ATOM   7    S SD  . MET A 1 1   ? -0.944  -8.951  10.905  1.00 48.07 ? 757 MET A SD  1 
ATOM   8    C CE  . MET A 1 1   ? -1.492  -7.269  10.646  1.00 41.77 ? 757 MET A CE  1 
ATOM   9    N N   . LYS A 1 2   ? 1.251   -6.777  6.608   1.00 28.32 ? 758 LYS A N   1 
ATOM   10   C CA  . LYS A 1 2   ? 1.797   -5.479  6.212   1.00 25.31 ? 758 LYS A CA  1 
ATOM   11   C C   . LYS A 1 2   ? 1.240   -4.305  7.020   1.00 33.83 ? 758 LYS A C   1 
ATOM   12   O O   . LYS A 1 2   ? 0.190   -4.399  7.647   1.00 23.32 ? 758 LYS A O   1 
ATOM   13   C CB  . LYS A 1 2   ? 1.487   -5.218  4.732   1.00 32.65 ? 758 LYS A CB  1 
ATOM   14   C CG  . LYS A 1 2   ? 2.482   -5.813  3.741   1.00 56.72 ? 758 LYS A CG  1 
ATOM   15   C CD  . LYS A 1 2   ? 2.419   -7.330  3.700   1.00 55.26 ? 758 LYS A CD  1 
ATOM   16   C CE  . LYS A 1 2   ? 3.112   -7.880  2.459   1.00 65.64 ? 758 LYS A CE  1 
ATOM   17   N NZ  . LYS A 1 2   ? 4.582   -7.650  2.469   1.00 49.52 ? 758 LYS A NZ  1 
ATOM   18   N N   . GLU A 1 3   ? 1.940   -3.182  6.961   1.00 28.31 ? 759 GLU A N   1 
ATOM   19   C CA  . GLU A 1 3   ? 1.472   -1.956  7.586   1.00 27.23 ? 759 GLU A CA  1 
ATOM   20   C C   . GLU A 1 3   ? 1.559   -0.809  6.590   1.00 36.42 ? 759 GLU A C   1 
ATOM   21   O O   . GLU A 1 3   ? 2.579   -0.625  5.926   1.00 29.30 ? 759 GLU A O   1 
ATOM   22   C CB  . GLU A 1 3   ? 2.303   -1.634  8.831   1.00 32.44 ? 759 GLU A CB  1 
ATOM   23   C CG  . GLU A 1 3   ? 2.039   -0.245  9.389   1.00 41.56 ? 759 GLU A CG  1 
ATOM   24   C CD  . GLU A 1 3   ? 2.831   0.048   10.647  1.00 38.46 ? 759 GLU A CD  1 
ATOM   25   O OE1 . GLU A 1 3   ? 3.360   -0.904  11.257  1.00 32.30 ? 759 GLU A OE1 1 
ATOM   26   O OE2 . GLU A 1 3   ? 2.922   1.236   11.024  1.00 34.50 ? 759 GLU A OE2 1 
ATOM   27   N N   . GLU A 1 4   ? 0.481   -0.042  6.496   1.00 28.03 ? 760 GLU A N   1 
ATOM   28   C CA  . GLU A 1 4   ? 0.403   1.084   5.576   1.00 32.53 ? 760 GLU A CA  1 
ATOM   29   C C   . GLU A 1 4   ? -0.504  2.182   6.115   1.00 36.04 ? 760 GLU A C   1 
ATOM   30   O O   . GLU A 1 4   ? -1.639  1.919   6.509   1.00 25.76 ? 760 GLU A O   1 
ATOM   31   C CB  . GLU A 1 4   ? -0.140  0.611   4.228   1.00 31.52 ? 760 GLU A CB  1 
ATOM   32   C CG  . GLU A 1 4   ? -0.371  1.739   3.234   1.00 40.07 ? 760 GLU A CG  1 
ATOM   33   C CD  . GLU A 1 4   ? -0.849  1.246   1.881   1.00 42.39 ? 760 GLU A CD  1 
ATOM   34   O OE1 . GLU A 1 4   ? -0.760  0.026   1.615   1.00 32.23 ? 760 GLU A OE1 1 
ATOM   35   O OE2 . GLU A 1 4   ? -1.310  2.086   1.083   1.00 35.37 ? 760 GLU A OE2 1 
ATOM   36   N N   . ASN A 1 5   ? -0.019  3.419   6.129   1.00 23.53 ? 761 ASN A N   1 
ATOM   37   C CA  . ASN A 1 5   ? -0.891  4.529   6.484   1.00 19.34 ? 761 ASN A CA  1 
ATOM   38   C C   . ASN A 1 5   ? -1.831  4.866   5.335   1.00 25.35 ? 761 ASN A C   1 
ATOM   39   O O   . ASN A 1 5   ? -1.408  4.954   4.181   1.00 27.54 ? 761 ASN A O   1 
ATOM   40   C CB  . ASN A 1 5   ? -0.079  5.754   6.914   1.00 21.60 ? 761 ASN A CB  1 
ATOM   41   C CG  . ASN A 1 5   ? 0.644   5.527   8.225   1.00 28.26 ? 761 ASN A CG  1 
ATOM   42   O OD1 . ASN A 1 5   ? 0.138   4.834   9.110   1.00 33.21 ? 761 ASN A OD1 1 
ATOM   43   N ND2 . ASN A 1 5   ? 1.840   6.087   8.349   1.00 45.37 ? 761 ASN A ND2 1 
ATOM   44   N N   . VAL A 1 6   ? -3.111  5.023   5.655   1.00 23.85 ? 762 VAL A N   1 
ATOM   45   C CA  . VAL A 1 6   ? -4.125  5.394   4.671   1.00 34.82 ? 762 VAL A CA  1 
ATOM   46   C C   . VAL A 1 6   ? -4.994  6.494   5.257   1.00 35.93 ? 762 VAL A C   1 
ATOM   47   O O   . VAL A 1 6   ? -5.725  6.278   6.230   1.00 32.66 ? 762 VAL A O   1 
ATOM   48   C CB  . VAL A 1 6   ? -5.027  4.206   4.267   1.00 29.46 ? 762 VAL A CB  1 
ATOM   49   C CG1 . VAL A 1 6   ? -6.006  4.633   3.180   1.00 40.23 ? 762 VAL A CG1 1 
ATOM   50   C CG2 . VAL A 1 6   ? -4.195  3.019   3.807   1.00 28.98 ? 762 VAL A CG2 1 
ATOM   51   N N   . GLY A 1 7   ? -4.920  7.675   4.661   1.00 37.81 ? 763 GLY A N   1 
ATOM   52   C CA  . GLY A 1 7   ? -5.594  8.829   5.225   1.00 38.33 ? 763 GLY A CA  1 
ATOM   53   C C   . GLY A 1 7   ? -5.049  9.060   6.618   1.00 26.02 ? 763 GLY A C   1 
ATOM   54   O O   . GLY A 1 7   ? -3.840  9.062   6.823   1.00 28.76 ? 763 GLY A O   1 
ATOM   55   N N   . ASP A 1 8   ? -5.945  9.218   7.585   1.00 23.13 ? 764 ASP A N   1 
ATOM   56   C CA  . ASP A 1 8   ? -5.540  9.491   8.953   1.00 22.79 ? 764 ASP A CA  1 
ATOM   57   C C   . ASP A 1 8   ? -5.452  8.205   9.774   1.00 21.84 ? 764 ASP A C   1 
ATOM   58   O O   . ASP A 1 8   ? -5.467  8.252   11.002  1.00 26.32 ? 764 ASP A O   1 
ATOM   59   C CB  . ASP A 1 8   ? -6.531  10.461  9.604   1.00 33.41 ? 764 ASP A CB  1 
ATOM   60   C CG  . ASP A 1 8   ? -5.930  11.216  10.774  1.00 41.71 ? 764 ASP A CG  1 
ATOM   61   O OD1 . ASP A 1 8   ? -4.829  11.786  10.615  1.00 38.30 ? 764 ASP A OD1 1 
ATOM   62   O OD2 . ASP A 1 8   ? -6.567  11.251  11.848  1.00 46.24 ? 764 ASP A OD2 1 
ATOM   63   N N   . PHE A 1 9   ? -5.363  7.059   9.098   1.00 20.90 ? 765 PHE A N   1 
ATOM   64   C CA  . PHE A 1 9   ? -5.348  5.763   9.785   1.00 35.24 ? 765 PHE A CA  1 
ATOM   65   C C   . PHE A 1 9   ? -4.081  4.962   9.487   1.00 28.24 ? 765 PHE A C   1 
ATOM   66   O O   . PHE A 1 9   ? -3.390  5.230   8.506   1.00 31.10 ? 765 PHE A O   1 
ATOM   67   C CB  . PHE A 1 9   ? -6.584  4.945   9.387   1.00 27.56 ? 765 PHE A CB  1 
ATOM   68   C CG  . PHE A 1 9   ? -7.856  5.746   9.367   1.00 30.22 ? 765 PHE A CG  1 
ATOM   69   C CD1 . PHE A 1 9   ? -8.442  6.115   8.161   1.00 36.31 ? 765 PHE A CD1 1 
ATOM   70   C CD2 . PHE A 1 9   ? -8.455  6.153   10.547  1.00 34.40 ? 765 PHE A CD2 1 
ATOM   71   C CE1 . PHE A 1 9   ? -9.610  6.862   8.138   1.00 39.92 ? 765 PHE A CE1 1 
ATOM   72   C CE2 . PHE A 1 9   ? -9.626  6.901   10.531  1.00 35.64 ? 765 PHE A CE2 1 
ATOM   73   C CZ  . PHE A 1 9   ? -10.203 7.254   9.327   1.00 34.18 ? 765 PHE A CZ  1 
ATOM   74   N N   . THR A 1 10  ? -3.776  3.989   10.347  1.00 25.02 ? 766 THR A N   1 
ATOM   75   C CA  . THR A 1 10  ? -2.722  3.011   10.069  1.00 27.79 ? 766 THR A CA  1 
ATOM   76   C C   . THR A 1 10  ? -3.361  1.639   9.842   1.00 29.76 ? 766 THR A C   1 
ATOM   77   O O   . THR A 1 10  ? -3.974  1.062   10.750  1.00 20.70 ? 766 THR A O   1 
ATOM   78   C CB  . THR A 1 10  ? -1.680  2.914   11.212  1.00 32.62 ? 766 THR A CB  1 
ATOM   79   O OG1 . THR A 1 10  ? -1.018  4.174   11.379  1.00 36.61 ? 766 THR A OG1 1 
ATOM   80   C CG2 . THR A 1 10  ? -0.631  1.848   10.904  1.00 25.31 ? 766 THR A CG2 1 
ATOM   81   N N   . LEU A 1 11  ? -3.227  1.130   8.622   1.00 23.71 ? 767 LEU A N   1 
ATOM   82   C CA  . LEU A 1 11  ? -3.819  -0.154  8.256   1.00 24.65 ? 767 LEU A CA  1 
ATOM   83   C C   . LEU A 1 11  ? -2.832  -1.302  8.423   1.00 23.48 ? 767 LEU A C   1 
ATOM   84   O O   . LEU A 1 11  ? -1.725  -1.259  7.892   1.00 25.91 ? 767 LEU A O   1 
ATOM   85   C CB  . LEU A 1 11  ? -4.346  -0.122  6.818   1.00 23.10 ? 767 LEU A CB  1 
ATOM   86   C CG  . LEU A 1 11  ? -4.936  -1.440  6.300   1.00 19.89 ? 767 LEU A CG  1 
ATOM   87   C CD1 . LEU A 1 11  ? -6.162  -1.842  7.101   1.00 20.60 ? 767 LEU A CD1 1 
ATOM   88   C CD2 . LEU A 1 11  ? -5.281  -1.331  4.812   1.00 22.24 ? 767 LEU A CD2 1 
ATOM   89   N N   . HIS A 1 12  ? -3.239  -2.313  9.189   1.00 19.93 ? 768 HIS A N   1 
ATOM   90   C CA  . HIS A 1 12  ? -2.481  -3.553  9.332   1.00 25.95 ? 768 HIS A CA  1 
ATOM   91   C C   . HIS A 1 12  ? -3.283  -4.674  8.680   1.00 23.06 ? 768 HIS A C   1 
ATOM   92   O O   . HIS A 1 12  ? -4.456  -4.903  9.019   1.00 23.98 ? 768 HIS A O   1 
ATOM   93   C CB  . HIS A 1 12  ? -2.239  -3.885  10.811  1.00 27.54 ? 768 HIS A CB  1 
ATOM   94   C CG  . HIS A 1 12  ? -1.606  -2.771  11.583  1.00 28.29 ? 768 HIS A CG  1 
ATOM   95   N ND1 . HIS A 1 12  ? -0.241  -2.582  11.631  1.00 27.29 ? 768 HIS A ND1 1 
ATOM   96   C CD2 . HIS A 1 12  ? -2.150  -1.778  12.326  1.00 31.66 ? 768 HIS A CD2 1 
ATOM   97   C CE1 . HIS A 1 12  ? 0.029   -1.519  12.371  1.00 33.70 ? 768 HIS A CE1 1 
ATOM   98   N NE2 . HIS A 1 12  ? -1.113  -1.014  12.805  1.00 31.23 ? 768 HIS A NE2 1 
ATOM   99   N N   . TYR A 1 13  ? -2.675  -5.381  7.741   1.00 19.31 ? 769 TYR A N   1 
ATOM   100  C CA  . TYR A 1 13  ? -3.427  -6.395  7.024   1.00 17.00 ? 769 TYR A CA  1 
ATOM   101  C C   . TYR A 1 13  ? -2.602  -7.578  6.588   1.00 25.66 ? 769 TYR A C   1 
ATOM   102  O O   . TYR A 1 13  ? -1.390  -7.477  6.371   1.00 22.45 ? 769 TYR A O   1 
ATOM   103  C CB  . TYR A 1 13  ? -4.169  -5.785  5.826   1.00 22.53 ? 769 TYR A CB  1 
ATOM   104  C CG  . TYR A 1 13  ? -3.250  -5.351  4.704   1.00 21.71 ? 769 TYR A CG  1 
ATOM   105  C CD1 . TYR A 1 13  ? -2.930  -6.223  3.671   1.00 24.48 ? 769 TYR A CD1 1 
ATOM   106  C CD2 . TYR A 1 13  ? -2.691  -4.074  4.687   1.00 20.55 ? 769 TYR A CD2 1 
ATOM   107  C CE1 . TYR A 1 13  ? -2.077  -5.836  2.640   1.00 24.32 ? 769 TYR A CE1 1 
ATOM   108  C CE2 . TYR A 1 13  ? -1.839  -3.675  3.661   1.00 27.42 ? 769 TYR A CE2 1 
ATOM   109  C CZ  . TYR A 1 13  ? -1.539  -4.562  2.643   1.00 31.67 ? 769 TYR A CZ  1 
ATOM   110  O OH  . TYR A 1 13  ? -0.696  -4.179  1.623   1.00 35.64 ? 769 TYR A OH  1 
ATOM   111  N N   . GLY A 1 14  ? -3.276  -8.710  6.443   1.00 22.68 ? 770 GLY A N   1 
ATOM   112  C CA  . GLY A 1 14  ? -2.607  -9.907  5.969   1.00 24.27 ? 770 GLY A CA  1 
ATOM   113  C C   . GLY A 1 14  ? -3.528  -11.097 5.997   1.00 21.52 ? 770 GLY A C   1 
ATOM   114  O O   . GLY A 1 14  ? -4.527  -11.106 6.717   1.00 24.11 ? 770 GLY A O   1 
ATOM   115  N N   . VAL A 1 15  ? -3.205  -12.109 5.206   1.00 20.75 ? 771 VAL A N   1 
ATOM   116  C CA  . VAL A 1 15  ? -3.989  -13.335 5.230   1.00 17.56 ? 771 VAL A CA  1 
ATOM   117  C C   . VAL A 1 15  ? -3.066  -14.478 5.614   1.00 20.67 ? 771 VAL A C   1 
ATOM   118  O O   . VAL A 1 15  ? -1.940  -14.573 5.115   1.00 24.24 ? 771 VAL A O   1 
ATOM   119  C CB  . VAL A 1 15  ? -4.672  -13.609 3.858   1.00 25.37 ? 771 VAL A CB  1 
ATOM   120  C CG1 . VAL A 1 15  ? -3.671  -13.466 2.724   1.00 31.17 ? 771 VAL A CG1 1 
ATOM   121  C CG2 . VAL A 1 15  ? -5.314  -14.979 3.849   1.00 27.98 ? 771 VAL A CG2 1 
ATOM   122  N N   . PHE A 1 16  ? -3.529  -15.310 6.543   1.00 21.61 ? 772 PHE A N   1 
ATOM   123  C CA  . PHE A 1 16  ? -2.732  -16.386 7.098   1.00 28.52 ? 772 PHE A CA  1 
ATOM   124  C C   . PHE A 1 16  ? -3.321  -17.710 6.637   1.00 26.99 ? 772 PHE A C   1 
ATOM   125  O O   . PHE A 1 16  ? -4.478  -17.774 6.251   1.00 28.76 ? 772 PHE A O   1 
ATOM   126  C CB  . PHE A 1 16  ? -2.770  -16.330 8.630   1.00 24.48 ? 772 PHE A CB  1 
ATOM   127  C CG  . PHE A 1 16  ? -2.221  -15.053 9.210   1.00 25.85 ? 772 PHE A CG  1 
ATOM   128  C CD1 . PHE A 1 16  ? -3.047  -13.960 9.434   1.00 29.83 ? 772 PHE A CD1 1 
ATOM   129  C CD2 . PHE A 1 16  ? -0.879  -14.948 9.530   1.00 30.18 ? 772 PHE A CD2 1 
ATOM   130  C CE1 . PHE A 1 16  ? -2.543  -12.785 9.972   1.00 25.67 ? 772 PHE A CE1 1 
ATOM   131  C CE2 . PHE A 1 16  ? -0.360  -13.773 10.066  1.00 38.42 ? 772 PHE A CE2 1 
ATOM   132  C CZ  . PHE A 1 16  ? -1.195  -12.688 10.286  1.00 31.20 ? 772 PHE A CZ  1 
ATOM   133  N N   . GLU A 1 17  ? -2.528  -18.768 6.675   1.00 21.68 ? 773 GLU A N   1 
ATOM   134  C CA  . GLU A 1 17  ? -3.078  -20.088 6.393   1.00 18.23 ? 773 GLU A CA  1 
ATOM   135  C C   . GLU A 1 17  ? -3.411  -20.766 7.703   1.00 20.90 ? 773 GLU A C   1 
ATOM   136  O O   . GLU A 1 17  ? -2.613  -20.731 8.648   1.00 26.04 ? 773 GLU A O   1 
ATOM   137  C CB  . GLU A 1 17  ? -2.069  -20.960 5.629   1.00 22.10 ? 773 GLU A CB  1 
ATOM   138  C CG  . GLU A 1 17  ? -1.587  -20.385 4.305   1.00 31.76 ? 773 GLU A CG  1 
ATOM   139  C CD  . GLU A 1 17  ? -2.569  -20.620 3.168   1.00 36.70 ? 773 GLU A CD  1 
ATOM   140  O OE1 . GLU A 1 17  ? -3.304  -21.625 3.202   1.00 36.33 ? 773 GLU A OE1 1 
ATOM   141  O OE2 . GLU A 1 17  ? -2.601  -19.801 2.231   1.00 41.87 ? 773 GLU A OE2 1 
ATOM   142  N N   . GLU A 1 18  ? -4.587  -21.381 7.752   1.00 20.47 ? 774 GLU A N   1 
ATOM   143  C CA  . GLU A 1 18  ? -4.941  -22.342 8.798   1.00 21.89 ? 774 GLU A CA  1 
ATOM   144  C C   . GLU A 1 18  ? -5.107  -21.784 10.217  1.00 21.41 ? 774 GLU A C   1 
ATOM   145  O O   . GLU A 1 18  ? -5.061  -22.544 11.186  1.00 20.40 ? 774 GLU A O   1 
ATOM   146  C CB  . GLU A 1 18  ? -3.931  -23.506 8.818   1.00 25.16 ? 774 GLU A CB  1 
ATOM   147  C CG  . GLU A 1 18  ? -3.500  -23.994 7.438   1.00 22.29 ? 774 GLU A CG  1 
ATOM   148  C CD  . GLU A 1 18  ? -4.633  -24.621 6.630   1.00 30.92 ? 774 GLU A CD  1 
ATOM   149  O OE1 . GLU A 1 18  ? -5.727  -24.861 7.190   1.00 24.59 ? 774 GLU A OE1 1 
ATOM   150  O OE2 . GLU A 1 18  ? -4.420  -24.884 5.427   1.00 22.78 ? 774 GLU A OE2 1 
ATOM   151  N N   . VAL A 1 19  ? -5.313  -20.477 10.352  1.00 22.21 ? 775 VAL A N   1 
ATOM   152  C CA  . VAL A 1 19  ? -5.551  -19.891 11.671  1.00 20.63 ? 775 VAL A CA  1 
ATOM   153  C C   . VAL A 1 19  ? -7.016  -20.039 12.066  1.00 27.04 ? 775 VAL A C   1 
ATOM   154  O O   . VAL A 1 19  ? -7.903  -19.771 11.260  1.00 23.71 ? 775 VAL A O   1 
ATOM   155  C CB  . VAL A 1 19  ? -5.133  -18.400 11.704  1.00 15.61 ? 775 VAL A CB  1 
ATOM   156  C CG1 . VAL A 1 19  ? -5.643  -17.726 12.962  1.00 21.33 ? 775 VAL A CG1 1 
ATOM   157  C CG2 . VAL A 1 19  ? -3.614  -18.284 11.607  1.00 20.22 ? 775 VAL A CG2 1 
ATOM   158  N N   . GLU A 1 20  ? -7.275  -20.471 13.298  1.00 15.75 ? 776 GLU A N   1 
ATOM   159  C CA  . GLU A 1 20  ? -8.650  -20.626 13.763  1.00 20.94 ? 776 GLU A CA  1 
ATOM   160  C C   . GLU A 1 20  ? -9.340  -19.270 13.897  1.00 27.18 ? 776 GLU A C   1 
ATOM   161  O O   . GLU A 1 20  ? -8.705  -18.281 14.272  1.00 24.19 ? 776 GLU A O   1 
ATOM   162  C CB  . GLU A 1 20  ? -8.704  -21.404 15.085  1.00 26.00 ? 776 GLU A CB  1 
ATOM   163  C CG  . GLU A 1 20  ? -8.141  -22.817 14.987  1.00 32.00 ? 776 GLU A CG  1 
ATOM   164  C CD  . GLU A 1 20  ? -8.837  -23.653 13.924  1.00 40.26 ? 776 GLU A CD  1 
ATOM   165  O OE1 . GLU A 1 20  ? -10.031 -23.408 13.653  1.00 29.12 ? 776 GLU A OE1 1 
ATOM   166  O OE2 . GLU A 1 20  ? -8.187  -24.558 13.361  1.00 41.46 ? 776 GLU A OE2 1 
ATOM   167  N N   . PRO A 1 21  ? -10.641 -19.219 13.575  1.00 25.82 ? 777 PRO A N   1 
ATOM   168  C CA  . PRO A 1 21  ? -11.414 -17.975 13.594  1.00 22.31 ? 777 PRO A CA  1 
ATOM   169  C C   . PRO A 1 21  ? -11.316 -17.256 14.936  1.00 17.39 ? 777 PRO A C   1 
ATOM   170  O O   . PRO A 1 21  ? -11.149 -16.045 14.969  1.00 20.23 ? 777 PRO A O   1 
ATOM   171  C CB  . PRO A 1 21  ? -12.854 -18.452 13.386  1.00 31.15 ? 777 PRO A CB  1 
ATOM   172  C CG  . PRO A 1 21  ? -12.732 -19.757 12.704  1.00 35.99 ? 777 PRO A CG  1 
ATOM   173  C CD  . PRO A 1 21  ? -11.466 -20.377 13.180  1.00 35.51 ? 777 PRO A CD  1 
ATOM   174  N N   . GLU A 1 22  ? -11.427 -17.993 16.036  1.00 23.48 ? 778 GLU A N   1 
ATOM   175  C CA  . GLU A 1 22  ? -11.399 -17.351 17.355  1.00 27.21 ? 778 GLU A CA  1 
ATOM   176  C C   . GLU A 1 22  ? -10.006 -16.786 17.671  1.00 22.06 ? 778 GLU A C   1 
ATOM   177  O O   . GLU A 1 22  ? -9.875  -15.746 18.332  1.00 25.16 ? 778 GLU A O   1 
ATOM   178  C CB  . GLU A 1 22  ? -11.907 -18.295 18.448  1.00 34.59 ? 778 GLU A CB  1 
ATOM   179  C CG  . GLU A 1 22  ? -13.448 -18.403 18.486  1.00 37.73 ? 778 GLU A CG  1 
ATOM   180  C CD  . GLU A 1 22  ? -14.135 -17.061 18.756  1.00 34.34 ? 778 GLU A CD  1 
ATOM   181  O OE1 . GLU A 1 22  ? -13.710 -16.346 19.686  1.00 50.92 ? 778 GLU A OE1 1 
ATOM   182  O OE2 . GLU A 1 22  ? -15.105 -16.721 18.040  1.00 39.90 ? 778 GLU A OE2 1 
ATOM   183  N N   . GLU A 1 23  ? -8.980  -17.464 17.165  1.00 21.82 ? 779 GLU A N   1 
ATOM   184  C CA  . GLU A 1 23  ? -7.595  -17.021 17.305  1.00 24.56 ? 779 GLU A CA  1 
ATOM   185  C C   . GLU A 1 23  ? -7.345  -15.774 16.450  1.00 35.46 ? 779 GLU A C   1 
ATOM   186  O O   . GLU A 1 23  ? -6.689  -14.817 16.876  1.00 19.05 ? 779 GLU A O   1 
ATOM   187  C CB  . GLU A 1 23  ? -6.641  -18.147 16.887  1.00 19.35 ? 779 GLU A CB  1 
ATOM   188  C CG  . GLU A 1 23  ? -6.596  -19.318 17.871  1.00 31.89 ? 779 GLU A CG  1 
ATOM   189  C CD  . GLU A 1 23  ? -5.756  -20.488 17.368  1.00 51.67 ? 779 GLU A CD  1 
ATOM   190  O OE1 . GLU A 1 23  ? -5.330  -20.481 16.188  1.00 41.40 ? 779 GLU A OE1 1 
ATOM   191  O OE2 . GLU A 1 23  ? -5.531  -21.424 18.163  1.00 51.19 ? 779 GLU A OE2 1 
ATOM   192  N N   . LEU A 1 24  ? -7.882  -15.796 15.236  1.00 26.98 ? 780 LEU A N   1 
ATOM   193  C CA  . LEU A 1 24  ? -7.786  -14.659 14.343  1.00 17.81 ? 780 LEU A CA  1 
ATOM   194  C C   . LEU A 1 24  ? -8.415  -13.422 14.977  1.00 20.28 ? 780 LEU A C   1 
ATOM   195  O O   . LEU A 1 24  ? -7.839  -12.332 14.952  1.00 22.32 ? 780 LEU A O   1 
ATOM   196  C CB  . LEU A 1 24  ? -8.484  -14.997 13.028  1.00 22.53 ? 780 LEU A CB  1 
ATOM   197  C CG  . LEU A 1 24  ? -8.279  -14.066 11.848  1.00 29.21 ? 780 LEU A CG  1 
ATOM   198  C CD1 . LEU A 1 24  ? -6.869  -14.209 11.328  1.00 21.63 ? 780 LEU A CD1 1 
ATOM   199  C CD2 . LEU A 1 24  ? -9.309  -14.407 10.766  1.00 26.09 ? 780 LEU A CD2 1 
ATOM   200  N N   . ARG A 1 25  ? -9.600  -13.599 15.554  1.00 23.19 ? 781 ARG A N   1 
ATOM   201  C CA  . ARG A 1 25  ? -10.300 -12.517 16.236  1.00 19.14 ? 781 ARG A CA  1 
ATOM   202  C C   . ARG A 1 25  ? -9.475  -11.965 17.391  1.00 20.83 ? 781 ARG A C   1 
ATOM   203  O O   . ARG A 1 25  ? -9.384  -10.750 17.582  1.00 20.08 ? 781 ARG A O   1 
ATOM   204  C CB  . ARG A 1 25  ? -11.640 -13.024 16.778  1.00 24.44 ? 781 ARG A CB  1 
ATOM   205  C CG  . ARG A 1 25  ? -12.525 -11.945 17.360  1.00 24.51 ? 781 ARG A CG  1 
ATOM   206  C CD  . ARG A 1 25  ? -13.663 -12.543 18.178  1.00 21.92 ? 781 ARG A CD  1 
ATOM   207  N NE  . ARG A 1 25  ? -14.527 -11.487 18.677  1.00 23.29 ? 781 ARG A NE  1 
ATOM   208  C CZ  . ARG A 1 25  ? -15.549 -10.983 17.991  1.00 35.97 ? 781 ARG A CZ  1 
ATOM   209  N NH1 . ARG A 1 25  ? -15.839 -11.455 16.785  1.00 31.77 ? 781 ARG A NH1 1 
ATOM   210  N NH2 . ARG A 1 25  ? -16.280 -10.011 18.516  1.00 29.26 ? 781 ARG A NH2 1 
ATOM   211  N N   . ASN A 1 26  ? -8.893  -12.863 18.180  1.00 22.00 ? 782 ASN A N   1 
ATOM   212  C CA  . ASN A 1 26  ? -8.099  -12.438 19.323  1.00 25.21 ? 782 ASN A CA  1 
ATOM   213  C C   . ASN A 1 26  ? -6.858  -11.652 18.867  1.00 22.99 ? 782 ASN A C   1 
ATOM   214  O O   . ASN A 1 26  ? -6.477  -10.659 19.492  1.00 20.90 ? 782 ASN A O   1 
ATOM   215  C CB  . ASN A 1 26  ? -7.726  -13.637 20.195  1.00 33.69 ? 782 ASN A CB  1 
ATOM   216  C CG  . ASN A 1 26  ? -8.926  -14.220 20.934  1.00 30.25 ? 782 ASN A CG  1 
ATOM   217  O OD1 . ASN A 1 26  ? -8.888  -15.365 21.385  1.00 37.42 ? 782 ASN A OD1 1 
ATOM   218  N ND2 . ASN A 1 26  ? -10.001 -13.433 21.054  1.00 24.84 ? 782 ASN A ND2 1 
ATOM   219  N N   . LEU A 1 27  ? -6.255  -12.083 17.763  1.00 23.15 ? 783 LEU A N   1 
ATOM   220  C CA  . LEU A 1 27  ? -5.104  -11.379 17.199  1.00 23.03 ? 783 LEU A CA  1 
ATOM   221  C C   . LEU A 1 27  ? -5.473  -9.969  16.732  1.00 23.46 ? 783 LEU A C   1 
ATOM   222  O O   . LEU A 1 27  ? -4.750  -9.000  17.007  1.00 23.00 ? 783 LEU A O   1 
ATOM   223  C CB  . LEU A 1 27  ? -4.488  -12.187 16.049  1.00 25.27 ? 783 LEU A CB  1 
ATOM   224  C CG  . LEU A 1 27  ? -3.261  -11.612 15.324  1.00 25.44 ? 783 LEU A CG  1 
ATOM   225  C CD1 . LEU A 1 27  ? -2.114  -11.334 16.295  1.00 27.21 ? 783 LEU A CD1 1 
ATOM   226  C CD2 . LEU A 1 27  ? -2.795  -12.555 14.228  1.00 27.36 ? 783 LEU A CD2 1 
ATOM   227  N N   . ALA A 1 28  ? -6.599  -9.855  16.028  1.00 21.80 ? 784 ALA A N   1 
ATOM   228  C CA  . ALA A 1 28  ? -7.059  -8.561  15.546  1.00 23.33 ? 784 ALA A CA  1 
ATOM   229  C C   . ALA A 1 28  ? -7.346  -7.640  16.719  1.00 23.80 ? 784 ALA A C   1 
ATOM   230  O O   . ALA A 1 28  ? -7.001  -6.461  16.693  1.00 23.65 ? 784 ALA A O   1 
ATOM   231  C CB  . ALA A 1 28  ? -8.293  -8.723  14.687  1.00 17.93 ? 784 ALA A CB  1 
ATOM   232  N N   . ASP A 1 29  ? -7.972  -8.193  17.755  1.00 21.10 ? 785 ASP A N   1 
ATOM   233  C CA  . ASP A 1 29  ? -8.293  -7.433  18.954  1.00 20.24 ? 785 ASP A CA  1 
ATOM   234  C C   . ASP A 1 29  ? -7.021  -6.841  19.565  1.00 23.50 ? 785 ASP A C   1 
ATOM   235  O O   . ASP A 1 29  ? -6.971  -5.652  19.882  1.00 26.41 ? 785 ASP A O   1 
ATOM   236  C CB  . ASP A 1 29  ? -9.050  -8.343  19.935  1.00 25.67 ? 785 ASP A CB  1 
ATOM   237  C CG  . ASP A 1 29  ? -9.380  -7.665  21.250  1.00 30.62 ? 785 ASP A CG  1 
ATOM   238  O OD1 . ASP A 1 29  ? -9.708  -6.461  21.268  1.00 28.16 ? 785 ASP A OD1 1 
ATOM   239  O OD2 . ASP A 1 29  ? -9.330  -8.363  22.276  1.00 25.43 ? 785 ASP A OD2 1 
ATOM   240  N N   . MET A 1 30  ? -5.987  -7.663  19.706  1.00 19.05 ? 786 MET A N   1 
ATOM   241  C CA  . MET A 1 30  ? -4.723  -7.200  20.285  1.00 26.22 ? 786 MET A CA  1 
ATOM   242  C C   . MET A 1 30  ? -4.060  -6.117  19.439  1.00 24.34 ? 786 MET A C   1 
ATOM   243  O O   . MET A 1 30  ? -3.581  -5.113  19.965  1.00 26.08 ? 786 MET A O   1 
ATOM   244  C CB  . MET A 1 30  ? -3.754  -8.366  20.454  1.00 21.35 ? 786 MET A CB  1 
ATOM   245  C CG  . MET A 1 30  ? -4.128  -9.306  21.576  1.00 32.27 ? 786 MET A CG  1 
ATOM   246  S SD  . MET A 1 30  ? -2.779  -10.434 21.916  1.00 43.11 ? 786 MET A SD  1 
ATOM   247  C CE  . MET A 1 30  ? -2.613  -11.211 20.311  1.00 35.12 ? 786 MET A CE  1 
ATOM   248  N N   . LEU A 1 31  ? -4.029  -6.331  18.128  1.00 24.21 ? 787 LEU A N   1 
ATOM   249  C CA  . LEU A 1 31  ? -3.388  -5.387  17.216  1.00 30.73 ? 787 LEU A CA  1 
ATOM   250  C C   . LEU A 1 31  ? -4.022  -3.993  17.158  1.00 32.24 ? 787 LEU A C   1 
ATOM   251  O O   . LEU A 1 31  ? -3.325  -3.027  16.842  1.00 32.30 ? 787 LEU A O   1 
ATOM   252  C CB  . LEU A 1 31  ? -3.303  -5.971  15.805  1.00 25.10 ? 787 LEU A CB  1 
ATOM   253  C CG  . LEU A 1 31  ? -2.359  -7.154  15.614  1.00 22.16 ? 787 LEU A CG  1 
ATOM   254  C CD1 . LEU A 1 31  ? -2.555  -7.744  14.213  1.00 23.61 ? 787 LEU A CD1 1 
ATOM   255  C CD2 . LEU A 1 31  ? -0.923  -6.712  15.828  1.00 28.74 ? 787 LEU A CD2 1 
ATOM   256  N N   . ARG A 1 32  ? -5.325  -3.870  17.426  1.00 22.33 ? 788 ARG A N   1 
ATOM   257  C CA  . ARG A 1 32  ? -5.963  -2.543  17.344  1.00 27.88 ? 788 ARG A CA  1 
ATOM   258  C C   . ARG A 1 32  ? -5.835  -1.754  18.641  1.00 30.06 ? 788 ARG A C   1 
ATOM   259  O O   . ARG A 1 32  ? -6.249  -0.603  18.722  1.00 36.59 ? 788 ARG A O   1 
ATOM   260  C CB  . ARG A 1 32  ? -7.426  -2.610  16.880  1.00 28.11 ? 788 ARG A CB  1 
ATOM   261  C CG  . ARG A 1 32  ? -8.318  -3.561  17.647  1.00 22.38 ? 788 ARG A CG  1 
ATOM   262  C CD  . ARG A 1 32  ? -8.663  -3.045  19.031  1.00 28.06 ? 788 ARG A CD  1 
ATOM   263  N NE  . ARG A 1 32  ? -9.624  -3.925  19.702  1.00 29.36 ? 788 ARG A NE  1 
ATOM   264  C CZ  . ARG A 1 32  ? -10.929 -3.683  19.782  1.00 33.91 ? 788 ARG A CZ  1 
ATOM   265  N NH1 . ARG A 1 32  ? -11.433 -2.578  19.255  1.00 34.15 ? 788 ARG A NH1 1 
ATOM   266  N NH2 . ARG A 1 32  ? -11.726 -4.533  20.415  1.00 33.00 ? 788 ARG A NH2 1 
ATOM   267  N N   . GLN A 1 33  ? -5.259  -2.393  19.648  1.00 24.00 ? 789 GLN A N   1 
ATOM   268  C CA  . GLN A 1 33  ? -5.046  -1.769  20.948  1.00 36.76 ? 789 GLN A CA  1 
ATOM   269  C C   . GLN A 1 33  ? -3.735  -0.988  20.945  1.00 38.23 ? 789 GLN A C   1 
ATOM   270  O O   . GLN A 1 33  ? -3.417  -0.271  21.894  1.00 44.07 ? 789 GLN A O   1 
ATOM   271  C CB  . GLN A 1 33  ? -5.000  -2.844  22.030  1.00 25.50 ? 789 GLN A CB  1 
ATOM   272  C CG  . GLN A 1 33  ? -6.289  -3.622  22.199  1.00 28.54 ? 789 GLN A CG  1 
ATOM   273  C CD  . GLN A 1 33  ? -6.157  -4.750  23.200  1.00 30.89 ? 789 GLN A CD  1 
ATOM   274  O OE1 . GLN A 1 33  ? -5.223  -4.778  23.998  1.00 41.62 ? 789 GLN A OE1 1 
ATOM   275  N NE2 . GLN A 1 33  ? -7.100  -5.686  23.168  1.00 39.87 ? 789 GLN A NE2 1 
ATOM   276  N N   . ARG A 1 34  ? -2.991  -1.135  19.854  1.00 34.74 ? 790 ARG A N   1 
ATOM   277  C CA  . ARG A 1 34  ? -1.658  -0.568  19.703  1.00 47.31 ? 790 ARG A CA  1 
ATOM   278  C C   . ARG A 1 34  ? -1.694  0.954   19.836  1.00 43.82 ? 790 ARG A C   1 
ATOM   279  O O   . ARG A 1 34  ? -1.136  1.524   20.778  1.00 38.23 ? 790 ARG A O   1 
ATOM   280  C CB  . ARG A 1 34  ? -1.101  -0.964  18.331  1.00 42.59 ? 790 ARG A CB  1 
ATOM   281  C CG  . ARG A 1 34  ? 0.404   -1.199  18.258  1.00 61.39 ? 790 ARG A CG  1 
ATOM   282  C CD  . ARG A 1 34  ? 1.207   0.036   18.656  1.00 55.15 ? 790 ARG A CD  1 
ATOM   283  N NE  . ARG A 1 34  ? 2.531   0.054   18.036  1.00 58.52 ? 790 ARG A NE  1 
ATOM   284  C CZ  . ARG A 1 34  ? 3.473   -0.861  18.249  1.00 54.82 ? 790 ARG A CZ  1 
ATOM   285  N NH1 . ARG A 1 34  ? 3.239   -1.887  19.057  1.00 55.39 ? 790 ARG A NH1 1 
ATOM   286  N NH2 . ARG A 1 34  ? 4.648   -0.756  17.642  1.00 39.88 ? 790 ARG A NH2 1 
ATOM   287  N N   . THR A 1 35  ? -2.354  1.606   18.886  1.00 43.98 ? 791 THR A N   1 
ATOM   288  C CA  . THR A 1 35  ? -2.479  3.055   18.899  1.00 43.38 ? 791 THR A CA  1 
ATOM   289  C C   . THR A 1 35  ? -3.937  3.475   19.038  1.00 32.11 ? 791 THR A C   1 
ATOM   290  O O   . THR A 1 35  ? -4.773  2.717   19.530  1.00 41.56 ? 791 THR A O   1 
ATOM   291  C CB  . THR A 1 35  ? -1.888  3.696   17.617  1.00 39.57 ? 791 THR A CB  1 
ATOM   292  O OG1 . THR A 1 35  ? -2.693  3.345   16.484  1.00 37.71 ? 791 THR A OG1 1 
ATOM   293  C CG2 . THR A 1 35  ? -0.452  3.237   17.389  1.00 48.88 ? 791 THR A CG2 1 
ATOM   294  N N   . LYS A 1 36  ? -4.231  4.691   18.593  1.00 22.92 ? 792 LYS A N   1 
ATOM   295  C CA  . LYS A 1 36  ? -5.590  5.209   18.624  1.00 27.64 ? 792 LYS A CA  1 
ATOM   296  C C   . LYS A 1 36  ? -6.123  5.422   17.211  1.00 27.01 ? 792 LYS A C   1 
ATOM   297  O O   . LYS A 1 36  ? -7.212  5.968   17.030  1.00 21.90 ? 792 LYS A O   1 
ATOM   298  C CB  . LYS A 1 36  ? -5.639  6.517   19.414  1.00 24.76 ? 792 LYS A CB  1 
ATOM   299  C CG  . LYS A 1 36  ? -5.343  6.352   20.902  1.00 25.55 ? 792 LYS A CG  1 
ATOM   300  C CD  . LYS A 1 36  ? -5.492  7.666   21.648  1.00 47.27 ? 792 LYS A CD  1 
ATOM   301  C CE  . LYS A 1 36  ? -4.513  8.709   21.130  1.00 49.52 ? 792 LYS A CE  1 
ATOM   302  N NZ  . LYS A 1 36  ? -4.672  10.016  21.825  1.00 39.31 ? 792 LYS A NZ  1 
ATOM   303  N N   . LYS A 1 37  ? -5.351  4.980   16.218  1.00 22.07 ? 793 LYS A N   1 
ATOM   304  C CA  . LYS A 1 37  ? -5.736  5.138   14.820  1.00 34.10 ? 793 LYS A CA  1 
ATOM   305  C C   . LYS A 1 37  ? -5.530  3.869   13.989  1.00 31.52 ? 793 LYS A C   1 
ATOM   306  O O   . LYS A 1 37  ? -5.363  3.947   12.777  1.00 25.08 ? 793 LYS A O   1 
ATOM   307  C CB  . LYS A 1 37  ? -4.962  6.297   14.184  1.00 37.84 ? 793 LYS A CB  1 
ATOM   308  C CG  . LYS A 1 37  ? -3.449  6.147   14.259  1.00 35.72 ? 793 LYS A CG  1 
ATOM   309  C CD  . LYS A 1 37  ? -2.739  7.323   13.606  1.00 36.57 ? 793 LYS A CD  1 
ATOM   310  C CE  . LYS A 1 37  ? -2.689  7.171   12.094  1.00 42.81 ? 793 LYS A CE  1 
ATOM   311  N NZ  . LYS A 1 37  ? -2.075  8.365   11.442  1.00 44.89 ? 793 LYS A NZ  1 
ATOM   312  N N   . ASP A 1 38  ? -5.555  2.706   14.637  1.00 25.04 ? 794 ASP A N   1 
ATOM   313  C CA  . ASP A 1 38  ? -5.321  1.434   13.950  1.00 27.73 ? 794 ASP A CA  1 
ATOM   314  C C   . ASP A 1 38  ? -6.583  0.848   13.320  1.00 19.52 ? 794 ASP A C   1 
ATOM   315  O O   . ASP A 1 38  ? -7.653  0.866   13.922  1.00 21.85 ? 794 ASP A O   1 
ATOM   316  C CB  . ASP A 1 38  ? -4.747  0.401   14.921  1.00 31.17 ? 794 ASP A CB  1 
ATOM   317  C CG  . ASP A 1 38  ? -3.392  0.801   15.472  1.00 45.06 ? 794 ASP A CG  1 
ATOM   318  O OD1 . ASP A 1 38  ? -2.570  1.361   14.715  1.00 39.35 ? 794 ASP A OD1 1 
ATOM   319  O OD2 . ASP A 1 38  ? -3.152  0.550   16.670  1.00 50.38 ? 794 ASP A OD2 1 
ATOM   320  N N   . VAL A 1 39  ? -6.435  0.330   12.105  1.00 18.97 ? 795 VAL A N   1 
ATOM   321  C CA  . VAL A 1 39  ? -7.459  -0.465  11.450  1.00 22.85 ? 795 VAL A CA  1 
ATOM   322  C C   . VAL A 1 39  ? -6.785  -1.787  11.096  1.00 24.39 ? 795 VAL A C   1 
ATOM   323  O O   . VAL A 1 39  ? -5.737  -1.807  10.457  1.00 22.82 ? 795 VAL A O   1 
ATOM   324  C CB  . VAL A 1 39  ? -7.997  0.209   10.150  1.00 23.24 ? 795 VAL A CB  1 
ATOM   325  C CG1 . VAL A 1 39  ? -9.090  -0.654  9.512   1.00 22.73 ? 795 VAL A CG1 1 
ATOM   326  C CG2 . VAL A 1 39  ? -8.529  1.621   10.432  1.00 23.75 ? 795 VAL A CG2 1 
ATOM   327  N N   . VAL A 1 40  ? -7.373  -2.894  11.526  1.00 18.02 ? 796 VAL A N   1 
ATOM   328  C CA  . VAL A 1 40  ? -6.766  -4.206  11.305  1.00 15.66 ? 796 VAL A CA  1 
ATOM   329  C C   . VAL A 1 40  ? -7.697  -5.035  10.442  1.00 23.91 ? 796 VAL A C   1 
ATOM   330  O O   . VAL A 1 40  ? -8.872  -5.211  10.779  1.00 23.65 ? 796 VAL A O   1 
ATOM   331  C CB  . VAL A 1 40  ? -6.538  -4.936  12.642  1.00 16.88 ? 796 VAL A CB  1 
ATOM   332  C CG1 . VAL A 1 40  ? -5.902  -6.304  12.417  1.00 23.07 ? 796 VAL A CG1 1 
ATOM   333  C CG2 . VAL A 1 40  ? -5.711  -4.071  13.589  1.00 17.52 ? 796 VAL A CG2 1 
ATOM   334  N N   . PHE A 1 41  ? -7.187  -5.526  9.317   1.00 18.72 ? 797 PHE A N   1 
ATOM   335  C CA  . PHE A 1 41  ? -7.976  -6.402  8.456   1.00 16.93 ? 797 PHE A CA  1 
ATOM   336  C C   . PHE A 1 41  ? -7.178  -7.661  8.210   1.00 19.70 ? 797 PHE A C   1 
ATOM   337  O O   . PHE A 1 41  ? -6.256  -7.680  7.398   1.00 21.92 ? 797 PHE A O   1 
ATOM   338  C CB  . PHE A 1 41  ? -8.330  -5.680  7.147   1.00 20.22 ? 797 PHE A CB  1 
ATOM   339  C CG  . PHE A 1 41  ? -9.047  -6.536  6.127   1.00 20.39 ? 797 PHE A CG  1 
ATOM   340  C CD1 . PHE A 1 41  ? -10.042 -7.438  6.504   1.00 21.89 ? 797 PHE A CD1 1 
ATOM   341  C CD2 . PHE A 1 41  ? -8.741  -6.409  4.776   1.00 24.09 ? 797 PHE A CD2 1 
ATOM   342  C CE1 . PHE A 1 41  ? -10.709 -8.209  5.545   1.00 25.29 ? 797 PHE A CE1 1 
ATOM   343  C CE2 . PHE A 1 41  ? -9.408  -7.163  3.822   1.00 27.26 ? 797 PHE A CE2 1 
ATOM   344  C CZ  . PHE A 1 41  ? -10.388 -8.072  4.212   1.00 23.04 ? 797 PHE A CZ  1 
ATOM   345  N N   . ILE A 1 42  ? -7.504  -8.717  8.941   1.00 17.50 ? 798 ILE A N   1 
ATOM   346  C CA  . ILE A 1 42  ? -6.753  -9.953  8.774   1.00 17.79 ? 798 ILE A CA  1 
ATOM   347  C C   . ILE A 1 42  ? -7.694  -11.089 8.438   1.00 20.84 ? 798 ILE A C   1 
ATOM   348  O O   . ILE A 1 42  ? -8.889  -11.045 8.742   1.00 23.06 ? 798 ILE A O   1 
ATOM   349  C CB  . ILE A 1 42  ? -5.875  -10.308 9.998   1.00 18.12 ? 798 ILE A CB  1 
ATOM   350  C CG1 . ILE A 1 42  ? -6.732  -10.474 11.256  1.00 22.36 ? 798 ILE A CG1 1 
ATOM   351  C CG2 . ILE A 1 42  ? -4.777  -9.256  10.190  1.00 21.66 ? 798 ILE A CG2 1 
ATOM   352  C CD1 . ILE A 1 42  ? -5.934  -10.892 12.495  1.00 23.36 ? 798 ILE A CD1 1 
ATOM   353  N N   . ALA A 1 43  ? -7.144  -12.102 7.795   1.00 21.51 ? 799 ALA A N   1 
ATOM   354  C CA  . ALA A 1 43  ? -7.955  -13.194 7.306   1.00 24.82 ? 799 ALA A CA  1 
ATOM   355  C C   . ALA A 1 43  ? -7.196  -14.498 7.479   1.00 24.96 ? 799 ALA A C   1 
ATOM   356  O O   . ALA A 1 43  ? -5.966  -14.501 7.634   1.00 23.51 ? 799 ALA A O   1 
ATOM   357  C CB  . ALA A 1 43  ? -8.299  -12.971 5.852   1.00 21.12 ? 799 ALA A CB  1 
ATOM   358  N N   . SER A 1 44  ? -7.940  -15.600 7.455   1.00 19.61 ? 800 SER A N   1 
ATOM   359  C CA  . SER A 1 44  ? -7.342  -16.927 7.520   1.00 17.62 ? 800 SER A CA  1 
ATOM   360  C C   . SER A 1 44  ? -7.939  -17.783 6.426   1.00 19.39 ? 800 SER A C   1 
ATOM   361  O O   . SER A 1 44  ? -9.163  -17.933 6.343   1.00 22.60 ? 800 SER A O   1 
ATOM   362  C CB  . SER A 1 44  ? -7.616  -17.577 8.864   1.00 26.19 ? 800 SER A CB  1 
ATOM   363  O OG  . SER A 1 44  ? -7.148  -18.920 8.878   1.00 26.86 ? 800 SER A OG  1 
ATOM   364  N N   . ARG A 1 45  ? -7.070  -18.315 5.576   1.00 18.43 ? 801 ARG A N   1 
ATOM   365  C CA  . ARG A 1 45  ? -7.491  -19.213 4.515   1.00 21.52 ? 801 ARG A CA  1 
ATOM   366  C C   . ARG A 1 45  ? -7.447  -20.642 5.039   1.00 35.90 ? 801 ARG A C   1 
ATOM   367  O O   . ARG A 1 45  ? -6.411  -21.099 5.532   1.00 25.04 ? 801 ARG A O   1 
ATOM   368  C CB  . ARG A 1 45  ? -6.570  -19.092 3.303   1.00 25.19 ? 801 ARG A CB  1 
ATOM   369  C CG  . ARG A 1 45  ? -7.095  -19.854 2.105   1.00 23.75 ? 801 ARG A CG  1 
ATOM   370  C CD  . ARG A 1 45  ? -6.097  -19.952 0.965   1.00 29.56 ? 801 ARG A CD  1 
ATOM   371  N NE  . ARG A 1 45  ? -6.680  -20.732 -0.127  1.00 31.72 ? 801 ARG A NE  1 
ATOM   372  C CZ  . ARG A 1 45  ? -6.769  -20.324 -1.389  1.00 32.44 ? 801 ARG A CZ  1 
ATOM   373  N NH1 . ARG A 1 45  ? -6.271  -19.150 -1.751  1.00 26.29 ? 801 ARG A NH1 1 
ATOM   374  N NH2 . ARG A 1 45  ? -7.337  -21.108 -2.294  1.00 28.48 ? 801 ARG A NH2 1 
ATOM   375  N N   . LYS A 1 46  ? -8.574  -21.338 4.938   1.00 25.13 ? 802 LYS A N   1 
ATOM   376  C CA  . LYS A 1 46  ? -8.608  -22.775 5.194   1.00 30.75 ? 802 LYS A CA  1 
ATOM   377  C C   . LYS A 1 46  ? -9.128  -23.469 3.945   1.00 33.01 ? 802 LYS A C   1 
ATOM   378  O O   . LYS A 1 46  ? -10.342 -23.602 3.754   1.00 28.66 ? 802 LYS A O   1 
ATOM   379  C CB  . LYS A 1 46  ? -9.487  -23.097 6.404   1.00 26.93 ? 802 LYS A CB  1 
ATOM   380  C CG  . LYS A 1 46  ? -8.865  -22.671 7.735   1.00 31.97 ? 802 LYS A CG  1 
ATOM   381  C CD  . LYS A 1 46  ? -9.883  -22.640 8.870   1.00 42.73 ? 802 LYS A CD  1 
ATOM   382  C CE  . LYS A 1 46  ? -9.993  -23.979 9.585   1.00 42.84 ? 802 LYS A CE  1 
ATOM   383  N NZ  . LYS A 1 46  ? -10.760 -23.846 10.863  1.00 41.89 ? 802 LYS A NZ  1 
ATOM   384  N N   . GLY A 1 47  ? -8.203  -23.888 3.085   1.00 28.28 ? 803 GLY A N   1 
ATOM   385  C CA  . GLY A 1 47  ? -8.573  -24.489 1.811   1.00 29.91 ? 803 GLY A CA  1 
ATOM   386  C C   . GLY A 1 47  ? -9.315  -23.484 0.954   1.00 23.96 ? 803 GLY A C   1 
ATOM   387  O O   . GLY A 1 47  ? -8.777  -22.434 0.611   1.00 29.33 ? 803 GLY A O   1 
ATOM   388  N N   . ASP A 1 48  ? -10.556 -23.800 0.606   1.00 22.17 ? 804 ASP A N   1 
ATOM   389  C CA  . ASP A 1 48  ? -11.332 -22.929 -0.274  1.00 28.09 ? 804 ASP A CA  1 
ATOM   390  C C   . ASP A 1 48  ? -12.267 -21.992 0.489   1.00 29.63 ? 804 ASP A C   1 
ATOM   391  O O   . ASP A 1 48  ? -13.142 -21.348 -0.103  1.00 23.35 ? 804 ASP A O   1 
ATOM   392  C CB  . ASP A 1 48  ? -12.104 -23.757 -1.306  1.00 41.16 ? 804 ASP A CB  1 
ATOM   393  C CG  . ASP A 1 48  ? -11.216 -24.251 -2.435  1.00 52.57 ? 804 ASP A CG  1 
ATOM   394  O OD1 . ASP A 1 48  ? -10.215 -23.566 -2.756  1.00 44.84 ? 804 ASP A OD1 1 
ATOM   395  O OD2 . ASP A 1 48  ? -11.524 -25.320 -3.005  1.00 44.81 ? 804 ASP A OD2 1 
ATOM   396  N N   . LYS A 1 49  ? -12.074 -21.911 1.802   1.00 29.27 ? 805 LYS A N   1 
ATOM   397  C CA  . LYS A 1 49  ? -12.850 -20.990 2.623   1.00 22.66 ? 805 LYS A CA  1 
ATOM   398  C C   . LYS A 1 49  ? -11.948 -19.907 3.200   1.00 29.61 ? 805 LYS A C   1 
ATOM   399  O O   . LYS A 1 49  ? -10.733 -20.099 3.333   1.00 26.63 ? 805 LYS A O   1 
ATOM   400  C CB  . LYS A 1 49  ? -13.560 -21.741 3.752   1.00 32.17 ? 805 LYS A CB  1 
ATOM   401  C CG  . LYS A 1 49  ? -14.525 -22.814 3.263   1.00 42.22 ? 805 LYS A CG  1 
ATOM   402  C CD  . LYS A 1 49  ? -15.514 -22.243 2.251   1.00 48.27 ? 805 LYS A CD  1 
ATOM   403  C CE  . LYS A 1 49  ? -16.395 -23.336 1.655   1.00 49.05 ? 805 LYS A CE  1 
ATOM   404  N NZ  . LYS A 1 49  ? -17.156 -24.056 2.707   1.00 50.22 ? 805 LYS A NZ  1 
ATOM   405  N N   . ILE A 1 50  ? -12.542 -18.772 3.550   1.00 22.79 ? 806 ILE A N   1 
ATOM   406  C CA  . ILE A 1 50  ? -11.786 -17.717 4.201   1.00 20.74 ? 806 ILE A CA  1 
ATOM   407  C C   . ILE A 1 50  ? -12.602 -17.060 5.330   1.00 21.49 ? 806 ILE A C   1 
ATOM   408  O O   . ILE A 1 50  ? -13.780 -16.730 5.169   1.00 25.41 ? 806 ILE A O   1 
ATOM   409  C CB  . ILE A 1 50  ? -11.271 -16.671 3.169   1.00 20.11 ? 806 ILE A CB  1 
ATOM   410  C CG1 . ILE A 1 50  ? -10.452 -15.574 3.847   1.00 21.39 ? 806 ILE A CG1 1 
ATOM   411  C CG2 . ILE A 1 50  ? -12.440 -16.055 2.375   1.00 25.70 ? 806 ILE A CG2 1 
ATOM   412  C CD1 . ILE A 1 50  ? -9.607  -14.779 2.855   1.00 20.67 ? 806 ILE A CD1 1 
ATOM   413  N N   . ASN A 1 51  ? -11.970 -16.914 6.483   1.00 17.80 ? 807 ASN A N   1 
ATOM   414  C CA  A ASN A 1 51  ? -12.569 -16.215 7.610   0.50 19.73 ? 807 ASN A CA  1 
ATOM   415  C CA  B ASN A 1 51  ? -12.570 -16.208 7.602   0.50 21.40 ? 807 ASN A CA  1 
ATOM   416  C C   . ASN A 1 51  ? -11.822 -14.902 7.772   1.00 19.24 ? 807 ASN A C   1 
ATOM   417  O O   . ASN A 1 51  ? -10.614 -14.858 7.579   1.00 21.88 ? 807 ASN A O   1 
ATOM   418  C CB  A ASN A 1 51  ? -12.459 -17.071 8.880   0.50 21.33 ? 807 ASN A CB  1 
ATOM   419  C CB  B ASN A 1 51  ? -12.475 -17.053 8.873   0.50 26.07 ? 807 ASN A CB  1 
ATOM   420  C CG  A ASN A 1 51  ? -13.153 -16.442 10.078  0.50 18.32 ? 807 ASN A CG  1 
ATOM   421  C CG  B ASN A 1 51  ? -13.395 -18.257 8.838   0.50 26.69 ? 807 ASN A CG  1 
ATOM   422  O OD1 A ASN A 1 51  ? -12.626 -15.528 10.706  0.50 19.34 ? 807 ASN A OD1 1 
ATOM   423  O OD1 B ASN A 1 51  ? -12.981 -19.381 9.132   0.50 32.11 ? 807 ASN A OD1 1 
ATOM   424  N ND2 A ASN A 1 51  ? -14.341 -16.948 10.410  0.50 19.84 ? 807 ASN A ND2 1 
ATOM   425  N ND2 B ASN A 1 51  ? -14.652 -18.030 8.470   0.50 27.09 ? 807 ASN A ND2 1 
ATOM   426  N N   . PHE A 1 52  ? -12.535 -13.837 8.120   1.00 19.73 ? 808 PHE A N   1 
ATOM   427  C CA  . PHE A 1 52  ? -11.900 -12.532 8.177   1.00 19.92 ? 808 PHE A CA  1 
ATOM   428  C C   . PHE A 1 52  ? -12.440 -11.659 9.313   1.00 20.31 ? 808 PHE A C   1 
ATOM   429  O O   . PHE A 1 52  ? -13.583 -11.812 9.752   1.00 18.26 ? 808 PHE A O   1 
ATOM   430  C CB  . PHE A 1 52  ? -12.019 -11.814 6.823   1.00 17.40 ? 808 PHE A CB  1 
ATOM   431  C CG  . PHE A 1 52  ? -13.406 -11.803 6.266   1.00 21.37 ? 808 PHE A CG  1 
ATOM   432  C CD1 . PHE A 1 52  ? -13.878 -12.880 5.514   1.00 24.59 ? 808 PHE A CD1 1 
ATOM   433  C CD2 . PHE A 1 52  ? -14.257 -10.733 6.514   1.00 27.30 ? 808 PHE A CD2 1 
ATOM   434  C CE1 . PHE A 1 52  ? -15.157 -12.888 5.004   1.00 25.72 ? 808 PHE A CE1 1 
ATOM   435  C CE2 . PHE A 1 52  ? -15.554 -10.733 6.013   1.00 26.43 ? 808 PHE A CE2 1 
ATOM   436  C CZ  . PHE A 1 52  ? -16.007 -11.816 5.255   1.00 26.50 ? 808 PHE A CZ  1 
ATOM   437  N N   . VAL A 1 53  ? -11.599 -10.742 9.773   1.00 19.70 ? 809 VAL A N   1 
ATOM   438  C CA  . VAL A 1 53  ? -11.926 -9.886  10.902  1.00 17.48 ? 809 VAL A CA  1 
ATOM   439  C C   . VAL A 1 53  ? -11.490 -8.455  10.605  1.00 22.23 ? 809 VAL A C   1 
ATOM   440  O O   . VAL A 1 53  ? -10.443 -8.223  9.996   1.00 21.67 ? 809 VAL A O   1 
ATOM   441  C CB  . VAL A 1 53  ? -11.183 -10.342 12.172  1.00 20.51 ? 809 VAL A CB  1 
ATOM   442  C CG1 . VAL A 1 53  ? -11.377 -9.327  13.314  1.00 21.54 ? 809 VAL A CG1 1 
ATOM   443  C CG2 . VAL A 1 53  ? -11.622 -11.761 12.597  1.00 24.24 ? 809 VAL A CG2 1 
ATOM   444  N N   . ILE A 1 54  ? -12.298 -7.508  11.050  1.00 21.64 ? 810 ILE A N   1 
ATOM   445  C CA  . ILE A 1 54  ? -11.926 -6.097  11.047  1.00 21.11 ? 810 ILE A CA  1 
ATOM   446  C C   . ILE A 1 54  ? -11.980 -5.626  12.488  1.00 22.56 ? 810 ILE A C   1 
ATOM   447  O O   . ILE A 1 54  ? -13.008 -5.766  13.156  1.00 20.79 ? 810 ILE A O   1 
ATOM   448  C CB  . ILE A 1 54  ? -12.901 -5.241  10.207  1.00 22.66 ? 810 ILE A CB  1 
ATOM   449  C CG1 . ILE A 1 54  ? -12.901 -5.680  8.742   1.00 27.31 ? 810 ILE A CG1 1 
ATOM   450  C CG2 . ILE A 1 54  ? -12.529 -3.751  10.313  1.00 24.43 ? 810 ILE A CG2 1 
ATOM   451  C CD1 . ILE A 1 54  ? -11.833 -5.037  7.916   1.00 30.95 ? 810 ILE A CD1 1 
ATOM   452  N N   . GLY A 1 55  ? -10.857 -5.110  12.976  1.00 20.71 ? 811 GLY A N   1 
ATOM   453  C CA  . GLY A 1 55  ? -10.810 -4.498  14.304  1.00 23.60 ? 811 GLY A CA  1 
ATOM   454  C C   . GLY A 1 55  ? -10.275 -3.092  14.164  1.00 24.70 ? 811 GLY A C   1 
ATOM   455  O O   . GLY A 1 55  ? -9.346  -2.858  13.391  1.00 23.44 ? 811 GLY A O   1 
ATOM   456  N N   . VAL A 1 56  ? -10.865 -2.144  14.886  1.00 19.47 ? 812 VAL A N   1 
ATOM   457  C CA  . VAL A 1 56  ? -10.384 -0.768  14.832  1.00 19.03 ? 812 VAL A CA  1 
ATOM   458  C C   . VAL A 1 56  ? -10.103 -0.251  16.241  1.00 20.64 ? 812 VAL A C   1 
ATOM   459  O O   . VAL A 1 56  ? -10.673 -0.748  17.215  1.00 30.00 ? 812 VAL A O   1 
ATOM   460  C CB  . VAL A 1 56  ? -11.364 0.194   14.072  1.00 36.88 ? 812 VAL A CB  1 
ATOM   461  C CG1 . VAL A 1 56  ? -11.675 -0.328  12.668  1.00 27.26 ? 812 VAL A CG1 1 
ATOM   462  C CG2 . VAL A 1 56  ? -12.640 0.406   14.846  1.00 30.19 ? 812 VAL A CG2 1 
ATOM   463  N N   . SER A 1 57  ? -9.204  0.717   16.354  1.00 18.72 ? 813 SER A N   1 
ATOM   464  C CA  . SER A 1 57  ? -8.978  1.372   17.636  1.00 24.54 ? 813 SER A CA  1 
ATOM   465  C C   . SER A 1 57  ? -10.302 1.948   18.109  1.00 17.64 ? 813 SER A C   1 
ATOM   466  O O   . SER A 1 57  ? -11.028 2.566   17.327  1.00 23.40 ? 813 SER A O   1 
ATOM   467  C CB  . SER A 1 57  ? -7.962  2.495   17.482  1.00 20.19 ? 813 SER A CB  1 
ATOM   468  O OG  . SER A 1 57  ? -6.693  1.990   17.140  1.00 24.85 ? 813 SER A OG  1 
ATOM   469  N N   . LYS A 1 58  ? -10.627 1.770   19.382  1.00 25.17 ? 814 LYS A N   1 
ATOM   470  C CA  . LYS A 1 58  ? -11.944 2.196   19.853  1.00 26.09 ? 814 LYS A CA  1 
ATOM   471  C C   . LYS A 1 58  ? -12.210 3.678   19.581  1.00 23.66 ? 814 LYS A C   1 
ATOM   472  O O   . LYS A 1 58  ? -13.355 4.076   19.327  1.00 27.24 ? 814 LYS A O   1 
ATOM   473  C CB  . LYS A 1 58  ? -12.160 1.848   21.329  1.00 31.19 ? 814 LYS A CB  1 
ATOM   474  C CG  . LYS A 1 58  ? -13.539 2.249   21.833  1.00 59.87 ? 814 LYS A CG  1 
ATOM   475  C CD  . LYS A 1 58  ? -14.217 1.131   22.610  1.00 63.33 ? 814 LYS A CD  1 
ATOM   476  C CE  . LYS A 1 58  ? -15.699 1.458   22.818  1.00 61.57 ? 814 LYS A CE  1 
ATOM   477  N NZ  . LYS A 1 58  ? -16.489 0.235   23.149  1.00 56.40 ? 814 LYS A NZ  1 
ATOM   478  N N   . GLU A 1 59  ? -11.150 4.483   19.601  1.00 27.57 ? 815 GLU A N   1 
ATOM   479  C CA  . GLU A 1 59  ? -11.271 5.929   19.401  1.00 23.82 ? 815 GLU A CA  1 
ATOM   480  C C   . GLU A 1 59  ? -11.803 6.316   18.018  1.00 41.31 ? 815 GLU A C   1 
ATOM   481  O O   . GLU A 1 59  ? -12.355 7.396   17.853  1.00 23.92 ? 815 GLU A O   1 
ATOM   482  C CB  . GLU A 1 59  ? -9.933  6.628   19.652  1.00 31.29 ? 815 GLU A CB  1 
ATOM   483  C CG  . GLU A 1 59  ? -9.479  6.604   21.108  1.00 36.03 ? 815 GLU A CG  1 
ATOM   484  C CD  . GLU A 1 59  ? -8.742  5.325   21.483  1.00 49.31 ? 815 GLU A CD  1 
ATOM   485  O OE1 . GLU A 1 59  ? -8.605  4.425   20.622  1.00 28.49 ? 815 GLU A OE1 1 
ATOM   486  O OE2 . GLU A 1 59  ? -8.290  5.227   22.645  1.00 50.11 ? 815 GLU A OE2 1 
ATOM   487  N N   . ILE A 1 60  ? -11.644 5.438   17.030  1.00 31.31 ? 816 ILE A N   1 
ATOM   488  C CA  . ILE A 1 60  ? -12.042 5.762   15.656  1.00 27.56 ? 816 ILE A CA  1 
ATOM   489  C C   . ILE A 1 60  ? -13.243 4.949   15.157  1.00 21.85 ? 816 ILE A C   1 
ATOM   490  O O   . ILE A 1 60  ? -13.514 4.895   13.957  1.00 27.11 ? 816 ILE A O   1 
ATOM   491  C CB  . ILE A 1 60  ? -10.860 5.612   14.668  1.00 23.49 ? 816 ILE A CB  1 
ATOM   492  C CG1 . ILE A 1 60  ? -10.402 4.152   14.590  1.00 23.53 ? 816 ILE A CG1 1 
ATOM   493  C CG2 . ILE A 1 60  ? -9.711  6.518   15.076  1.00 35.92 ? 816 ILE A CG2 1 
ATOM   494  C CD1 . ILE A 1 60  ? -9.425  3.877   13.459  1.00 28.74 ? 816 ILE A CD1 1 
ATOM   495  N N   . SER A 1 61  ? -13.964 4.336   16.093  1.00 26.79 ? 817 SER A N   1 
ATOM   496  C CA  . SER A 1 61  ? -15.170 3.540   15.812  1.00 25.63 ? 817 SER A CA  1 
ATOM   497  C C   . SER A 1 61  ? -16.245 4.257   14.990  1.00 24.96 ? 817 SER A C   1 
ATOM   498  O O   . SER A 1 61  ? -16.920 3.631   14.170  1.00 32.85 ? 817 SER A O   1 
ATOM   499  C CB  . SER A 1 61  ? -15.802 3.060   17.130  1.00 30.62 ? 817 SER A CB  1 
ATOM   500  O OG  . SER A 1 61  ? -14.973 2.118   17.789  1.00 58.83 ? 817 SER A OG  1 
ATOM   501  N N   . ASP A 1 62  ? -16.431 5.555   15.223  1.00 29.52 ? 818 ASP A N   1 
ATOM   502  C CA  . ASP A 1 62  ? -17.408 6.314   14.444  1.00 24.76 ? 818 ASP A CA  1 
ATOM   503  C C   . ASP A 1 62  ? -16.874 6.599   13.052  1.00 24.92 ? 818 ASP A C   1 
ATOM   504  O O   . ASP A 1 62  ? -17.627 6.615   12.079  1.00 30.85 ? 818 ASP A O   1 
ATOM   505  C CB  . ASP A 1 62  ? -17.794 7.628   15.142  1.00 27.53 ? 818 ASP A CB  1 
ATOM   506  C CG  . ASP A 1 62  ? -18.874 7.440   16.191  1.00 45.91 ? 818 ASP A CG  1 
ATOM   507  O OD1 . ASP A 1 62  ? -19.448 6.332   16.265  1.00 35.97 ? 818 ASP A OD1 1 
ATOM   508  O OD2 . ASP A 1 62  ? -19.155 8.401   16.940  1.00 45.96 ? 818 ASP A OD2 1 
ATOM   509  N N   . LYS A 1 63  ? -15.567 6.827   12.967  1.00 22.29 ? 819 LYS A N   1 
ATOM   510  C CA  . LYS A 1 63  ? -14.913 7.132   11.704  1.00 20.37 ? 819 LYS A CA  1 
ATOM   511  C C   . LYS A 1 63  ? -14.857 5.916   10.797  1.00 23.21 ? 819 LYS A C   1 
ATOM   512  O O   . LYS A 1 63  ? -15.178 6.007   9.611   1.00 30.48 ? 819 LYS A O   1 
ATOM   513  C CB  . LYS A 1 63  ? -13.505 7.674   11.946  1.00 17.26 ? 819 LYS A CB  1 
ATOM   514  C CG  . LYS A 1 63  ? -13.505 9.039   12.611  1.00 20.04 ? 819 LYS A CG  1 
ATOM   515  C CD  . LYS A 1 63  ? -12.107 9.496   12.982  1.00 16.26 ? 819 LYS A CD  1 
ATOM   516  C CE  . LYS A 1 63  ? -12.176 10.791  13.784  1.00 17.36 ? 819 LYS A CE  1 
ATOM   517  N NZ  . LYS A 1 63  ? -10.840 11.297  14.193  1.00 20.63 ? 819 LYS A NZ  1 
ATOM   518  N N   . VAL A 1 64  ? -14.438 4.790   11.369  1.00 21.26 ? 820 VAL A N   1 
ATOM   519  C CA  . VAL A 1 64  ? -14.361 3.519   10.653  1.00 29.90 ? 820 VAL A CA  1 
ATOM   520  C C   . VAL A 1 64  ? -15.203 2.498   11.396  1.00 28.42 ? 820 VAL A C   1 
ATOM   521  O O   . VAL A 1 64  ? -14.779 1.938   12.410  1.00 27.50 ? 820 VAL A O   1 
ATOM   522  C CB  . VAL A 1 64  ? -12.917 2.998   10.536  1.00 29.12 ? 820 VAL A CB  1 
ATOM   523  C CG1 . VAL A 1 64  ? -12.890 1.683   9.743   1.00 23.58 ? 820 VAL A CG1 1 
ATOM   524  C CG2 . VAL A 1 64  ? -12.026 4.044   9.882   1.00 27.33 ? 820 VAL A CG2 1 
ATOM   525  N N   . ASN A 1 65  ? -16.411 2.285   10.894  1.00 20.19 ? 821 ASN A N   1 
ATOM   526  C CA  . ASN A 1 65  ? -17.377 1.410   11.535  1.00 20.50 ? 821 ASN A CA  1 
ATOM   527  C C   . ASN A 1 65  ? -17.200 -0.023  11.038  1.00 31.25 ? 821 ASN A C   1 
ATOM   528  O O   . ASN A 1 65  ? -17.494 -0.330  9.876   1.00 21.81 ? 821 ASN A O   1 
ATOM   529  C CB  . ASN A 1 65  ? -18.793 1.923   11.252  1.00 22.06 ? 821 ASN A CB  1 
ATOM   530  C CG  . ASN A 1 65  ? -19.835 1.254   12.117  1.00 29.40 ? 821 ASN A CG  1 
ATOM   531  O OD1 . ASN A 1 65  ? -19.746 0.064   12.406  1.00 24.53 ? 821 ASN A OD1 1 
ATOM   532  N ND2 . ASN A 1 65  ? -20.833 2.020   12.542  1.00 38.76 ? 821 ASN A ND2 1 
ATOM   533  N N   . ALA A 1 66  ? -16.717 -0.902  11.914  1.00 19.85 ? 822 ALA A N   1 
ATOM   534  C CA  . ALA A 1 66  ? -16.422 -2.270  11.497  1.00 25.47 ? 822 ALA A CA  1 
ATOM   535  C C   . ALA A 1 66  ? -17.687 -3.020  11.072  1.00 28.19 ? 822 ALA A C   1 
ATOM   536  O O   . ALA A 1 66  ? -17.618 -3.927  10.246  1.00 26.01 ? 822 ALA A O   1 
ATOM   537  C CB  . ALA A 1 66  ? -15.674 -3.033  12.590  1.00 23.54 ? 822 ALA A CB  1 
ATOM   538  N N   . LYS A 1 67  ? -18.829 -2.630  11.638  1.00 24.15 ? 823 LYS A N   1 
ATOM   539  C CA  . LYS A 1 67  ? -20.129 -3.166  11.242  1.00 25.87 ? 823 LYS A CA  1 
ATOM   540  C C   . LYS A 1 67  ? -20.378 -2.976  9.747   1.00 29.79 ? 823 LYS A C   1 
ATOM   541  O O   . LYS A 1 67  ? -20.836 -3.894  9.063   1.00 30.15 ? 823 LYS A O   1 
ATOM   542  C CB  . LYS A 1 67  ? -21.253 -2.467  12.020  1.00 32.04 ? 823 LYS A CB  1 
ATOM   543  C CG  . LYS A 1 67  ? -21.749 -3.180  13.263  1.00 30.51 ? 823 LYS A CG  1 
ATOM   544  C CD  . LYS A 1 67  ? -22.977 -2.453  13.837  1.00 26.23 ? 823 LYS A CD  1 
ATOM   545  C CE  . LYS A 1 67  ? -23.921 -3.419  14.529  1.00 29.50 ? 823 LYS A CE  1 
ATOM   546  N NZ  . LYS A 1 67  ? -25.099 -2.726  15.109  1.00 44.79 ? 823 LYS A NZ  1 
ATOM   547  N N   . GLU A 1 68  ? -20.103 -1.769  9.250   1.00 29.20 ? 824 GLU A N   1 
ATOM   548  C CA  . GLU A 1 68  ? -20.326 -1.454  7.845   1.00 30.48 ? 824 GLU A CA  1 
ATOM   549  C C   . GLU A 1 68  ? -19.246 -2.100  6.989   1.00 24.90 ? 824 GLU A C   1 
ATOM   550  O O   . GLU A 1 68  ? -19.528 -2.785  6.009   1.00 26.54 ? 824 GLU A O   1 
ATOM   551  C CB  . GLU A 1 68  ? -20.279 0.057   7.616   1.00 31.21 ? 824 GLU A CB  1 
ATOM   552  C CG  . GLU A 1 68  ? -21.268 0.860   8.434   1.00 36.28 ? 824 GLU A CG  1 
ATOM   553  C CD  . GLU A 1 68  ? -21.205 2.336   8.106   1.00 49.70 ? 824 GLU A CD  1 
ATOM   554  O OE1 . GLU A 1 68  ? -20.883 2.671   6.945   1.00 51.72 ? 824 GLU A OE1 1 
ATOM   555  O OE2 . GLU A 1 68  ? -21.482 3.158   9.006   1.00 51.73 ? 824 GLU A OE2 1 
ATOM   556  N N   . VAL A 1 69  ? -18.005 -1.866  7.382   1.00 26.91 ? 825 VAL A N   1 
ATOM   557  C CA  . VAL A 1 69  ? -16.845 -2.259  6.601   1.00 19.89 ? 825 VAL A CA  1 
ATOM   558  C C   . VAL A 1 69  ? -16.720 -3.777  6.443   1.00 21.54 ? 825 VAL A C   1 
ATOM   559  O O   . VAL A 1 69  ? -16.268 -4.258  5.409   1.00 20.61 ? 825 VAL A O   1 
ATOM   560  C CB  . VAL A 1 69  ? -15.565 -1.685  7.229   1.00 24.66 ? 825 VAL A CB  1 
ATOM   561  C CG1 . VAL A 1 69  ? -14.348 -2.074  6.409   1.00 32.02 ? 825 VAL A CG1 1 
ATOM   562  C CG2 . VAL A 1 69  ? -15.673 -0.175  7.322   1.00 26.99 ? 825 VAL A CG2 1 
ATOM   563  N N   . ILE A 1 70  ? -17.115 -4.526  7.463   1.00 21.09 ? 826 ILE A N   1 
ATOM   564  C CA  . ILE A 1 70  ? -16.996 -5.982  7.391   1.00 23.38 ? 826 ILE A CA  1 
ATOM   565  C C   . ILE A 1 70  ? -17.878 -6.501  6.257   1.00 23.53 ? 826 ILE A C   1 
ATOM   566  O O   . ILE A 1 70  ? -17.508 -7.413  5.538   1.00 24.30 ? 826 ILE A O   1 
ATOM   567  C CB  . ILE A 1 70  ? -17.346 -6.666  8.730   1.00 23.20 ? 826 ILE A CB  1 
ATOM   568  C CG1 . ILE A 1 70  ? -16.876 -8.127  8.742   1.00 27.93 ? 826 ILE A CG1 1 
ATOM   569  C CG2 . ILE A 1 70  ? -18.841 -6.567  9.030   1.00 21.27 ? 826 ILE A CG2 1 
ATOM   570  C CD1 . ILE A 1 70  ? -15.369 -8.296  8.826   1.00 30.41 ? 826 ILE A CD1 1 
ATOM   571  N N   . ARG A 1 71  ? -19.040 -5.886  6.079   1.00 21.12 ? 827 ARG A N   1 
ATOM   572  C CA  . ARG A 1 71  ? -19.955 -6.312  5.032   1.00 22.35 ? 827 ARG A CA  1 
ATOM   573  C C   . ARG A 1 71  ? -19.457 -5.954  3.636   1.00 23.47 ? 827 ARG A C   1 
ATOM   574  O O   . ARG A 1 71  ? -19.716 -6.686  2.671   1.00 21.82 ? 827 ARG A O   1 
ATOM   575  C CB  . ARG A 1 71  ? -21.342 -5.712  5.266   1.00 28.23 ? 827 ARG A CB  1 
ATOM   576  C CG  . ARG A 1 71  ? -22.062 -6.315  6.467   1.00 22.90 ? 827 ARG A CG  1 
ATOM   577  C CD  . ARG A 1 71  ? -23.306 -5.516  6.794   1.00 32.02 ? 827 ARG A CD  1 
ATOM   578  N NE  . ARG A 1 71  ? -24.179 -6.248  7.704   1.00 27.86 ? 827 ARG A NE  1 
ATOM   579  C CZ  . ARG A 1 71  ? -24.092 -6.199  9.028   1.00 35.01 ? 827 ARG A CZ  1 
ATOM   580  N NH1 . ARG A 1 71  ? -24.938 -6.902  9.775   1.00 23.27 ? 827 ARG A NH1 1 
ATOM   581  N NH2 . ARG A 1 71  ? -23.162 -5.446  9.604   1.00 28.37 ? 827 ARG A NH2 1 
ATOM   582  N N   . GLU A 1 72  ? -18.743 -4.835  3.530   1.00 23.56 ? 828 GLU A N   1 
ATOM   583  C CA  . GLU A 1 72  ? -18.166 -4.407  2.247   1.00 33.64 ? 828 GLU A CA  1 
ATOM   584  C C   . GLU A 1 72  ? -17.032 -5.325  1.772   1.00 32.37 ? 828 GLU A C   1 
ATOM   585  O O   . GLU A 1 72  ? -17.035 -5.778  0.623   1.00 23.68 ? 828 GLU A O   1 
ATOM   586  C CB  . GLU A 1 72  ? -17.717 -2.944  2.309   1.00 26.06 ? 828 GLU A CB  1 
ATOM   587  C CG  . GLU A 1 72  ? -18.898 -1.988  2.537   1.00 32.69 ? 828 GLU A CG  1 
ATOM   588  C CD  . GLU A 1 72  ? -18.489 -0.546  2.777   1.00 53.63 ? 828 GLU A CD  1 
ATOM   589  O OE1 . GLU A 1 72  ? -17.990 -0.239  3.882   1.00 61.59 ? 828 GLU A OE1 1 
ATOM   590  O OE2 . GLU A 1 72  ? -18.693 0.288   1.867   1.00 65.41 ? 828 GLU A OE2 1 
ATOM   591  N N   . VAL A 1 73  ? -16.062 -5.599  2.644   1.00 24.19 ? 829 VAL A N   1 
ATOM   592  C CA  . VAL A 1 73  ? -15.023 -6.570  2.295   1.00 25.35 ? 829 VAL A CA  1 
ATOM   593  C C   . VAL A 1 73  ? -15.605 -7.981  2.197   1.00 22.96 ? 829 VAL A C   1 
ATOM   594  O O   . VAL A 1 73  ? -15.172 -8.793  1.365   1.00 22.71 ? 829 VAL A O   1 
ATOM   595  C CB  . VAL A 1 73  ? -13.802 -6.533  3.261   1.00 28.36 ? 829 VAL A CB  1 
ATOM   596  C CG1 . VAL A 1 73  ? -13.194 -5.130  3.293   1.00 23.56 ? 829 VAL A CG1 1 
ATOM   597  C CG2 . VAL A 1 73  ? -14.173 -7.002  4.668   1.00 21.05 ? 829 VAL A CG2 1 
ATOM   598  N N   . GLY A 1 74  ? -16.599 -8.269  3.036   1.00 23.73 ? 830 GLY A N   1 
ATOM   599  C CA  . GLY A 1 74  ? -17.290 -9.553  2.984   1.00 25.52 ? 830 GLY A CA  1 
ATOM   600  C C   . GLY A 1 74  ? -17.883 -9.845  1.615   1.00 31.93 ? 830 GLY A C   1 
ATOM   601  O O   . GLY A 1 74  ? -17.781 -10.965 1.107   1.00 26.38 ? 830 GLY A O   1 
ATOM   602  N N   . LYS A 1 75  ? -18.504 -8.839  1.011   1.00 20.22 ? 831 LYS A N   1 
ATOM   603  C CA  . LYS A 1 75  ? -19.069 -9.004  -0.329  1.00 22.23 ? 831 LYS A CA  1 
ATOM   604  C C   . LYS A 1 75  ? -18.012 -9.458  -1.339  1.00 31.39 ? 831 LYS A C   1 
ATOM   605  O O   . LYS A 1 75  ? -18.246 -10.380 -2.123  1.00 23.13 ? 831 LYS A O   1 
ATOM   606  C CB  . LYS A 1 75  ? -19.729 -7.705  -0.801  1.00 27.20 ? 831 LYS A CB  1 
ATOM   607  C CG  . LYS A 1 75  ? -20.180 -7.739  -2.246  1.00 32.66 ? 831 LYS A CG  1 
ATOM   608  C CD  . LYS A 1 75  ? -20.998 -6.505  -2.575  1.00 45.00 ? 831 LYS A CD  1 
ATOM   609  C CE  . LYS A 1 75  ? -21.625 -6.607  -3.954  1.00 47.91 ? 831 LYS A CE  1 
ATOM   610  N NZ  . LYS A 1 75  ? -22.521 -5.450  -4.187  1.00 37.74 ? 831 LYS A NZ  1 
ATOM   611  N N   . VAL A 1 76  ? -16.852 -8.807  -1.314  1.00 24.06 ? 832 VAL A N   1 
ATOM   612  C CA  . VAL A 1 76  ? -15.733 -9.157  -2.196  1.00 27.24 ? 832 VAL A CA  1 
ATOM   613  C C   . VAL A 1 76  ? -15.254 -10.597 -1.976  1.00 24.74 ? 832 VAL A C   1 
ATOM   614  O O   . VAL A 1 76  ? -14.910 -11.311 -2.926  1.00 23.07 ? 832 VAL A O   1 
ATOM   615  C CB  . VAL A 1 76  ? -14.565 -8.158  -2.022  1.00 26.96 ? 832 VAL A CB  1 
ATOM   616  C CG1 . VAL A 1 76  ? -13.344 -8.607  -2.791  1.00 18.85 ? 832 VAL A CG1 1 
ATOM   617  C CG2 . VAL A 1 76  ? -15.002 -6.759  -2.463  1.00 29.72 ? 832 VAL A CG2 1 
ATOM   618  N N   . LEU A 1 77  ? -15.268 -11.032 -0.722  1.00 21.27 ? 833 LEU A N   1 
ATOM   619  C CA  . LEU A 1 77  ? -14.801 -12.365 -0.358  1.00 23.96 ? 833 LEU A CA  1 
ATOM   620  C C   . LEU A 1 77  ? -15.917 -13.410 -0.465  1.00 24.84 ? 833 LEU A C   1 
ATOM   621  O O   . LEU A 1 77  ? -15.759 -14.539 0.003   1.00 23.54 ? 833 LEU A O   1 
ATOM   622  C CB  . LEU A 1 77  ? -14.211 -12.339 1.059   1.00 20.98 ? 833 LEU A CB  1 
ATOM   623  C CG  . LEU A 1 77  ? -12.963 -11.467 1.206   1.00 18.71 ? 833 LEU A CG  1 
ATOM   624  C CD1 . LEU A 1 77  ? -12.516 -11.426 2.663   1.00 24.12 ? 833 LEU A CD1 1 
ATOM   625  C CD2 . LEU A 1 77  ? -11.843 -12.015 0.320   1.00 18.08 ? 833 LEU A CD2 1 
ATOM   626  N N   . LYS A 1 78  ? -17.026 -13.027 -1.099  1.00 20.85 ? 834 LYS A N   1 
ATOM   627  C CA  . LYS A 1 78  ? -18.193 -13.894 -1.269  1.00 24.05 ? 834 LYS A CA  1 
ATOM   628  C C   . LYS A 1 78  ? -18.653 -14.418 0.087   1.00 28.17 ? 834 LYS A C   1 
ATOM   629  O O   . LYS A 1 78  ? -18.792 -15.629 0.294   1.00 21.75 ? 834 LYS A O   1 
ATOM   630  C CB  . LYS A 1 78  ? -17.881 -15.048 -2.234  1.00 22.98 ? 834 LYS A CB  1 
ATOM   631  C CG  . LYS A 1 78  ? -17.417 -14.583 -3.619  1.00 29.50 ? 834 LYS A CG  1 
ATOM   632  C CD  . LYS A 1 78  ? -18.535 -13.851 -4.348  1.00 50.43 ? 834 LYS A CD  1 
ATOM   633  C CE  . LYS A 1 78  ? -18.158 -13.555 -5.794  1.00 50.64 ? 834 LYS A CE  1 
ATOM   634  N NZ  . LYS A 1 78  ? -19.324 -12.959 -6.521  1.00 54.78 ? 834 LYS A NZ  1 
ATOM   635  N N   . GLY A 1 79  ? -18.860 -13.488 1.017   1.00 23.37 ? 835 GLY A N   1 
ATOM   636  C CA  . GLY A 1 79  ? -19.297 -13.831 2.359   1.00 27.20 ? 835 GLY A CA  1 
ATOM   637  C C   . GLY A 1 79  ? -20.019 -12.681 3.039   1.00 31.32 ? 835 GLY A C   1 
ATOM   638  O O   . GLY A 1 79  ? -20.364 -11.678 2.408   1.00 34.77 ? 835 GLY A O   1 
ATOM   639  N N   . GLY A 1 80  ? -20.254 -12.831 4.336   1.00 30.00 ? 836 GLY A N   1 
ATOM   640  C CA  . GLY A 1 80  ? -20.977 -11.821 5.090   1.00 30.53 ? 836 GLY A CA  1 
ATOM   641  C C   . GLY A 1 80  ? -20.141 -11.349 6.246   1.00 33.92 ? 836 GLY A C   1 
ATOM   642  O O   . GLY A 1 80  ? -18.916 -11.336 6.164   1.00 37.44 ? 836 GLY A O   1 
ATOM   643  N N   . GLY A 1 81  ? -20.804 -10.977 7.333   1.00 28.33 ? 837 GLY A N   1 
ATOM   644  C CA  . GLY A 1 81  ? -20.106 -10.503 8.515   1.00 24.41 ? 837 GLY A CA  1 
ATOM   645  C C   . GLY A 1 81  ? -21.009 -9.703  9.423   1.00 26.37 ? 837 GLY A C   1 
ATOM   646  O O   . GLY A 1 81  ? -22.101 -9.267  9.026   1.00 25.39 ? 837 GLY A O   1 
ATOM   647  N N   . GLY A 1 82  ? -20.550 -9.504  10.652  1.00 20.54 ? 838 GLY A N   1 
ATOM   648  C CA  . GLY A 1 82  ? -21.308 -8.748  11.633  1.00 29.21 ? 838 GLY A CA  1 
ATOM   649  C C   . GLY A 1 82  ? -20.486 -8.600  12.896  1.00 27.56 ? 838 GLY A C   1 
ATOM   650  O O   . GLY A 1 82  ? -19.424 -9.201  13.026  1.00 22.90 ? 838 GLY A O   1 
ATOM   651  N N   . GLY A 1 83  ? -20.975 -7.785  13.817  1.00 25.95 ? 839 GLY A N   1 
ATOM   652  C CA  . GLY A 1 83  ? -20.290 -7.553  15.080  1.00 25.04 ? 839 GLY A CA  1 
ATOM   653  C C   . GLY A 1 83  ? -20.616 -6.173  15.610  1.00 27.99 ? 839 GLY A C   1 
ATOM   654  O O   . GLY A 1 83  ? -21.765 -5.716  15.504  1.00 25.77 ? 839 GLY A O   1 
ATOM   655  N N   . ARG A 1 84  ? -19.598 -5.517  16.170  1.00 21.47 ? 840 ARG A N   1 
ATOM   656  C CA  . ARG A 1 84  ? -19.704 -4.156  16.714  1.00 23.99 ? 840 ARG A CA  1 
ATOM   657  C C   . ARG A 1 84  ? -18.907 -3.154  15.897  1.00 25.25 ? 840 ARG A C   1 
ATOM   658  O O   . ARG A 1 84  ? -18.124 -3.526  15.039  1.00 21.75 ? 840 ARG A O   1 
ATOM   659  C CB  . ARG A 1 84  ? -19.166 -4.102  18.143  1.00 24.55 ? 840 ARG A CB  1 
ATOM   660  C CG  . ARG A 1 84  ? -19.981 -4.832  19.157  1.00 22.03 ? 840 ARG A CG  1 
ATOM   661  C CD  . ARG A 1 84  ? -19.850 -4.129  20.489  1.00 45.66 ? 840 ARG A CD  1 
ATOM   662  N NE  . ARG A 1 84  ? -20.525 -2.830  20.459  1.00 41.89 ? 840 ARG A NE  1 
ATOM   663  C CZ  . ARG A 1 84  ? -20.301 -1.848  21.328  1.00 52.48 ? 840 ARG A CZ  1 
ATOM   664  N NH1 . ARG A 1 84  ? -19.408 -2.005  22.303  1.00 49.25 ? 840 ARG A NH1 1 
ATOM   665  N NH2 . ARG A 1 84  ? -20.975 -0.709  21.219  1.00 51.37 ? 840 ARG A NH2 1 
ATOM   666  N N   . ALA A 1 85  ? -19.086 -1.868  16.195  1.00 29.59 ? 841 ALA A N   1 
ATOM   667  C CA  . ALA A 1 85  ? -18.374 -0.827  15.462  1.00 28.49 ? 841 ALA A CA  1 
ATOM   668  C C   . ALA A 1 85  ? -16.850 -0.946  15.572  1.00 20.26 ? 841 ALA A C   1 
ATOM   669  O O   . ALA A 1 85  ? -16.129 -0.478  14.692  1.00 25.77 ? 841 ALA A O   1 
ATOM   670  C CB  . ALA A 1 85  ? -18.845 0.567   15.909  1.00 36.53 ? 841 ALA A CB  1 
ATOM   671  N N   . ASP A 1 86  ? -16.359 -1.561  16.647  1.00 20.55 ? 842 ASP A N   1 
ATOM   672  C CA  . ASP A 1 86  ? -14.910 -1.624  16.849  1.00 21.10 ? 842 ASP A CA  1 
ATOM   673  C C   . ASP A 1 86  ? -14.294 -2.969  16.475  1.00 21.48 ? 842 ASP A C   1 
ATOM   674  O O   . ASP A 1 86  ? -13.078 -3.060  16.301  1.00 20.45 ? 842 ASP A O   1 
ATOM   675  C CB  . ASP A 1 86  ? -14.526 -1.239  18.281  1.00 20.86 ? 842 ASP A CB  1 
ATOM   676  C CG  . ASP A 1 86  ? -15.027 -2.237  19.308  1.00 32.36 ? 842 ASP A CG  1 
ATOM   677  O OD1 . ASP A 1 86  ? -16.246 -2.522  19.322  1.00 30.25 ? 842 ASP A OD1 1 
ATOM   678  O OD2 . ASP A 1 86  ? -14.199 -2.736  20.102  1.00 31.13 ? 842 ASP A OD2 1 
ATOM   679  N N   . LEU A 1 87  ? -15.138 -3.992  16.339  1.00 25.36 ? 843 LEU A N   1 
ATOM   680  C CA  . LEU A 1 87  ? -14.681 -5.346  16.023  1.00 17.87 ? 843 LEU A CA  1 
ATOM   681  C C   . LEU A 1 87  ? -15.794 -6.193  15.390  1.00 23.43 ? 843 LEU A C   1 
ATOM   682  O O   . LEU A 1 87  ? -16.853 -6.436  15.992  1.00 22.75 ? 843 LEU A O   1 
ATOM   683  C CB  . LEU A 1 87  ? -14.136 -6.035  17.276  1.00 20.17 ? 843 LEU A CB  1 
ATOM   684  C CG  . LEU A 1 87  ? -13.381 -7.360  17.109  1.00 27.33 ? 843 LEU A CG  1 
ATOM   685  C CD1 . LEU A 1 87  ? -12.085 -7.162  16.324  1.00 23.04 ? 843 LEU A CD1 1 
ATOM   686  C CD2 . LEU A 1 87  ? -13.095 -8.006  18.463  1.00 27.30 ? 843 LEU A CD2 1 
ATOM   687  N N   . ALA A 1 88  ? -15.534 -6.661  14.177  1.00 20.64 ? 844 ALA A N   1 
ATOM   688  C CA  . ALA A 1 88  ? -16.521 -7.451  13.428  1.00 18.68 ? 844 ALA A CA  1 
ATOM   689  C C   . ALA A 1 88  ? -15.827 -8.594  12.680  1.00 21.21 ? 844 ALA A C   1 
ATOM   690  O O   . ALA A 1 88  ? -14.626 -8.540  12.443  1.00 21.25 ? 844 ALA A O   1 
ATOM   691  C CB  . ALA A 1 88  ? -17.277 -6.553  12.458  1.00 19.39 ? 844 ALA A CB  1 
ATOM   692  N N   . GLN A 1 89  ? -16.586 -9.624  12.308  1.00 19.48 ? 845 GLN A N   1 
ATOM   693  C CA  . GLN A 1 89  ? -15.999 -10.841 11.750  1.00 20.10 ? 845 GLN A CA  1 
ATOM   694  C C   . GLN A 1 89  ? -16.969 -11.509 10.783  1.00 18.80 ? 845 GLN A C   1 
ATOM   695  O O   . GLN A 1 89  ? -18.186 -11.334 10.894  1.00 19.15 ? 845 GLN A O   1 
ATOM   696  C CB  . GLN A 1 89  ? -15.617 -11.796 12.897  1.00 25.56 ? 845 GLN A CB  1 
ATOM   697  C CG  . GLN A 1 89  ? -15.057 -13.160 12.495  1.00 33.48 ? 845 GLN A CG  1 
ATOM   698  C CD  . GLN A 1 89  ? -14.352 -13.858 13.663  1.00 40.52 ? 845 GLN A CD  1 
ATOM   699  O OE1 . GLN A 1 89  ? -14.693 -13.637 14.827  1.00 33.26 ? 845 GLN A OE1 1 
ATOM   700  N NE2 . GLN A 1 89  ? -13.357 -14.688 13.352  1.00 35.83 ? 845 GLN A NE2 1 
ATOM   701  N N   . GLY A 1 90  ? -16.432 -12.272 9.836   1.00 22.06 ? 846 GLY A N   1 
ATOM   702  C CA  . GLY A 1 90  ? -17.278 -12.974 8.872   1.00 25.45 ? 846 GLY A CA  1 
ATOM   703  C C   . GLY A 1 90  ? -16.572 -14.139 8.201   1.00 24.43 ? 846 GLY A C   1 
ATOM   704  O O   . GLY A 1 90  ? -15.370 -14.366 8.404   1.00 19.99 ? 846 GLY A O   1 
ATOM   705  N N   . GLY A 1 91  ? -17.332 -14.884 7.405   1.00 23.08 ? 847 GLY A N   1 
ATOM   706  C CA  . GLY A 1 91  ? -16.781 -15.985 6.629   1.00 27.70 ? 847 GLY A CA  1 
ATOM   707  C C   . GLY A 1 91  ? -17.214 -15.835 5.185   1.00 25.13 ? 847 GLY A C   1 
ATOM   708  O O   . GLY A 1 91  ? -18.240 -15.204 4.895   1.00 29.18 ? 847 GLY A O   1 
ATOM   709  N N   . GLY A 1 92  ? -16.424 -16.394 4.276   1.00 22.86 ? 848 GLY A N   1 
ATOM   710  C CA  . GLY A 1 92  ? -16.682 -16.260 2.850   1.00 24.11 ? 848 GLY A CA  1 
ATOM   711  C C   . GLY A 1 92  ? -16.124 -17.418 2.051   1.00 26.93 ? 848 GLY A C   1 
ATOM   712  O O   . GLY A 1 92  ? -15.467 -18.304 2.608   1.00 27.42 ? 848 GLY A O   1 
ATOM   713  N N   . LYS A 1 93  ? -16.374 -17.395 0.743   1.00 25.72 ? 849 LYS A N   1 
ATOM   714  C CA  . LYS A 1 93  ? -16.066 -18.519 -0.139  1.00 28.83 ? 849 LYS A CA  1 
ATOM   715  C C   . LYS A 1 93  ? -14.968 -18.210 -1.156  1.00 38.95 ? 849 LYS A C   1 
ATOM   716  O O   . LYS A 1 93  ? -14.650 -19.048 -1.997  1.00 28.37 ? 849 LYS A O   1 
ATOM   717  C CB  . LYS A 1 93  ? -17.323 -18.937 -0.911  1.00 35.77 ? 849 LYS A CB  1 
ATOM   718  C CG  . LYS A 1 93  ? -18.638 -18.710 -0.180  1.00 54.80 ? 849 LYS A CG  1 
ATOM   719  C CD  . LYS A 1 93  ? -19.763 -18.462 -1.180  1.00 59.44 ? 849 LYS A CD  1 
ATOM   720  C CE  . LYS A 1 93  ? -20.916 -17.675 -0.561  1.00 53.83 ? 849 LYS A CE  1 
ATOM   721  N NZ  . LYS A 1 93  ? -21.761 -17.026 -1.612  1.00 58.12 ? 849 LYS A NZ  1 
ATOM   722  N N   . ALA A 1 94  ? -14.391 -17.013 -1.095  1.00 23.40 ? 850 ALA A N   1 
ATOM   723  C CA  . ALA A 1 94  ? -13.424 -16.611 -2.119  1.00 21.10 ? 850 ALA A CA  1 
ATOM   724  C C   . ALA A 1 94  ? -12.076 -16.167 -1.548  1.00 23.73 ? 850 ALA A C   1 
ATOM   725  O O   . ALA A 1 94  ? -11.762 -14.972 -1.547  1.00 26.06 ? 850 ALA A O   1 
ATOM   726  C CB  . ALA A 1 94  ? -14.014 -15.505 -3.001  1.00 26.21 ? 850 ALA A CB  1 
ATOM   727  N N   . PRO A 1 95  ? -11.252 -17.127 -1.095  1.00 27.25 ? 851 PRO A N   1 
ATOM   728  C CA  . PRO A 1 95  ? -9.979  -16.765 -0.458  1.00 29.64 ? 851 PRO A CA  1 
ATOM   729  C C   . PRO A 1 95  ? -9.056  -16.003 -1.399  1.00 31.45 ? 851 PRO A C   1 
ATOM   730  O O   . PRO A 1 95  ? -8.327  -15.103 -0.966  1.00 29.12 ? 851 PRO A O   1 
ATOM   731  C CB  . PRO A 1 95  ? -9.354  -18.120 -0.112  1.00 29.79 ? 851 PRO A CB  1 
ATOM   732  C CG  . PRO A 1 95  ? -10.472 -19.095 -0.148  1.00 27.68 ? 851 PRO A CG  1 
ATOM   733  C CD  . PRO A 1 95  ? -11.443 -18.585 -1.162  1.00 31.83 ? 851 PRO A CD  1 
ATOM   734  N N   . ASP A 1 96  ? -9.107  -16.348 -2.681  1.00 23.85 ? 852 ASP A N   1 
ATOM   735  C CA  . ASP A 1 96  ? -8.220  -15.729 -3.669  1.00 21.71 ? 852 ASP A CA  1 
ATOM   736  C C   . ASP A 1 96  ? -8.517  -14.253 -3.887  1.00 24.74 ? 852 ASP A C   1 
ATOM   737  O O   . ASP A 1 96  ? -7.771  -13.557 -4.580  1.00 24.76 ? 852 ASP A O   1 
ATOM   738  C CB  . ASP A 1 96  ? -8.304  -16.468 -5.001  1.00 24.53 ? 852 ASP A CB  1 
ATOM   739  C CG  . ASP A 1 96  ? -7.642  -17.819 -4.949  1.00 42.27 ? 852 ASP A CG  1 
ATOM   740  O OD1 . ASP A 1 96  ? -6.824  -18.054 -4.033  1.00 37.25 ? 852 ASP A OD1 1 
ATOM   741  O OD2 . ASP A 1 96  ? -7.942  -18.649 -5.829  1.00 49.06 ? 852 ASP A OD2 1 
ATOM   742  N N   . LYS A 1 97  ? -9.607  -13.776 -3.300  1.00 24.36 ? 853 LYS A N   1 
ATOM   743  C CA  . LYS A 1 97  ? -10.020 -12.395 -3.499  1.00 20.85 ? 853 LYS A CA  1 
ATOM   744  C C   . LYS A 1 97  ? -9.589  -11.450 -2.370  1.00 21.77 ? 853 LYS A C   1 
ATOM   745  O O   . LYS A 1 97  ? -10.028 -10.307 -2.311  1.00 22.04 ? 853 LYS A O   1 
ATOM   746  C CB  . LYS A 1 97  ? -11.527 -12.319 -3.742  1.00 22.96 ? 853 LYS A CB  1 
ATOM   747  C CG  . LYS A 1 97  ? -11.936 -12.873 -5.110  1.00 26.56 ? 853 LYS A CG  1 
ATOM   748  C CD  . LYS A 1 97  ? -13.415 -12.641 -5.406  1.00 41.98 ? 853 LYS A CD  1 
ATOM   749  C CE  . LYS A 1 97  ? -13.728 -11.167 -5.689  1.00 57.89 ? 853 LYS A CE  1 
ATOM   750  N NZ  . LYS A 1 97  ? -15.203 -10.880 -5.608  1.00 38.64 ? 853 LYS A NZ  1 
ATOM   751  N N   . PHE A 1 98  ? -8.697  -11.911 -1.501  1.00 20.07 ? 854 PHE A N   1 
ATOM   752  C CA  . PHE A 1 98  ? -8.212  -11.057 -0.412  1.00 19.95 ? 854 PHE A CA  1 
ATOM   753  C C   . PHE A 1 98  ? -7.522  -9.766  -0.884  1.00 22.56 ? 854 PHE A C   1 
ATOM   754  O O   . PHE A 1 98  ? -7.805  -8.689  -0.359  1.00 23.33 ? 854 PHE A O   1 
ATOM   755  C CB  . PHE A 1 98  ? -7.301  -11.833 0.542   1.00 23.17 ? 854 PHE A CB  1 
ATOM   756  C CG  . PHE A 1 98  ? -6.791  -11.010 1.699   1.00 21.03 ? 854 PHE A CG  1 
ATOM   757  C CD1 . PHE A 1 98  ? -5.496  -10.499 1.689   1.00 25.57 ? 854 PHE A CD1 1 
ATOM   758  C CD2 . PHE A 1 98  ? -7.601  -10.756 2.794   1.00 24.62 ? 854 PHE A CD2 1 
ATOM   759  C CE1 . PHE A 1 98  ? -5.019  -9.749  2.757   1.00 25.41 ? 854 PHE A CE1 1 
ATOM   760  C CE2 . PHE A 1 98  ? -7.132  -9.999  3.870   1.00 26.21 ? 854 PHE A CE2 1 
ATOM   761  C CZ  . PHE A 1 98  ? -5.836  -9.499  3.847   1.00 24.56 ? 854 PHE A CZ  1 
ATOM   762  N N   . PRO A 1 99  ? -6.605  -9.866  -1.864  1.00 20.87 ? 855 PRO A N   1 
ATOM   763  C CA  . PRO A 1 99  ? -5.973  -8.637  -2.355  1.00 22.06 ? 855 PRO A CA  1 
ATOM   764  C C   . PRO A 1 99  ? -6.995  -7.595  -2.831  1.00 26.06 ? 855 PRO A C   1 
ATOM   765  O O   . PRO A 1 99  ? -6.827  -6.396  -2.586  1.00 22.80 ? 855 PRO A O   1 
ATOM   766  C CB  . PRO A 1 99  ? -5.105  -9.129  -3.517  1.00 24.03 ? 855 PRO A CB  1 
ATOM   767  C CG  . PRO A 1 99  ? -4.825  -10.557 -3.203  1.00 27.63 ? 855 PRO A CG  1 
ATOM   768  C CD  . PRO A 1 99  ? -6.075  -11.066 -2.539  1.00 23.44 ? 855 PRO A CD  1 
ATOM   769  N N   . GLU A 1 100 ? -8.049  -8.052  -3.502  1.00 21.55 ? 856 GLU A N   1 
ATOM   770  C CA  . GLU A 1 100 ? -9.097  -7.162  -3.987  1.00 23.01 ? 856 GLU A CA  1 
ATOM   771  C C   . GLU A 1 100 ? -9.893  -6.556  -2.816  1.00 25.77 ? 856 GLU A C   1 
ATOM   772  O O   . GLU A 1 100 ? -10.293 -5.383  -2.851  1.00 18.21 ? 856 GLU A O   1 
ATOM   773  C CB  . GLU A 1 100 ? -10.017 -7.909  -4.950  1.00 22.95 ? 856 GLU A CB  1 
ATOM   774  C CG  . GLU A 1 100 ? -9.393  -8.223  -6.320  1.00 27.45 ? 856 GLU A CG  1 
ATOM   775  C CD  . GLU A 1 100 ? -8.284  -9.284  -6.299  1.00 36.85 ? 856 GLU A CD  1 
ATOM   776  O OE1 . GLU A 1 100 ? -8.209  -10.107 -5.357  1.00 31.85 ? 856 GLU A OE1 1 
ATOM   777  O OE2 . GLU A 1 100 ? -7.474  -9.294  -7.249  1.00 44.17 ? 856 GLU A OE2 1 
ATOM   778  N N   . ALA A 1 101 ? -10.115 -7.351  -1.775  1.00 24.57 ? 857 ALA A N   1 
ATOM   779  C CA  . ALA A 1 101 ? -10.776 -6.849  -0.564  1.00 24.43 ? 857 ALA A CA  1 
ATOM   780  C C   . ALA A 1 101 ? -9.927  -5.770  0.116   1.00 23.26 ? 857 ALA A C   1 
ATOM   781  O O   . ALA A 1 101 ? -10.461 -4.774  0.625   1.00 20.42 ? 857 ALA A O   1 
ATOM   782  C CB  . ALA A 1 101 ? -11.068 -7.998  0.411   1.00 20.78 ? 857 ALA A CB  1 
ATOM   783  N N   . VAL A 1 102 ? -8.606  -5.972  0.124   1.00 20.71 ? 858 VAL A N   1 
ATOM   784  C CA  . VAL A 1 102 ? -7.688  -4.998  0.726   1.00 23.02 ? 858 VAL A CA  1 
ATOM   785  C C   . VAL A 1 102 ? -7.721  -3.690  -0.055  1.00 20.64 ? 858 VAL A C   1 
ATOM   786  O O   . VAL A 1 102 ? -7.785  -2.602  0.537   1.00 20.73 ? 858 VAL A O   1 
ATOM   787  C CB  . VAL A 1 102 ? -6.234  -5.522  0.800   1.00 29.67 ? 858 VAL A CB  1 
ATOM   788  C CG1 . VAL A 1 102 ? -5.275  -4.385  1.184   1.00 30.14 ? 858 VAL A CG1 1 
ATOM   789  C CG2 . VAL A 1 102 ? -6.133  -6.669  1.798   1.00 21.72 ? 858 VAL A CG2 1 
ATOM   790  N N   . LYS A 1 103 ? -7.691  -3.796  -1.379  1.00 18.37 ? 859 LYS A N   1 
ATOM   791  C CA  . LYS A 1 103 ? -7.777  -2.607  -2.227  1.00 22.37 ? 859 LYS A CA  1 
ATOM   792  C C   . LYS A 1 103 ? -9.045  -1.803  -1.923  1.00 20.97 ? 859 LYS A C   1 
ATOM   793  O O   . LYS A 1 103 ? -8.983  -0.580  -1.746  1.00 21.63 ? 859 LYS A O   1 
ATOM   794  C CB  . LYS A 1 103 ? -7.714  -3.006  -3.704  1.00 28.26 ? 859 LYS A CB  1 
ATOM   795  C CG  . LYS A 1 103 ? -7.594  -1.845  -4.677  1.00 34.86 ? 859 LYS A CG  1 
ATOM   796  C CD  . LYS A 1 103 ? -7.418  -2.356  -6.111  1.00 40.42 ? 859 LYS A CD  1 
ATOM   797  C CE  . LYS A 1 103 ? -8.740  -2.884  -6.673  1.00 64.24 ? 859 LYS A CE  1 
ATOM   798  N NZ  . LYS A 1 103 ? -8.590  -3.607  -7.969  1.00 59.94 ? 859 LYS A NZ  1 
ATOM   799  N N   . LEU A 1 104 ? -10.184 -2.493  -1.846  1.00 22.24 ? 860 LEU A N   1 
ATOM   800  C CA  . LEU A 1 104 ? -11.458 -1.861  -1.492  1.00 23.33 ? 860 LEU A CA  1 
ATOM   801  C C   . LEU A 1 104 ? -11.407 -1.176  -0.125  1.00 27.35 ? 860 LEU A C   1 
ATOM   802  O O   . LEU A 1 104 ? -11.881 -0.056  0.025   1.00 20.88 ? 860 LEU A O   1 
ATOM   803  C CB  . LEU A 1 104 ? -12.610 -2.882  -1.516  1.00 20.61 ? 860 LEU A CB  1 
ATOM   804  C CG  . LEU A 1 104 ? -13.999 -2.357  -1.100  1.00 27.36 ? 860 LEU A CG  1 
ATOM   805  C CD1 . LEU A 1 104 ? -14.420 -1.174  -1.958  1.00 28.58 ? 860 LEU A CD1 1 
ATOM   806  C CD2 . LEU A 1 104 ? -15.056 -3.442  -1.175  1.00 28.59 ? 860 LEU A CD2 1 
ATOM   807  N N   . LEU A 1 105 ? -10.849 -1.854  0.873   1.00 21.60 ? 861 LEU A N   1 
ATOM   808  C CA  . LEU A 1 105 ? -10.746 -1.273  2.214   1.00 24.20 ? 861 LEU A CA  1 
ATOM   809  C C   . LEU A 1 105 ? -9.913  -0.001  2.199   1.00 21.37 ? 861 LEU A C   1 
ATOM   810  O O   . LEU A 1 105 ? -10.261 0.991   2.854   1.00 24.26 ? 861 LEU A O   1 
ATOM   811  C CB  . LEU A 1 105 ? -10.159 -2.287  3.218   1.00 23.14 ? 861 LEU A CB  1 
ATOM   812  C CG  . LEU A 1 105 ? -9.979  -1.788  4.653   1.00 28.21 ? 861 LEU A CG  1 
ATOM   813  C CD1 . LEU A 1 105 ? -11.279 -1.243  5.222   1.00 24.32 ? 861 LEU A CD1 1 
ATOM   814  C CD2 . LEU A 1 105 ? -9.406  -2.899  5.543   1.00 25.59 ? 861 LEU A CD2 1 
ATOM   815  N N   . LYS A 1 106 ? -8.807  -0.007  1.462   1.00 20.20 ? 862 LYS A N   1 
ATOM   816  C CA  . LYS A 1 106 ? -7.998  1.200   1.382   1.00 19.56 ? 862 LYS A CA  1 
ATOM   817  C C   . LYS A 1 106 ? -8.792  2.331   0.755   1.00 25.51 ? 862 LYS A C   1 
ATOM   818  O O   . LYS A 1 106 ? -8.689  3.481   1.179   1.00 22.29 ? 862 LYS A O   1 
ATOM   819  C CB  . LYS A 1 106 ? -6.711  0.959   0.594   1.00 24.42 ? 862 LYS A CB  1 
ATOM   820  C CG  . LYS A 1 106 ? -5.716  0.069   1.319   1.00 22.27 ? 862 LYS A CG  1 
ATOM   821  C CD  . LYS A 1 106 ? -4.496  -0.170  0.454   1.00 28.80 ? 862 LYS A CD  1 
ATOM   822  C CE  . LYS A 1 106 ? -3.563  -1.194  1.071   1.00 34.98 ? 862 LYS A CE  1 
ATOM   823  N NZ  . LYS A 1 106 ? -2.319  -1.351  0.245   1.00 42.45 ? 862 LYS A NZ  1 
ATOM   824  N N   . GLU A 1 107 ? -9.589  2.004   -0.255  1.00 24.17 ? 863 GLU A N   1 
ATOM   825  C CA  . GLU A 1 107 ? -10.420 3.013   -0.911  1.00 26.49 ? 863 GLU A CA  1 
ATOM   826  C C   . GLU A 1 107 ? -11.482 3.522   0.055   1.00 26.88 ? 863 GLU A C   1 
ATOM   827  O O   . GLU A 1 107 ? -11.820 4.710   0.064   1.00 24.55 ? 863 GLU A O   1 
ATOM   828  C CB  . GLU A 1 107 ? -11.077 2.429   -2.160  1.00 32.16 ? 863 GLU A CB  1 
ATOM   829  C CG  . GLU A 1 107 ? -11.939 3.433   -2.909  1.00 35.69 ? 863 GLU A CG  1 
ATOM   830  C CD  . GLU A 1 107 ? -11.129 4.606   -3.417  1.00 43.00 ? 863 GLU A CD  1 
ATOM   831  O OE1 . GLU A 1 107 ? -10.440 4.445   -4.447  1.00 40.31 ? 863 GLU A OE1 1 
ATOM   832  O OE2 . GLU A 1 107 ? -11.177 5.687   -2.787  1.00 34.97 ? 863 GLU A OE2 1 
ATOM   833  N N   . ILE A 1 108 ? -12.006 2.616   0.873   1.00 24.52 ? 864 ILE A N   1 
ATOM   834  C CA  . ILE A 1 108 ? -12.982 2.998   1.878   1.00 28.50 ? 864 ILE A CA  1 
ATOM   835  C C   . ILE A 1 108 ? -12.353 3.941   2.900   1.00 25.68 ? 864 ILE A C   1 
ATOM   836  O O   . ILE A 1 108 ? -12.915 4.990   3.213   1.00 24.32 ? 864 ILE A O   1 
ATOM   837  C CB  . ILE A 1 108 ? -13.593 1.773   2.580   1.00 24.88 ? 864 ILE A CB  1 
ATOM   838  C CG1 . ILE A 1 108 ? -14.603 1.084   1.655   1.00 26.49 ? 864 ILE A CG1 1 
ATOM   839  C CG2 . ILE A 1 108 ? -14.269 2.187   3.891   1.00 28.96 ? 864 ILE A CG2 1 
ATOM   840  C CD1 . ILE A 1 108 ? -15.073 -0.278  2.160   1.00 31.62 ? 864 ILE A CD1 1 
ATOM   841  N N   . LEU A 1 109 ? -11.176 3.580   3.396   1.00 18.90 ? 865 LEU A N   1 
ATOM   842  C CA  . LEU A 1 109 ? -10.489 4.394   4.397   1.00 32.35 ? 865 LEU A CA  1 
ATOM   843  C C   . LEU A 1 109 ? -10.085 5.772   3.889   1.00 28.80 ? 865 LEU A C   1 
ATOM   844  O O   . LEU A 1 109 ? -10.024 6.729   4.662   1.00 26.91 ? 865 LEU A O   1 
ATOM   845  C CB  . LEU A 1 109 ? -9.251  3.664   4.915   1.00 27.55 ? 865 LEU A CB  1 
ATOM   846  C CG  . LEU A 1 109 ? -9.535  2.400   5.728   1.00 20.52 ? 865 LEU A CG  1 
ATOM   847  C CD1 . LEU A 1 109 ? -8.207  1.821   6.241   1.00 24.05 ? 865 LEU A CD1 1 
ATOM   848  C CD2 . LEU A 1 109 ? -10.503 2.680   6.872   1.00 23.09 ? 865 LEU A CD2 1 
ATOM   849  N N   . SER A 1 110 ? -9.781  5.868   2.597   1.00 26.98 ? 866 SER A N   1 
ATOM   850  C CA  . SER A 1 110 ? -9.402  7.151   1.996   1.00 30.83 ? 866 SER A CA  1 
ATOM   851  C C   . SER A 1 110 ? -10.624 8.005   1.637   1.00 29.95 ? 866 SER A C   1 
ATOM   852  O O   . SER A 1 110 ? -10.537 9.231   1.565   1.00 36.10 ? 866 SER A O   1 
ATOM   853  C CB  . SER A 1 110 ? -8.526  6.929   0.762   1.00 32.37 ? 866 SER A CB  1 
ATOM   854  O OG  . SER A 1 110 ? -9.299  6.492   -0.342  1.00 36.53 ? 866 SER A OG  1 
ATOM   855  N N   . GLY A 1 111 ? -11.760 7.350   1.411   1.00 30.93 ? 867 GLY A N   1 
ATOM   856  C CA  . GLY A 1 111 ? -13.005 8.035   1.066   1.00 28.47 ? 867 GLY A CA  1 
ATOM   857  C C   . GLY A 1 111 ? -13.090 8.375   -0.409  1.00 40.18 ? 867 GLY A C   1 
ATOM   858  O O   . GLY A 1 111 ? -12.224 7.975   -1.188  1.00 32.62 ? 867 GLY A O   1 
ATOM   859  O OXT . GLY A 1 111 ? -14.016 9.055   -0.863  1.00 37.80 ? 867 GLY A OXT 1 
ATOM   860  N N   . MET B 1 1   ? 13.485  3.172   3.721   1.00 38.34 ? 757 MET B N   1 
ATOM   861  C CA  . MET B 1 1   ? 12.449  2.908   2.678   1.00 29.31 ? 757 MET B CA  1 
ATOM   862  C C   . MET B 1 1   ? 11.260  2.105   3.176   1.00 26.72 ? 757 MET B C   1 
ATOM   863  O O   . MET B 1 1   ? 11.335  1.430   4.207   1.00 30.44 ? 757 MET B O   1 
ATOM   864  C CB  . MET B 1 1   ? 13.068  2.198   1.488   1.00 40.81 ? 757 MET B CB  1 
ATOM   865  C CG  . MET B 1 1   ? 13.477  3.144   0.391   1.00 39.18 ? 757 MET B CG  1 
ATOM   866  S SD  . MET B 1 1   ? 14.406  2.262   -0.832  1.00 45.18 ? 757 MET B SD  1 
ATOM   867  C CE  . MET B 1 1   ? 13.215  1.028   -1.325  1.00 39.94 ? 757 MET B CE  1 
ATOM   868  N N   . LYS B 1 2   ? 10.161  2.184   2.434   1.00 24.62 ? 758 LYS B N   1 
ATOM   869  C CA  . LYS B 1 2   ? 8.956   1.425   2.769   1.00 30.85 ? 758 LYS B CA  1 
ATOM   870  C C   . LYS B 1 2   ? 8.502   0.564   1.597   1.00 28.70 ? 758 LYS B C   1 
ATOM   871  O O   . LYS B 1 2   ? 8.767   0.885   0.443   1.00 26.59 ? 758 LYS B O   1 
ATOM   872  C CB  . LYS B 1 2   ? 7.834   2.360   3.214   1.00 31.44 ? 758 LYS B CB  1 
ATOM   873  C CG  . LYS B 1 2   ? 8.111   3.020   4.558   1.00 37.90 ? 758 LYS B CG  1 
ATOM   874  C CD  . LYS B 1 2   ? 6.979   3.936   4.987   1.00 38.74 ? 758 LYS B CD  1 
ATOM   875  C CE  . LYS B 1 2   ? 7.203   4.442   6.409   1.00 50.04 ? 758 LYS B CE  1 
ATOM   876  N NZ  . LYS B 1 2   ? 7.428   3.318   7.368   1.00 64.05 ? 758 LYS B NZ  1 
ATOM   877  N N   . GLU B 1 3   ? 7.836   -0.542  1.907   1.00 26.75 ? 759 GLU B N   1 
ATOM   878  C CA  . GLU B 1 3   ? 7.266   -1.408  0.876   1.00 27.92 ? 759 GLU B CA  1 
ATOM   879  C C   . GLU B 1 3   ? 5.764   -1.528  1.064   1.00 27.44 ? 759 GLU B C   1 
ATOM   880  O O   . GLU B 1 3   ? 5.298   -1.988  2.106   1.00 25.90 ? 759 GLU B O   1 
ATOM   881  C CB  . GLU B 1 3   ? 7.890   -2.799  0.925   1.00 26.94 ? 759 GLU B CB  1 
ATOM   882  C CG  . GLU B 1 3   ? 7.223   -3.772  -0.032  1.00 40.62 ? 759 GLU B CG  1 
ATOM   883  C CD  . GLU B 1 3   ? 7.735   -5.192  0.114   1.00 49.36 ? 759 GLU B CD  1 
ATOM   884  O OE1 . GLU B 1 3   ? 8.683   -5.413  0.894   1.00 59.20 ? 759 GLU B OE1 1 
ATOM   885  O OE2 . GLU B 1 3   ? 7.185   -6.086  -0.560  1.00 50.26 ? 759 GLU B OE2 1 
ATOM   886  N N   . GLU B 1 4   ? 5.005   -1.124  0.052   1.00 24.11 ? 760 GLU B N   1 
ATOM   887  C CA  . GLU B 1 4   ? 3.549   -1.154  0.143   1.00 25.33 ? 760 GLU B CA  1 
ATOM   888  C C   . GLU B 1 4   ? 2.939   -1.724  -1.121  1.00 23.68 ? 760 GLU B C   1 
ATOM   889  O O   . GLU B 1 4   ? 3.429   -1.485  -2.225  1.00 26.52 ? 760 GLU B O   1 
ATOM   890  C CB  . GLU B 1 4   ? 3.001   0.253   0.400   1.00 22.19 ? 760 GLU B CB  1 
ATOM   891  C CG  . GLU B 1 4   ? 3.566   0.891   1.656   1.00 25.63 ? 760 GLU B CG  1 
ATOM   892  C CD  . GLU B 1 4   ? 3.062   2.298   1.871   1.00 32.32 ? 760 GLU B CD  1 
ATOM   893  O OE1 . GLU B 1 4   ? 3.420   2.898   2.905   1.00 29.91 ? 760 GLU B OE1 1 
ATOM   894  O OE2 . GLU B 1 4   ? 2.305   2.796   1.008   1.00 37.19 ? 760 GLU B OE2 1 
ATOM   895  N N   . ASN B 1 5   ? 1.875   -2.497  -0.961  1.00 19.66 ? 761 ASN B N   1 
ATOM   896  C CA  . ASN B 1 5   ? 1.138   -2.962  -2.117  1.00 25.50 ? 761 ASN B CA  1 
ATOM   897  C C   . ASN B 1 5   ? 0.239   -1.844  -2.592  1.00 28.26 ? 761 ASN B C   1 
ATOM   898  O O   . ASN B 1 5   ? -0.368  -1.137  -1.784  1.00 26.16 ? 761 ASN B O   1 
ATOM   899  C CB  . ASN B 1 5   ? 0.338   -4.221  -1.791  1.00 36.34 ? 761 ASN B CB  1 
ATOM   900  C CG  . ASN B 1 5   ? 1.227   -5.431  -1.591  1.00 41.01 ? 761 ASN B CG  1 
ATOM   901  O OD1 . ASN B 1 5   ? 2.431   -5.383  -1.853  1.00 36.77 ? 761 ASN B OD1 1 
ATOM   902  N ND2 . ASN B 1 5   ? 0.640   -6.524  -1.123  1.00 35.78 ? 761 ASN B ND2 1 
ATOM   903  N N   . VAL B 1 6   ? 0.193   -1.667  -3.907  1.00 21.41 ? 762 VAL B N   1 
ATOM   904  C CA  . VAL B 1 6   ? -0.663  -0.679  -4.532  1.00 24.63 ? 762 VAL B CA  1 
ATOM   905  C C   . VAL B 1 6   ? -1.178  -1.320  -5.805  1.00 30.68 ? 762 VAL B C   1 
ATOM   906  O O   . VAL B 1 6   ? -0.404  -1.621  -6.713  1.00 27.40 ? 762 VAL B O   1 
ATOM   907  C CB  . VAL B 1 6   ? 0.111   0.603   -4.897  1.00 36.51 ? 762 VAL B CB  1 
ATOM   908  C CG1 . VAL B 1 6   ? -0.854  1.682   -5.367  1.00 42.85 ? 762 VAL B CG1 1 
ATOM   909  C CG2 . VAL B 1 6   ? 0.932   1.096   -3.714  1.00 34.24 ? 762 VAL B CG2 1 
ATOM   910  N N   . GLY B 1 7   ? -2.484  -1.549  -5.868  1.00 38.05 ? 763 GLY B N   1 
ATOM   911  C CA  . GLY B 1 7   ? -3.056  -2.278  -6.990  1.00 35.53 ? 763 GLY B CA  1 
ATOM   912  C C   . GLY B 1 7   ? -2.379  -3.622  -7.168  1.00 29.93 ? 763 GLY B C   1 
ATOM   913  O O   . GLY B 1 7   ? -2.229  -4.390  -6.218  1.00 30.43 ? 763 GLY B O   1 
ATOM   914  N N   . ASP B 1 8   ? -1.956  -3.914  -8.391  1.00 32.76 ? 764 ASP B N   1 
ATOM   915  C CA  . ASP B 1 8   ? -1.323  -5.194  -8.671  1.00 31.27 ? 764 ASP B CA  1 
ATOM   916  C C   . ASP B 1 8   ? 0.182   -5.133  -8.439  1.00 28.65 ? 764 ASP B C   1 
ATOM   917  O O   . ASP B 1 8   ? 0.900   -6.091  -8.732  1.00 39.62 ? 764 ASP B O   1 
ATOM   918  C CB  . ASP B 1 8   ? -1.601  -5.613  -10.115 1.00 49.44 ? 764 ASP B CB  1 
ATOM   919  C CG  . ASP B 1 8   ? -3.062  -5.475  -10.487 1.00 51.60 ? 764 ASP B CG  1 
ATOM   920  O OD1 . ASP B 1 8   ? -3.349  -5.247  -11.683 1.00 39.90 ? 764 ASP B OD1 1 
ATOM   921  O OD2 . ASP B 1 8   ? -3.921  -5.589  -9.584  1.00 39.94 ? 764 ASP B OD2 1 
ATOM   922  N N   . PHE B 1 9   ? 0.657   -4.015  -7.896  1.00 20.30 ? 765 PHE B N   1 
ATOM   923  C CA  . PHE B 1 9   ? 2.087   -3.782  -7.830  1.00 22.30 ? 765 PHE B CA  1 
ATOM   924  C C   . PHE B 1 9   ? 2.591   -3.739  -6.405  1.00 23.88 ? 765 PHE B C   1 
ATOM   925  O O   . PHE B 1 9   ? 1.811   -3.581  -5.463  1.00 26.59 ? 765 PHE B O   1 
ATOM   926  C CB  . PHE B 1 9   ? 2.435   -2.476  -8.546  1.00 24.08 ? 765 PHE B CB  1 
ATOM   927  C CG  . PHE B 1 9   ? 1.787   -2.341  -9.894  1.00 26.87 ? 765 PHE B CG  1 
ATOM   928  C CD1 . PHE B 1 9   ? 0.868   -1.335  -10.138 1.00 25.97 ? 765 PHE B CD1 1 
ATOM   929  C CD2 . PHE B 1 9   ? 2.083   -3.237  -10.910 1.00 27.65 ? 765 PHE B CD2 1 
ATOM   930  C CE1 . PHE B 1 9   ? 0.258   -1.219  -11.383 1.00 27.60 ? 765 PHE B CE1 1 
ATOM   931  C CE2 . PHE B 1 9   ? 1.483   -3.126  -12.154 1.00 30.22 ? 765 PHE B CE2 1 
ATOM   932  C CZ  . PHE B 1 9   ? 0.567   -2.112  -12.386 1.00 31.64 ? 765 PHE B CZ  1 
ATOM   933  N N   . THR B 1 10  ? 3.900   -3.901  -6.256  1.00 21.02 ? 766 THR B N   1 
ATOM   934  C CA  . THR B 1 10  ? 4.560   -3.606  -4.988  1.00 23.08 ? 766 THR B CA  1 
ATOM   935  C C   . THR B 1 10  ? 5.364   -2.329  -5.154  1.00 26.37 ? 766 THR B C   1 
ATOM   936  O O   . THR B 1 10  ? 6.287   -2.263  -5.968  1.00 27.19 ? 766 THR B O   1 
ATOM   937  C CB  . THR B 1 10  ? 5.510   -4.730  -4.555  1.00 30.55 ? 766 THR B CB  1 
ATOM   938  O OG1 . THR B 1 10  ? 4.790   -5.962  -4.462  1.00 29.32 ? 766 THR B OG1 1 
ATOM   939  C CG2 . THR B 1 10  ? 6.137   -4.401  -3.201  1.00 28.21 ? 766 THR B CG2 1 
ATOM   940  N N   . LEU B 1 11  ? 5.021   -1.320  -4.368  1.00 22.24 ? 767 LEU B N   1 
ATOM   941  C CA  . LEU B 1 11  ? 5.725   -0.052  -4.404  1.00 18.53 ? 767 LEU B CA  1 
ATOM   942  C C   . LEU B 1 11  ? 6.776   0.024   -3.297  1.00 25.95 ? 767 LEU B C   1 
ATOM   943  O O   . LEU B 1 11  ? 6.456   -0.136  -2.116  1.00 26.09 ? 767 LEU B O   1 
ATOM   944  C CB  . LEU B 1 11  ? 4.732   1.108   -4.275  1.00 22.48 ? 767 LEU B CB  1 
ATOM   945  C CG  . LEU B 1 11  ? 5.332   2.517   -4.224  1.00 24.44 ? 767 LEU B CG  1 
ATOM   946  C CD1 . LEU B 1 11  ? 6.028   2.867   -5.552  1.00 24.30 ? 767 LEU B CD1 1 
ATOM   947  C CD2 . LEU B 1 11  ? 4.261   3.538   -3.888  1.00 27.93 ? 767 LEU B CD2 1 
ATOM   948  N N   . HIS B 1 12  ? 8.029   0.250   -3.692  1.00 22.57 ? 768 HIS B N   1 
ATOM   949  C CA  . HIS B 1 12  ? 9.115   0.540   -2.755  1.00 21.99 ? 768 HIS B CA  1 
ATOM   950  C C   . HIS B 1 12  ? 9.485   2.008   -2.895  1.00 26.18 ? 768 HIS B C   1 
ATOM   951  O O   . HIS B 1 12  ? 9.795   2.478   -3.992  1.00 23.71 ? 768 HIS B O   1 
ATOM   952  C CB  . HIS B 1 12  ? 10.344  -0.312  -3.069  1.00 27.64 ? 768 HIS B CB  1 
ATOM   953  C CG  . HIS B 1 12  ? 10.059  -1.775  -3.139  1.00 32.27 ? 768 HIS B CG  1 
ATOM   954  N ND1 . HIS B 1 12  ? 10.175  -2.608  -2.046  1.00 32.72 ? 768 HIS B ND1 1 
ATOM   955  C CD2 . HIS B 1 12  ? 9.659   -2.558  -4.170  1.00 30.25 ? 768 HIS B CD2 1 
ATOM   956  C CE1 . HIS B 1 12  ? 9.859   -3.840  -2.399  1.00 32.81 ? 768 HIS B CE1 1 
ATOM   957  N NE2 . HIS B 1 12  ? 9.542   -3.837  -3.681  1.00 30.16 ? 768 HIS B NE2 1 
ATOM   958  N N   . TYR B 1 13  ? 9.434   2.746   -1.795  1.00 19.63 ? 769 TYR B N   1 
ATOM   959  C CA  . TYR B 1 13  ? 9.633   4.180   -1.881  1.00 17.60 ? 769 TYR B CA  1 
ATOM   960  C C   . TYR B 1 13  ? 10.322  4.745   -0.650  1.00 21.90 ? 769 TYR B C   1 
ATOM   961  O O   . TYR B 1 13  ? 10.174  4.228   0.455   1.00 25.43 ? 769 TYR B O   1 
ATOM   962  C CB  . TYR B 1 13  ? 8.315   4.913   -2.158  1.00 24.20 ? 769 TYR B CB  1 
ATOM   963  C CG  . TYR B 1 13  ? 7.344   4.935   -1.001  1.00 27.66 ? 769 TYR B CG  1 
ATOM   964  C CD1 . TYR B 1 13  ? 7.341   5.988   -0.091  1.00 19.23 ? 769 TYR B CD1 1 
ATOM   965  C CD2 . TYR B 1 13  ? 6.422   3.916   -0.826  1.00 26.30 ? 769 TYR B CD2 1 
ATOM   966  C CE1 . TYR B 1 13  ? 6.458   6.015   0.961   1.00 27.90 ? 769 TYR B CE1 1 
ATOM   967  C CE2 . TYR B 1 13  ? 5.527   3.935   0.238   1.00 29.44 ? 769 TYR B CE2 1 
ATOM   968  C CZ  . TYR B 1 13  ? 5.552   4.988   1.120   1.00 27.58 ? 769 TYR B CZ  1 
ATOM   969  O OH  . TYR B 1 13  ? 4.670   5.022   2.171   1.00 25.79 ? 769 TYR B OH  1 
ATOM   970  N N   . GLY B 1 14  ? 11.100  5.796   -0.859  1.00 22.42 ? 770 GLY B N   1 
ATOM   971  C CA  . GLY B 1 14  ? 11.769  6.447   0.245   1.00 25.19 ? 770 GLY B CA  1 
ATOM   972  C C   . GLY B 1 14  ? 12.542  7.649   -0.214  1.00 26.85 ? 770 GLY B C   1 
ATOM   973  O O   . GLY B 1 14  ? 12.940  7.747   -1.377  1.00 22.24 ? 770 GLY B O   1 
ATOM   974  N N   . VAL B 1 15  ? 12.762  8.572   0.706   1.00 24.80 ? 771 VAL B N   1 
ATOM   975  C CA  . VAL B 1 15  ? 13.591  9.717   0.405   1.00 23.22 ? 771 VAL B CA  1 
ATOM   976  C C   . VAL B 1 15  ? 14.782  9.774   1.351   1.00 23.22 ? 771 VAL B C   1 
ATOM   977  O O   . VAL B 1 15  ? 14.645  9.673   2.582   1.00 23.10 ? 771 VAL B O   1 
ATOM   978  C CB  . VAL B 1 15  ? 12.780  11.039  0.389   1.00 21.97 ? 771 VAL B CB  1 
ATOM   979  C CG1 . VAL B 1 15  ? 12.066  11.259  1.722   1.00 24.08 ? 771 VAL B CG1 1 
ATOM   980  C CG2 . VAL B 1 15  ? 13.687  12.206  0.013   1.00 23.03 ? 771 VAL B CG2 1 
ATOM   981  N N   . PHE B 1 16  ? 15.954  9.903   0.752   1.00 20.09 ? 772 PHE B N   1 
ATOM   982  C CA  . PHE B 1 16  ? 17.213  9.914   1.467   1.00 21.94 ? 772 PHE B CA  1 
ATOM   983  C C   . PHE B 1 16  ? 17.764  11.343  1.530   1.00 27.01 ? 772 PHE B C   1 
ATOM   984  O O   . PHE B 1 16  ? 17.120  12.295  1.055   1.00 24.26 ? 772 PHE B O   1 
ATOM   985  C CB  . PHE B 1 16  ? 18.199  9.006   0.720   1.00 21.14 ? 772 PHE B CB  1 
ATOM   986  C CG  . PHE B 1 16  ? 17.767  7.555   0.644   1.00 26.46 ? 772 PHE B CG  1 
ATOM   987  C CD1 . PHE B 1 16  ? 17.118  7.065   -0.478  1.00 28.69 ? 772 PHE B CD1 1 
ATOM   988  C CD2 . PHE B 1 16  ? 18.032  6.685   1.690   1.00 28.75 ? 772 PHE B CD2 1 
ATOM   989  C CE1 . PHE B 1 16  ? 16.732  5.734   -0.553  1.00 29.41 ? 772 PHE B CE1 1 
ATOM   990  C CE2 . PHE B 1 16  ? 17.651  5.352   1.624   1.00 22.52 ? 772 PHE B CE2 1 
ATOM   991  C CZ  . PHE B 1 16  ? 16.992  4.878   0.499   1.00 25.72 ? 772 PHE B CZ  1 
ATOM   992  N N   . GLU B 1 17  ? 18.934  11.500  2.146   1.00 20.12 ? 773 GLU B N   1 
ATOM   993  C CA  . GLU B 1 17  ? 19.663  12.772  2.128   1.00 18.74 ? 773 GLU B CA  1 
ATOM   994  C C   . GLU B 1 17  ? 21.028  12.501  1.525   1.00 26.69 ? 773 GLU B C   1 
ATOM   995  O O   . GLU B 1 17  ? 21.671  11.516  1.870   1.00 32.42 ? 773 GLU B O   1 
ATOM   996  C CB  . GLU B 1 17  ? 19.869  13.332  3.546   1.00 25.87 ? 773 GLU B CB  1 
ATOM   997  C CG  . GLU B 1 17  ? 18.616  13.470  4.368   1.00 31.02 ? 773 GLU B CG  1 
ATOM   998  C CD  . GLU B 1 17  ? 18.852  14.284  5.631   1.00 57.20 ? 773 GLU B CD  1 
ATOM   999  O OE1 . GLU B 1 17  ? 20.034  14.533  5.973   1.00 49.91 ? 773 GLU B OE1 1 
ATOM   1000 O OE2 . GLU B 1 17  ? 17.860  14.677  6.279   1.00 58.53 ? 773 GLU B OE2 1 
ATOM   1001 N N   . GLU B 1 18  ? 21.475  13.373  0.633   1.00 26.38 ? 774 GLU B N   1 
ATOM   1002 C CA  . GLU B 1 18  ? 22.836  13.294  0.102   1.00 35.33 ? 774 GLU B CA  1 
ATOM   1003 C C   . GLU B 1 18  ? 23.257  11.935  -0.502  1.00 29.69 ? 774 GLU B C   1 
ATOM   1004 O O   . GLU B 1 18  ? 24.411  11.545  -0.404  1.00 36.51 ? 774 GLU B O   1 
ATOM   1005 C CB  . GLU B 1 18  ? 23.845  13.764  1.165   1.00 44.14 ? 774 GLU B CB  1 
ATOM   1006 C CG  . GLU B 1 18  ? 23.539  15.153  1.755   1.00 35.31 ? 774 GLU B CG  1 
ATOM   1007 C CD  . GLU B 1 18  ? 23.603  16.273  0.716   1.00 53.57 ? 774 GLU B CD  1 
ATOM   1008 O OE1 . GLU B 1 18  ? 24.484  16.214  -0.171  1.00 43.39 ? 774 GLU B OE1 1 
ATOM   1009 O OE2 . GLU B 1 18  ? 22.781  17.218  0.794   1.00 35.46 ? 774 GLU B OE2 1 
ATOM   1010 N N   . VAL B 1 19  ? 22.322  11.227  -1.139  1.00 26.43 ? 775 VAL B N   1 
ATOM   1011 C CA  . VAL B 1 19  ? 22.673  10.080  -1.975  1.00 24.18 ? 775 VAL B CA  1 
ATOM   1012 C C   . VAL B 1 19  ? 22.860  10.586  -3.400  1.00 23.51 ? 775 VAL B C   1 
ATOM   1013 O O   . VAL B 1 19  ? 21.961  11.200  -3.965  1.00 32.61 ? 775 VAL B O   1 
ATOM   1014 C CB  . VAL B 1 19  ? 21.568  8.997   -1.978  1.00 21.61 ? 775 VAL B CB  1 
ATOM   1015 C CG1 . VAL B 1 19  ? 21.897  7.908   -2.984  1.00 22.49 ? 775 VAL B CG1 1 
ATOM   1016 C CG2 . VAL B 1 19  ? 21.384  8.401   -0.580  1.00 32.99 ? 775 VAL B CG2 1 
ATOM   1017 N N   . GLU B 1 20  ? 24.019  10.337  -3.989  1.00 25.24 ? 776 GLU B N   1 
ATOM   1018 C CA  . GLU B 1 20  ? 24.276  10.862  -5.327  1.00 29.48 ? 776 GLU B CA  1 
ATOM   1019 C C   . GLU B 1 20  ? 23.329  10.289  -6.388  1.00 31.33 ? 776 GLU B C   1 
ATOM   1020 O O   . GLU B 1 20  ? 22.936  9.131   -6.314  1.00 31.43 ? 776 GLU B O   1 
ATOM   1021 C CB  . GLU B 1 20  ? 25.736  10.644  -5.714  1.00 34.78 ? 776 GLU B CB  1 
ATOM   1022 C CG  . GLU B 1 20  ? 26.677  11.636  -5.058  1.00 59.47 ? 776 GLU B CG  1 
ATOM   1023 C CD  . GLU B 1 20  ? 26.295  13.076  -5.359  1.00 59.84 ? 776 GLU B CD  1 
ATOM   1024 O OE1 . GLU B 1 20  ? 26.495  13.519  -6.508  1.00 72.91 ? 776 GLU B OE1 1 
ATOM   1025 O OE2 . GLU B 1 20  ? 25.799  13.764  -4.442  1.00 48.42 ? 776 GLU B OE2 1 
ATOM   1026 N N   . PRO B 1 21  ? 22.957  11.111  -7.380  1.00 31.69 ? 777 PRO B N   1 
ATOM   1027 C CA  . PRO B 1 21  ? 22.013  10.694  -8.416  1.00 24.35 ? 777 PRO B CA  1 
ATOM   1028 C C   . PRO B 1 21  ? 22.358  9.367   -9.086  1.00 23.50 ? 777 PRO B C   1 
ATOM   1029 O O   . PRO B 1 21  ? 21.468  8.556   -9.315  1.00 25.13 ? 777 PRO B O   1 
ATOM   1030 C CB  . PRO B 1 21  ? 22.080  11.840  -9.428  1.00 33.67 ? 777 PRO B CB  1 
ATOM   1031 C CG  . PRO B 1 21  ? 22.444  13.020  -8.611  1.00 34.23 ? 777 PRO B CG  1 
ATOM   1032 C CD  . PRO B 1 21  ? 23.392  12.508  -7.567  1.00 30.61 ? 777 PRO B CD  1 
ATOM   1033 N N   . GLU B 1 22  ? 23.621  9.127   -9.410  1.00 20.10 ? 778 GLU B N   1 
ATOM   1034 C CA  . GLU B 1 22  ? 23.940  7.865   -10.085 1.00 23.21 ? 778 GLU B CA  1 
ATOM   1035 C C   . GLU B 1 22  ? 23.867  6.661   -9.143  1.00 21.29 ? 778 GLU B C   1 
ATOM   1036 O O   . GLU B 1 22  ? 23.536  5.563   -9.579  1.00 22.30 ? 778 GLU B O   1 
ATOM   1037 C CB  . GLU B 1 22  ? 25.268  7.935   -10.843 1.00 34.93 ? 778 GLU B CB  1 
ATOM   1038 C CG  . GLU B 1 22  ? 25.225  8.865   -12.075 1.00 29.22 ? 778 GLU B CG  1 
ATOM   1039 C CD  . GLU B 1 22  ? 24.138  8.491   -13.084 1.00 29.48 ? 778 GLU B CD  1 
ATOM   1040 O OE1 . GLU B 1 22  ? 24.182  7.368   -13.640 1.00 23.65 ? 778 GLU B OE1 1 
ATOM   1041 O OE2 . GLU B 1 22  ? 23.230  9.322   -13.309 1.00 38.68 ? 778 GLU B OE2 1 
ATOM   1042 N N   . GLU B 1 23  ? 24.152  6.882   -7.854  1.00 22.01 ? 779 GLU B N   1 
ATOM   1043 C CA  . GLU B 1 23  ? 23.943  5.869   -6.815  1.00 26.31 ? 779 GLU B CA  1 
ATOM   1044 C C   . GLU B 1 23  ? 22.461  5.594   -6.590  1.00 24.81 ? 779 GLU B C   1 
ATOM   1045 O O   . GLU B 1 23  ? 22.054  4.449   -6.384  1.00 20.25 ? 779 GLU B O   1 
ATOM   1046 C CB  . GLU B 1 23  ? 24.570  6.316   -5.496  1.00 23.92 ? 779 GLU B CB  1 
ATOM   1047 C CG  . GLU B 1 23  ? 26.071  6.510   -5.577  1.00 33.55 ? 779 GLU B CG  1 
ATOM   1048 C CD  . GLU B 1 23  ? 26.637  7.090   -4.297  1.00 52.50 ? 779 GLU B CD  1 
ATOM   1049 O OE1 . GLU B 1 23  ? 25.967  7.952   -3.677  1.00 50.87 ? 779 GLU B OE1 1 
ATOM   1050 O OE2 . GLU B 1 23  ? 27.751  6.685   -3.914  1.00 48.11 ? 779 GLU B OE2 1 
ATOM   1051 N N   . LEU B 1 24  ? 21.663  6.654   -6.598  1.00 27.54 ? 780 LEU B N   1 
ATOM   1052 C CA  . LEU B 1 24  ? 20.218  6.513   -6.505  1.00 23.75 ? 780 LEU B CA  1 
ATOM   1053 C C   . LEU B 1 24  ? 19.722  5.656   -7.665  1.00 26.03 ? 780 LEU B C   1 
ATOM   1054 O O   . LEU B 1 24  ? 18.903  4.749   -7.492  1.00 21.85 ? 780 LEU B O   1 
ATOM   1055 C CB  . LEU B 1 24  ? 19.557  7.894   -6.516  1.00 33.62 ? 780 LEU B CB  1 
ATOM   1056 C CG  . LEU B 1 24  ? 18.168  8.075   -5.902  1.00 36.70 ? 780 LEU B CG  1 
ATOM   1057 C CD1 . LEU B 1 24  ? 18.169  7.733   -4.420  1.00 27.42 ? 780 LEU B CD1 1 
ATOM   1058 C CD2 . LEU B 1 24  ? 17.693  9.500   -6.118  1.00 26.20 ? 780 LEU B CD2 1 
ATOM   1059 N N   . ARG B 1 25  ? 20.252  5.924   -8.853  1.00 20.95 ? 781 ARG B N   1 
ATOM   1060 C CA  . ARG B 1 25  ? 19.866  5.183   -10.043 1.00 22.86 ? 781 ARG B CA  1 
ATOM   1061 C C   . ARG B 1 25  ? 20.217  3.703   -9.927  1.00 23.72 ? 781 ARG B C   1 
ATOM   1062 O O   . ARG B 1 25  ? 19.395  2.848   -10.248 1.00 19.34 ? 781 ARG B O   1 
ATOM   1063 C CB  . ARG B 1 25  ? 20.544  5.782   -11.281 1.00 25.41 ? 781 ARG B CB  1 
ATOM   1064 C CG  . ARG B 1 25  ? 20.210  5.060   -12.587 1.00 24.14 ? 781 ARG B CG  1 
ATOM   1065 C CD  . ARG B 1 25  ? 21.218  5.420   -13.675 1.00 34.14 ? 781 ARG B CD  1 
ATOM   1066 N NE  . ARG B 1 25  ? 20.864  4.844   -14.972 1.00 26.74 ? 781 ARG B NE  1 
ATOM   1067 C CZ  . ARG B 1 25  ? 19.910  5.338   -15.750 1.00 29.43 ? 781 ARG B CZ  1 
ATOM   1068 N NH1 . ARG B 1 25  ? 19.635  4.774   -16.918 1.00 44.35 ? 781 ARG B NH1 1 
ATOM   1069 N NH2 . ARG B 1 25  ? 19.225  6.400   -15.348 1.00 33.20 ? 781 ARG B NH2 1 
ATOM   1070 N N   . ASN B 1 26  ? 21.437  3.402   -9.479  1.00 21.29 ? 782 ASN B N   1 
ATOM   1071 C CA  A ASN B 1 26  ? 21.890  2.025   -9.322  0.50 24.39 ? 782 ASN B CA  1 
ATOM   1072 C CA  B ASN B 1 26  ? 21.857  2.013   -9.355  0.50 22.84 ? 782 ASN B CA  1 
ATOM   1073 C C   . ASN B 1 26  ? 21.032  1.269   -8.321  1.00 21.58 ? 782 ASN B C   1 
ATOM   1074 O O   . ASN B 1 26  ? 20.707  0.101   -8.526  1.00 19.99 ? 782 ASN B O   1 
ATOM   1075 C CB  A ASN B 1 26  ? 23.353  1.989   -8.864  0.50 24.98 ? 782 ASN B CB  1 
ATOM   1076 C CB  B ASN B 1 26  ? 23.347  1.891   -9.022  0.50 19.35 ? 782 ASN B CB  1 
ATOM   1077 C CG  A ASN B 1 26  ? 24.322  2.434   -9.945  0.50 22.96 ? 782 ASN B CG  1 
ATOM   1078 C CG  B ASN B 1 26  ? 23.800  0.440   -8.906  0.50 22.30 ? 782 ASN B CG  1 
ATOM   1079 O OD1 A ASN B 1 26  ? 25.415  2.927   -9.649  0.50 37.32 ? 782 ASN B OD1 1 
ATOM   1080 O OD1 B ASN B 1 26  ? 24.326  0.024   -7.874  0.50 31.25 ? 782 ASN B OD1 1 
ATOM   1081 N ND2 A ASN B 1 26  ? 23.932  2.261   -11.205 0.50 22.09 ? 782 ASN B ND2 1 
ATOM   1082 N ND2 B ASN B 1 26  ? 23.583  -0.336  -9.960  0.50 20.49 ? 782 ASN B ND2 1 
ATOM   1083 N N   . LEU B 1 27  ? 20.690  1.953   -7.226  1.00 20.50 ? 783 LEU B N   1 
ATOM   1084 C CA  . LEU B 1 27  ? 19.876  1.366   -6.166  1.00 17.44 ? 783 LEU B CA  1 
ATOM   1085 C C   . LEU B 1 27  ? 18.512  0.996   -6.725  1.00 23.39 ? 783 LEU B C   1 
ATOM   1086 O O   . LEU B 1 27  ? 18.055  -0.128  -6.564  1.00 19.89 ? 783 LEU B O   1 
ATOM   1087 C CB  . LEU B 1 27  ? 19.740  2.323   -4.982  1.00 24.10 ? 783 LEU B CB  1 
ATOM   1088 C CG  . LEU B 1 27  ? 18.920  1.839   -3.773  1.00 22.22 ? 783 LEU B CG  1 
ATOM   1089 C CD1 . LEU B 1 27  ? 19.470  0.503   -3.236  1.00 22.52 ? 783 LEU B CD1 1 
ATOM   1090 C CD2 . LEU B 1 27  ? 18.922  2.892   -2.681  1.00 25.33 ? 783 LEU B CD2 1 
ATOM   1091 N N   . ALA B 1 28  ? 17.873  1.943   -7.400  1.00 16.32 ? 784 ALA B N   1 
ATOM   1092 C CA  . ALA B 1 28  ? 16.585  1.675   -8.027  1.00 21.84 ? 784 ALA B CA  1 
ATOM   1093 C C   . ALA B 1 28  ? 16.637  0.521   -9.030  1.00 19.78 ? 784 ALA B C   1 
ATOM   1094 O O   . ALA B 1 28  ? 15.743  -0.335  -9.056  1.00 21.82 ? 784 ALA B O   1 
ATOM   1095 C CB  . ALA B 1 28  ? 16.041  2.938   -8.682  1.00 20.10 ? 784 ALA B CB  1 
ATOM   1096 N N   . ASP B 1 29  ? 17.679  0.503   -9.858  1.00 19.26 ? 785 ASP B N   1 
ATOM   1097 C CA  . ASP B 1 29  ? 17.846  -0.546  -10.864 1.00 22.10 ? 785 ASP B CA  1 
ATOM   1098 C C   . ASP B 1 29  ? 17.953  -1.920  -10.192 1.00 29.78 ? 785 ASP B C   1 
ATOM   1099 O O   . ASP B 1 29  ? 17.353  -2.895  -10.637 1.00 26.15 ? 785 ASP B O   1 
ATOM   1100 C CB  . ASP B 1 29  ? 19.089  -0.250  -11.701 1.00 23.34 ? 785 ASP B CB  1 
ATOM   1101 C CG  . ASP B 1 29  ? 19.136  -1.041  -12.999 1.00 29.59 ? 785 ASP B CG  1 
ATOM   1102 O OD1 . ASP B 1 29  ? 18.081  -1.481  -13.507 1.00 27.35 ? 785 ASP B OD1 1 
ATOM   1103 O OD2 . ASP B 1 29  ? 20.252  -1.198  -13.524 1.00 34.79 ? 785 ASP B OD2 1 
ATOM   1104 N N   . MET B 1 30  ? 18.703  -1.987  -9.100  1.00 27.39 ? 786 MET B N   1 
ATOM   1105 C CA  . MET B 1 30  ? 18.827  -3.231  -8.351  1.00 31.68 ? 786 MET B CA  1 
ATOM   1106 C C   . MET B 1 30  ? 17.501  -3.684  -7.756  1.00 25.64 ? 786 MET B C   1 
ATOM   1107 O O   . MET B 1 30  ? 17.116  -4.853  -7.892  1.00 26.36 ? 786 MET B O   1 
ATOM   1108 C CB  . MET B 1 30  ? 19.854  -3.071  -7.232  1.00 25.71 ? 786 MET B CB  1 
ATOM   1109 C CG  . MET B 1 30  ? 21.276  -3.051  -7.728  1.00 30.85 ? 786 MET B CG  1 
ATOM   1110 S SD  . MET B 1 30  ? 22.404  -3.276  -6.350  1.00 34.58 ? 786 MET B SD  1 
ATOM   1111 C CE  . MET B 1 30  ? 22.479  -1.601  -5.712  1.00 35.38 ? 786 MET B CE  1 
ATOM   1112 N N   . LEU B 1 31  ? 16.803  -2.756  -7.106  1.00 19.24 ? 787 LEU B N   1 
ATOM   1113 C CA  . LEU B 1 31  ? 15.576  -3.083  -6.382  1.00 21.97 ? 787 LEU B CA  1 
ATOM   1114 C C   . LEU B 1 31  ? 14.440  -3.515  -7.309  1.00 25.32 ? 787 LEU B C   1 
ATOM   1115 O O   . LEU B 1 31  ? 13.655  -4.394  -6.961  1.00 27.43 ? 787 LEU B O   1 
ATOM   1116 C CB  . LEU B 1 31  ? 15.123  -1.910  -5.507  1.00 18.35 ? 787 LEU B CB  1 
ATOM   1117 C CG  . LEU B 1 31  ? 15.983  -1.615  -4.269  1.00 27.35 ? 787 LEU B CG  1 
ATOM   1118 C CD1 . LEU B 1 31  ? 15.569  -0.316  -3.625  1.00 30.01 ? 787 LEU B CD1 1 
ATOM   1119 C CD2 . LEU B 1 31  ? 15.889  -2.760  -3.261  1.00 31.68 ? 787 LEU B CD2 1 
ATOM   1120 N N   . ARG B 1 32  ? 14.351  -2.896  -8.482  1.00 22.65 ? 788 ARG B N   1 
ATOM   1121 C CA  . ARG B 1 32  ? 13.267  -3.214  -9.424  1.00 22.85 ? 788 ARG B CA  1 
ATOM   1122 C C   . ARG B 1 32  ? 13.366  -4.637  -9.974  1.00 24.98 ? 788 ARG B C   1 
ATOM   1123 O O   . ARG B 1 32  ? 12.392  -5.177  -10.513 1.00 31.07 ? 788 ARG B O   1 
ATOM   1124 C CB  . ARG B 1 32  ? 13.264  -2.227  -10.592 1.00 27.79 ? 788 ARG B CB  1 
ATOM   1125 C CG  . ARG B 1 32  ? 14.289  -2.551  -11.652 1.00 28.38 ? 788 ARG B CG  1 
ATOM   1126 C CD  . ARG B 1 32  ? 14.333  -1.482  -12.725 1.00 35.53 ? 788 ARG B CD  1 
ATOM   1127 N NE  . ARG B 1 32  ? 15.401  -1.745  -13.684 1.00 29.99 ? 788 ARG B NE  1 
ATOM   1128 C CZ  . ARG B 1 32  ? 15.271  -2.529  -14.744 1.00 36.97 ? 788 ARG B CZ  1 
ATOM   1129 N NH1 . ARG B 1 32  ? 14.119  -3.135  -14.989 1.00 37.12 ? 788 ARG B NH1 1 
ATOM   1130 N NH2 . ARG B 1 32  ? 16.303  -2.712  -15.561 1.00 46.86 ? 788 ARG B NH2 1 
ATOM   1131 N N   . GLN B 1 33  ? 14.545  -5.234  -9.857  1.00 27.76 ? 789 GLN B N   1 
ATOM   1132 C CA  . GLN B 1 33  ? 14.794  -6.550  -10.448 1.00 36.42 ? 789 GLN B CA  1 
ATOM   1133 C C   . GLN B 1 33  ? 14.627  -7.685  -9.435  1.00 37.45 ? 789 GLN B C   1 
ATOM   1134 O O   . GLN B 1 33  ? 14.914  -8.845  -9.739  1.00 35.23 ? 789 GLN B O   1 
ATOM   1135 C CB  . GLN B 1 33  ? 16.192  -6.603  -11.076 1.00 31.81 ? 789 GLN B CB  1 
ATOM   1136 C CG  . GLN B 1 33  ? 16.457  -5.527  -12.126 1.00 38.71 ? 789 GLN B CG  1 
ATOM   1137 C CD  . GLN B 1 33  ? 17.742  -5.765  -12.900 1.00 49.52 ? 789 GLN B CD  1 
ATOM   1138 O OE1 . GLN B 1 33  ? 18.018  -6.884  -13.334 1.00 53.13 ? 789 GLN B OE1 1 
ATOM   1139 N NE2 . GLN B 1 33  ? 18.528  -4.710  -13.088 1.00 35.20 ? 789 GLN B NE2 1 
ATOM   1140 N N   . ARG B 1 34  ? 14.148  -7.354  -8.242  1.00 35.87 ? 790 ARG B N   1 
ATOM   1141 C CA  . ARG B 1 34  ? 13.985  -8.349  -7.186  1.00 46.42 ? 790 ARG B CA  1 
ATOM   1142 C C   . ARG B 1 34  ? 12.827  -9.305  -7.490  1.00 43.16 ? 790 ARG B C   1 
ATOM   1143 O O   . ARG B 1 34  ? 12.964  -10.518 -7.341  1.00 39.63 ? 790 ARG B O   1 
ATOM   1144 C CB  . ARG B 1 34  ? 13.799  -7.673  -5.821  1.00 36.90 ? 790 ARG B CB  1 
ATOM   1145 C CG  . ARG B 1 34  ? 14.002  -8.602  -4.626  1.00 49.19 ? 790 ARG B CG  1 
ATOM   1146 C CD  . ARG B 1 34  ? 13.683  -7.893  -3.311  1.00 43.00 ? 790 ARG B CD  1 
ATOM   1147 N NE  . ARG B 1 34  ? 12.442  -7.132  -3.409  1.00 42.24 ? 790 ARG B NE  1 
ATOM   1148 C CZ  . ARG B 1 34  ? 11.258  -7.566  -2.993  1.00 48.36 ? 790 ARG B CZ  1 
ATOM   1149 N NH1 . ARG B 1 34  ? 11.144  -8.761  -2.426  1.00 46.86 ? 790 ARG B NH1 1 
ATOM   1150 N NH2 . ARG B 1 34  ? 10.186  -6.801  -3.141  1.00 45.22 ? 790 ARG B NH2 1 
ATOM   1151 N N   . THR B 1 35  ? 11.692  -8.751  -7.910  1.00 29.22 ? 791 THR B N   1 
ATOM   1152 C CA  . THR B 1 35  ? 10.542  -9.558  -8.310  1.00 31.94 ? 791 THR B CA  1 
ATOM   1153 C C   . THR B 1 35  ? 10.052  -9.120  -9.682  1.00 32.32 ? 791 THR B C   1 
ATOM   1154 O O   . THR B 1 35  ? 10.789  -8.477  -10.433 1.00 32.52 ? 791 THR B O   1 
ATOM   1155 C CB  . THR B 1 35  ? 9.375   -9.501  -7.286  1.00 33.55 ? 791 THR B CB  1 
ATOM   1156 O OG1 . THR B 1 35  ? 8.649   -8.275  -7.436  1.00 46.59 ? 791 THR B OG1 1 
ATOM   1157 C CG2 . THR B 1 35  ? 9.896   -9.614  -5.856  1.00 48.56 ? 791 THR B CG2 1 
ATOM   1158 N N   . LYS B 1 36  ? 8.812   -9.467  -10.011 1.00 30.02 ? 792 LYS B N   1 
ATOM   1159 C CA  . LYS B 1 36  ? 8.283   -9.190  -11.346 1.00 30.02 ? 792 LYS B CA  1 
ATOM   1160 C C   . LYS B 1 36  ? 7.176   -8.140  -11.348 1.00 31.20 ? 792 LYS B C   1 
ATOM   1161 O O   . LYS B 1 36  ? 6.561   -7.866  -12.385 1.00 28.68 ? 792 LYS B O   1 
ATOM   1162 C CB  . LYS B 1 36  ? 7.782   -10.490 -11.996 1.00 40.62 ? 792 LYS B CB  1 
ATOM   1163 C CG  . LYS B 1 36  ? 8.865   -11.539 -12.207 1.00 48.04 ? 792 LYS B CG  1 
ATOM   1164 C CD  . LYS B 1 36  ? 8.261   -12.910 -12.493 1.00 63.13 ? 792 LYS B CD  1 
ATOM   1165 C CE  . LYS B 1 36  ? 9.330   -13.913 -12.907 1.00 70.72 ? 792 LYS B CE  1 
ATOM   1166 N NZ  . LYS B 1 36  ? 8.776   -15.286 -13.108 1.00 63.30 ? 792 LYS B NZ  1 
ATOM   1167 N N   . LYS B 1 37  ? 6.917   -7.548  -10.185 1.00 25.56 ? 793 LYS B N   1 
ATOM   1168 C CA  . LYS B 1 37  ? 5.827   -6.592  -10.070 1.00 25.93 ? 793 LYS B CA  1 
ATOM   1169 C C   . LYS B 1 37  ? 6.221   -5.396  -9.212  1.00 22.61 ? 793 LYS B C   1 
ATOM   1170 O O   . LYS B 1 37  ? 5.371   -4.745  -8.608  1.00 28.37 ? 793 LYS B O   1 
ATOM   1171 C CB  . LYS B 1 37  ? 4.561   -7.268  -9.528  1.00 23.66 ? 793 LYS B CB  1 
ATOM   1172 C CG  . LYS B 1 37  ? 4.675   -7.789  -8.104  1.00 44.64 ? 793 LYS B CG  1 
ATOM   1173 C CD  . LYS B 1 37  ? 3.316   -8.250  -7.584  1.00 50.76 ? 793 LYS B CD  1 
ATOM   1174 C CE  . LYS B 1 37  ? 3.434   -8.815  -6.175  1.00 60.71 ? 793 LYS B CE  1 
ATOM   1175 N NZ  . LYS B 1 37  ? 2.174   -9.548  -5.788  1.00 71.16 ? 793 LYS B NZ  1 
ATOM   1176 N N   . ASP B 1 38  ? 7.517   -5.098  -9.191  1.00 24.45 ? 794 ASP B N   1 
ATOM   1177 C CA  . ASP B 1 38  ? 8.033   -4.006  -8.370  1.00 20.75 ? 794 ASP B CA  1 
ATOM   1178 C C   . ASP B 1 38  ? 8.032   -2.662  -9.084  1.00 21.21 ? 794 ASP B C   1 
ATOM   1179 O O   . ASP B 1 38  ? 8.419   -2.562  -10.250 1.00 24.42 ? 794 ASP B O   1 
ATOM   1180 C CB  . ASP B 1 38  ? 9.450   -4.314  -7.890  1.00 28.56 ? 794 ASP B CB  1 
ATOM   1181 C CG  . ASP B 1 38  ? 9.486   -5.392  -6.834  1.00 34.30 ? 794 ASP B CG  1 
ATOM   1182 O OD1 . ASP B 1 38  ? 8.782   -5.250  -5.817  1.00 34.19 ? 794 ASP B OD1 1 
ATOM   1183 O OD2 . ASP B 1 38  ? 10.221  -6.377  -7.026  1.00 41.70 ? 794 ASP B OD2 1 
ATOM   1184 N N   . VAL B 1 39  ? 7.580   -1.634  -8.369  1.00 21.45 ? 795 VAL B N   1 
ATOM   1185 C CA  . VAL B 1 39  ? 7.781   -0.256  -8.794  1.00 21.80 ? 795 VAL B CA  1 
ATOM   1186 C C   . VAL B 1 39  ? 8.594   0.417   -7.701  1.00 20.06 ? 795 VAL B C   1 
ATOM   1187 O O   . VAL B 1 39  ? 8.269   0.305   -6.518  1.00 22.61 ? 795 VAL B O   1 
ATOM   1188 C CB  . VAL B 1 39  ? 6.437   0.476   -8.992  1.00 23.10 ? 795 VAL B CB  1 
ATOM   1189 C CG1 . VAL B 1 39  ? 6.674   1.958   -9.281  1.00 20.81 ? 795 VAL B CG1 1 
ATOM   1190 C CG2 . VAL B 1 39  ? 5.628   -0.189  -10.127 1.00 21.78 ? 795 VAL B CG2 1 
ATOM   1191 N N   . VAL B 1 40  ? 9.666   1.084   -8.091  1.00 16.65 ? 796 VAL B N   1 
ATOM   1192 C CA  . VAL B 1 40  ? 10.573  1.695   -7.117  1.00 21.95 ? 796 VAL B CA  1 
ATOM   1193 C C   . VAL B 1 40  ? 10.625  3.193   -7.351  1.00 25.19 ? 796 VAL B C   1 
ATOM   1194 O O   . VAL B 1 40  ? 10.906  3.636   -8.457  1.00 21.91 ? 796 VAL B O   1 
ATOM   1195 C CB  . VAL B 1 40  ? 11.995  1.103   -7.237  1.00 22.55 ? 796 VAL B CB  1 
ATOM   1196 C CG1 . VAL B 1 40  ? 12.936  1.745   -6.228  1.00 23.20 ? 796 VAL B CG1 1 
ATOM   1197 C CG2 . VAL B 1 40  ? 11.962  -0.399  -7.062  1.00 18.52 ? 796 VAL B CG2 1 
ATOM   1198 N N   . PHE B 1 41  ? 10.332  3.972   -6.317  1.00 19.45 ? 797 PHE B N   1 
ATOM   1199 C CA  . PHE B 1 41  ? 10.374  5.426   -6.431  1.00 17.04 ? 797 PHE B CA  1 
ATOM   1200 C C   . PHE B 1 41  ? 11.200  5.963   -5.271  1.00 20.88 ? 797 PHE B C   1 
ATOM   1201 O O   . PHE B 1 41  ? 10.735  6.011   -4.135  1.00 19.91 ? 797 PHE B O   1 
ATOM   1202 C CB  . PHE B 1 41  ? 8.964   6.017   -6.408  1.00 17.22 ? 797 PHE B CB  1 
ATOM   1203 C CG  . PHE B 1 41  ? 8.919   7.531   -6.332  1.00 20.73 ? 797 PHE B CG  1 
ATOM   1204 C CD1 . PHE B 1 41  ? 9.789   8.317   -7.090  1.00 17.54 ? 797 PHE B CD1 1 
ATOM   1205 C CD2 . PHE B 1 41  ? 7.984   8.164   -5.526  1.00 22.89 ? 797 PHE B CD2 1 
ATOM   1206 C CE1 . PHE B 1 41  ? 9.726   9.697   -7.027  1.00 23.83 ? 797 PHE B CE1 1 
ATOM   1207 C CE2 . PHE B 1 41  ? 7.919   9.558   -5.452  1.00 23.62 ? 797 PHE B CE2 1 
ATOM   1208 C CZ  . PHE B 1 41  ? 8.783   10.321  -6.207  1.00 22.94 ? 797 PHE B CZ  1 
ATOM   1209 N N   . ILE B 1 42  ? 12.440  6.337   -5.555  1.00 15.60 ? 798 ILE B N   1 
ATOM   1210 C CA  . ILE B 1 42  ? 13.315  6.824   -4.499  1.00 14.91 ? 798 ILE B CA  1 
ATOM   1211 C C   . ILE B 1 42  ? 13.922  8.163   -4.848  1.00 22.14 ? 798 ILE B C   1 
ATOM   1212 O O   . ILE B 1 42  ? 14.074  8.514   -6.024  1.00 17.46 ? 798 ILE B O   1 
ATOM   1213 C CB  . ILE B 1 42  ? 14.417  5.793   -4.116  1.00 17.90 ? 798 ILE B CB  1 
ATOM   1214 C CG1 . ILE B 1 42  ? 15.256  5.413   -5.343  1.00 21.98 ? 798 ILE B CG1 1 
ATOM   1215 C CG2 . ILE B 1 42  ? 13.783  4.570   -3.484  1.00 23.47 ? 798 ILE B CG2 1 
ATOM   1216 C CD1 . ILE B 1 42  ? 16.328  4.354   -5.048  1.00 25.42 ? 798 ILE B CD1 1 
ATOM   1217 N N   . ALA B 1 43  ? 14.259  8.918   -3.816  1.00 19.89 ? 799 ALA B N   1 
ATOM   1218 C CA  . ALA B 1 43  ? 14.693  10.280  -4.007  1.00 22.64 ? 799 ALA B CA  1 
ATOM   1219 C C   . ALA B 1 43  ? 15.756  10.637  -2.988  1.00 19.82 ? 799 ALA B C   1 
ATOM   1220 O O   . ALA B 1 43  ? 15.948  9.924   -1.995  1.00 20.94 ? 799 ALA B O   1 
ATOM   1221 C CB  . ALA B 1 43  ? 13.515  11.221  -3.887  1.00 18.49 ? 799 ALA B CB  1 
ATOM   1222 N N   . SER B 1 44  ? 16.436  11.746  -3.245  1.00 17.64 ? 800 SER B N   1 
ATOM   1223 C CA  . SER B 1 44  ? 17.458  12.254  -2.334  1.00 21.83 ? 800 SER B CA  1 
ATOM   1224 C C   . SER B 1 44  ? 17.405  13.770  -2.333  1.00 20.44 ? 800 SER B C   1 
ATOM   1225 O O   . SER B 1 44  ? 17.433  14.395  -3.388  1.00 20.58 ? 800 SER B O   1 
ATOM   1226 C CB  . SER B 1 44  ? 18.843  11.792  -2.770  1.00 26.09 ? 800 SER B CB  1 
ATOM   1227 O OG  . SER B 1 44  ? 19.823  12.152  -1.809  1.00 33.92 ? 800 SER B OG  1 
ATOM   1228 N N   . ARG B 1 45  ? 17.319  14.345  -1.142  1.00 21.15 ? 801 ARG B N   1 
ATOM   1229 C CA  . ARG B 1 45  ? 17.305  15.787  -0.978  1.00 22.58 ? 801 ARG B CA  1 
ATOM   1230 C C   . ARG B 1 45  ? 18.724  16.316  -1.035  1.00 29.41 ? 801 ARG B C   1 
ATOM   1231 O O   . ARG B 1 45  ? 19.653  15.725  -0.469  1.00 29.97 ? 801 ARG B O   1 
ATOM   1232 C CB  . ARG B 1 45  ? 16.677  16.151  0.357   1.00 23.41 ? 801 ARG B CB  1 
ATOM   1233 C CG  . ARG B 1 45  ? 15.348  15.472  0.616   1.00 37.23 ? 801 ARG B CG  1 
ATOM   1234 C CD  . ARG B 1 45  ? 14.953  15.632  2.070   1.00 55.66 ? 801 ARG B CD  1 
ATOM   1235 N NE  . ARG B 1 45  ? 15.139  17.007  2.518   1.00 63.83 ? 801 ARG B NE  1 
ATOM   1236 C CZ  . ARG B 1 45  ? 14.146  17.825  2.847   1.00 65.62 ? 801 ARG B CZ  1 
ATOM   1237 N NH1 . ARG B 1 45  ? 12.890  17.402  2.793   1.00 66.59 ? 801 ARG B NH1 1 
ATOM   1238 N NH2 . ARG B 1 45  ? 14.411  19.063  3.239   1.00 61.04 ? 801 ARG B NH2 1 
ATOM   1239 N N   . LYS B 1 46  ? 18.875  17.437  -1.726  1.00 27.31 ? 802 LYS B N   1 
ATOM   1240 C CA  . LYS B 1 46  ? 20.151  18.120  -1.884  1.00 32.70 ? 802 LYS B CA  1 
ATOM   1241 C C   . LYS B 1 46  ? 19.892  19.610  -1.763  1.00 31.58 ? 802 LYS B C   1 
ATOM   1242 O O   . LYS B 1 46  ? 19.690  20.281  -2.769  1.00 28.79 ? 802 LYS B O   1 
ATOM   1243 C CB  . LYS B 1 46  ? 20.730  17.854  -3.274  1.00 32.60 ? 802 LYS B CB  1 
ATOM   1244 C CG  . LYS B 1 46  ? 21.973  16.998  -3.311  1.00 48.61 ? 802 LYS B CG  1 
ATOM   1245 C CD  . LYS B 1 46  ? 22.611  17.051  -4.691  1.00 46.90 ? 802 LYS B CD  1 
ATOM   1246 C CE  . LYS B 1 46  ? 23.960  16.351  -4.710  1.00 56.72 ? 802 LYS B CE  1 
ATOM   1247 N NZ  . LYS B 1 46  ? 24.532  16.276  -6.087  1.00 56.15 ? 802 LYS B NZ  1 
ATOM   1248 N N   . GLY B 1 47  ? 19.880  20.122  -0.537  1.00 27.28 ? 803 GLY B N   1 
ATOM   1249 C CA  . GLY B 1 47  ? 19.586  21.528  -0.320  1.00 26.84 ? 803 GLY B CA  1 
ATOM   1250 C C   . GLY B 1 47  ? 18.185  21.902  -0.764  1.00 26.09 ? 803 GLY B C   1 
ATOM   1251 O O   . GLY B 1 47  ? 17.201  21.375  -0.254  1.00 39.99 ? 803 GLY B O   1 
ATOM   1252 N N   . ASP B 1 48  ? 18.103  22.814  -1.725  1.00 21.23 ? 804 ASP B N   1 
ATOM   1253 C CA  . ASP B 1 48  ? 16.826  23.272  -2.256  1.00 32.27 ? 804 ASP B CA  1 
ATOM   1254 C C   . ASP B 1 48  ? 16.420  22.438  -3.468  1.00 25.40 ? 804 ASP B C   1 
ATOM   1255 O O   . ASP B 1 48  ? 15.514  22.800  -4.222  1.00 23.03 ? 804 ASP B O   1 
ATOM   1256 C CB  . ASP B 1 48  ? 16.920  24.743  -2.653  1.00 34.05 ? 804 ASP B CB  1 
ATOM   1257 C CG  . ASP B 1 48  ? 17.957  24.988  -3.735  1.00 44.55 ? 804 ASP B CG  1 
ATOM   1258 O OD1 . ASP B 1 48  ? 18.980  24.264  -3.758  1.00 38.97 ? 804 ASP B OD1 1 
ATOM   1259 O OD2 . ASP B 1 48  ? 17.750  25.905  -4.557  1.00 38.30 ? 804 ASP B OD2 1 
ATOM   1260 N N   . LYS B 1 49  ? 17.110  21.325  -3.664  1.00 29.66 ? 805 LYS B N   1 
ATOM   1261 C CA  . LYS B 1 49  ? 16.821  20.465  -4.804  1.00 21.82 ? 805 LYS B CA  1 
ATOM   1262 C C   . LYS B 1 49  ? 16.521  19.048  -4.348  1.00 26.74 ? 805 LYS B C   1 
ATOM   1263 O O   . LYS B 1 49  ? 16.738  18.679  -3.188  1.00 23.47 ? 805 LYS B O   1 
ATOM   1264 C CB  . LYS B 1 49  ? 17.989  20.471  -5.797  1.00 29.20 ? 805 LYS B CB  1 
ATOM   1265 C CG  . LYS B 1 49  ? 18.118  21.779  -6.596  1.00 30.81 ? 805 LYS B CG  1 
ATOM   1266 C CD  . LYS B 1 49  ? 19.338  21.745  -7.501  1.00 48.94 ? 805 LYS B CD  1 
ATOM   1267 C CE  . LYS B 1 49  ? 19.455  23.025  -8.320  1.00 56.86 ? 805 LYS B CE  1 
ATOM   1268 N NZ  . LYS B 1 49  ? 20.687  23.036  -9.162  1.00 56.87 ? 805 LYS B NZ  1 
ATOM   1269 N N   . ILE B 1 50  ? 16.008  18.252  -5.274  1.00 23.72 ? 806 ILE B N   1 
ATOM   1270 C CA  . ILE B 1 50  ? 15.743  16.859  -4.996  1.00 16.96 ? 806 ILE B CA  1 
ATOM   1271 C C   . ILE B 1 50  ? 15.969  16.081  -6.295  1.00 20.93 ? 806 ILE B C   1 
ATOM   1272 O O   . ILE B 1 50  ? 15.582  16.532  -7.371  1.00 22.26 ? 806 ILE B O   1 
ATOM   1273 C CB  . ILE B 1 50  ? 14.313  16.648  -4.419  1.00 20.68 ? 806 ILE B CB  1 
ATOM   1274 C CG1 . ILE B 1 50  ? 14.039  15.157  -4.188  1.00 19.25 ? 806 ILE B CG1 1 
ATOM   1275 C CG2 . ILE B 1 50  ? 13.226  17.252  -5.339  1.00 19.71 ? 806 ILE B CG2 1 
ATOM   1276 C CD1 . ILE B 1 50  ? 12.824  14.881  -3.288  1.00 20.56 ? 806 ILE B CD1 1 
ATOM   1277 N N   . ASN B 1 51  ? 16.669  14.954  -6.191  1.00 19.92 ? 807 ASN B N   1 
ATOM   1278 C CA  . ASN B 1 51  ? 16.873  14.057  -7.325  1.00 17.88 ? 807 ASN B CA  1 
ATOM   1279 C C   . ASN B 1 51  ? 16.005  12.821  -7.081  1.00 19.99 ? 807 ASN B C   1 
ATOM   1280 O O   . ASN B 1 51  ? 15.807  12.421  -5.934  1.00 20.99 ? 807 ASN B O   1 
ATOM   1281 C CB  . ASN B 1 51  ? 18.356  13.679  -7.434  1.00 19.21 ? 807 ASN B CB  1 
ATOM   1282 C CG  . ASN B 1 51  ? 19.258  14.894  -7.640  1.00 30.67 ? 807 ASN B CG  1 
ATOM   1283 O OD1 . ASN B 1 51  ? 20.215  15.107  -6.895  1.00 41.61 ? 807 ASN B OD1 1 
ATOM   1284 N ND2 . ASN B 1 51  ? 18.941  15.704  -8.639  1.00 24.36 ? 807 ASN B ND2 1 
ATOM   1285 N N   . PHE B 1 52  ? 15.462  12.231  -8.143  1.00 19.35 ? 808 PHE B N   1 
ATOM   1286 C CA  . PHE B 1 52  ? 14.584  11.093  -7.958  1.00 18.60 ? 808 PHE B CA  1 
ATOM   1287 C C   . PHE B 1 52  ? 14.663  10.134  -9.146  1.00 22.00 ? 808 PHE B C   1 
ATOM   1288 O O   . PHE B 1 52  ? 15.044  10.515  -10.258 1.00 19.24 ? 808 PHE B O   1 
ATOM   1289 C CB  . PHE B 1 52  ? 13.138  11.550  -7.693  1.00 17.51 ? 808 PHE B CB  1 
ATOM   1290 C CG  . PHE B 1 52  ? 12.648  12.611  -8.649  1.00 19.13 ? 808 PHE B CG  1 
ATOM   1291 C CD1 . PHE B 1 52  ? 12.869  13.957  -8.388  1.00 16.23 ? 808 PHE B CD1 1 
ATOM   1292 C CD2 . PHE B 1 52  ? 11.989  12.262  -9.815  1.00 22.19 ? 808 PHE B CD2 1 
ATOM   1293 C CE1 . PHE B 1 52  ? 12.443  14.931  -9.270  1.00 18.42 ? 808 PHE B CE1 1 
ATOM   1294 C CE2 . PHE B 1 52  ? 11.552  13.232  -10.706 1.00 18.95 ? 808 PHE B CE2 1 
ATOM   1295 C CZ  . PHE B 1 52  ? 11.782  14.573  -10.441 1.00 18.69 ? 808 PHE B CZ  1 
ATOM   1296 N N   . VAL B 1 53  ? 14.312  8.881   -8.887  1.00 18.23 ? 809 VAL B N   1 
ATOM   1297 C CA  . VAL B 1 53  ? 14.334  7.845   -9.906  1.00 17.51 ? 809 VAL B CA  1 
ATOM   1298 C C   . VAL B 1 53  ? 13.093  6.994   -9.779  1.00 17.82 ? 809 VAL B C   1 
ATOM   1299 O O   . VAL B 1 53  ? 12.626  6.707   -8.669  1.00 17.28 ? 809 VAL B O   1 
ATOM   1300 C CB  . VAL B 1 53  ? 15.544  6.894   -9.704  1.00 21.15 ? 809 VAL B CB  1 
ATOM   1301 C CG1 . VAL B 1 53  ? 15.537  5.792   -10.760 1.00 18.61 ? 809 VAL B CG1 1 
ATOM   1302 C CG2 . VAL B 1 53  ? 16.861  7.676   -9.724  1.00 28.11 ? 809 VAL B CG2 1 
ATOM   1303 N N   . ILE B 1 54  ? 12.563  6.568   -10.919 1.00 17.60 ? 810 ILE B N   1 
ATOM   1304 C CA  . ILE B 1 54  ? 11.526  5.560   -10.909 1.00 19.95 ? 810 ILE B CA  1 
ATOM   1305 C C   . ILE B 1 54  ? 12.034  4.357   -11.695 1.00 20.01 ? 810 ILE B C   1 
ATOM   1306 O O   . ILE B 1 54  ? 12.477  4.487   -12.845 1.00 21.19 ? 810 ILE B O   1 
ATOM   1307 C CB  . ILE B 1 54  ? 10.198  6.072   -11.502 1.00 18.20 ? 810 ILE B CB  1 
ATOM   1308 C CG1 . ILE B 1 54  ? 9.590   7.152   -10.595 1.00 22.01 ? 810 ILE B CG1 1 
ATOM   1309 C CG2 . ILE B 1 54  ? 9.221   4.914   -11.670 1.00 21.58 ? 810 ILE B CG2 1 
ATOM   1310 C CD1 . ILE B 1 54  ? 8.413   7.871   -11.197 1.00 25.96 ? 810 ILE B CD1 1 
ATOM   1311 N N   . GLY B 1 55  ? 11.981  3.190   -11.059 1.00 17.37 ? 811 GLY B N   1 
ATOM   1312 C CA  . GLY B 1 55  ? 12.376  1.932   -11.701 1.00 18.07 ? 811 GLY B CA  1 
ATOM   1313 C C   . GLY B 1 55  ? 11.226  0.942   -11.654 1.00 23.03 ? 811 GLY B C   1 
ATOM   1314 O O   . GLY B 1 55  ? 10.475  0.895   -10.682 1.00 20.43 ? 811 GLY B O   1 
ATOM   1315 N N   . VAL B 1 56  ? 11.084  0.150   -12.710 1.00 18.46 ? 812 VAL B N   1 
ATOM   1316 C CA  . VAL B 1 56  ? 9.957   -0.769  -12.844 1.00 21.59 ? 812 VAL B CA  1 
ATOM   1317 C C   . VAL B 1 56  ? 10.474  -2.129  -13.311 1.00 20.24 ? 812 VAL B C   1 
ATOM   1318 O O   . VAL B 1 56  ? 11.316  -2.194  -14.211 1.00 19.93 ? 812 VAL B O   1 
ATOM   1319 C CB  . VAL B 1 56  ? 8.945   -0.230  -13.894 1.00 27.10 ? 812 VAL B CB  1 
ATOM   1320 C CG1 . VAL B 1 56  ? 7.770   -1.174  -14.068 1.00 31.00 ? 812 VAL B CG1 1 
ATOM   1321 C CG2 . VAL B 1 56  ? 8.465   1.175   -13.513 1.00 25.78 ? 812 VAL B CG2 1 
ATOM   1322 N N   . SER B 1 57  ? 9.986   -3.199  -12.688 1.00 18.96 ? 813 SER B N   1 
ATOM   1323 C CA  . SER B 1 57  ? 10.303  -4.553  -13.135 1.00 22.63 ? 813 SER B CA  1 
ATOM   1324 C C   . SER B 1 57  ? 9.988   -4.678  -14.625 1.00 26.95 ? 813 SER B C   1 
ATOM   1325 O O   . SER B 1 57  ? 8.928   -4.247  -15.085 1.00 22.04 ? 813 SER B O   1 
ATOM   1326 C CB  . SER B 1 57  ? 9.486   -5.598  -12.366 1.00 30.69 ? 813 SER B CB  1 
ATOM   1327 O OG  . SER B 1 57  ? 9.676   -5.518  -10.960 1.00 23.59 ? 813 SER B OG  1 
ATOM   1328 N N   . LYS B 1 58  ? 10.911  -5.266  -15.374 1.00 27.13 ? 814 LYS B N   1 
ATOM   1329 C CA  . LYS B 1 58  ? 10.721  -5.484  -16.815 1.00 35.12 ? 814 LYS B CA  1 
ATOM   1330 C C   . LYS B 1 58  ? 9.299   -5.940  -17.129 1.00 25.06 ? 814 LYS B C   1 
ATOM   1331 O O   . LYS B 1 58  ? 8.633   -5.386  -18.016 1.00 29.00 ? 814 LYS B O   1 
ATOM   1332 C CB  . LYS B 1 58  ? 11.707  -6.549  -17.310 1.00 38.95 ? 814 LYS B CB  1 
ATOM   1333 C CG  . LYS B 1 58  ? 11.414  -7.084  -18.711 1.00 41.67 ? 814 LYS B CG  1 
ATOM   1334 C CD  . LYS B 1 58  ? 11.763  -8.564  -18.820 1.00 44.38 ? 814 LYS B CD  1 
ATOM   1335 C CE  . LYS B 1 58  ? 11.350  -9.142  -20.172 1.00 44.66 ? 814 LYS B CE  1 
ATOM   1336 N NZ  . LYS B 1 58  ? 11.141  -10.617 -20.115 1.00 36.30 ? 814 LYS B NZ  1 
ATOM   1337 N N   . GLU B 1 59  ? 8.850   -6.951  -16.389 1.00 25.46 ? 815 GLU B N   1 
ATOM   1338 C CA  . GLU B 1 59  ? 7.600   -7.660  -16.663 1.00 38.10 ? 815 GLU B CA  1 
ATOM   1339 C C   . GLU B 1 59  ? 6.331   -6.829  -16.468 1.00 45.53 ? 815 GLU B C   1 
ATOM   1340 O O   . GLU B 1 59  ? 5.247   -7.259  -16.861 1.00 38.97 ? 815 GLU B O   1 
ATOM   1341 C CB  . GLU B 1 59  ? 7.505   -8.932  -15.809 1.00 32.91 ? 815 GLU B CB  1 
ATOM   1342 C CG  . GLU B 1 59  ? 8.566   -9.988  -16.101 1.00 51.26 ? 815 GLU B CG  1 
ATOM   1343 C CD  . GLU B 1 59  ? 9.877   -9.747  -15.366 1.00 56.36 ? 815 GLU B CD  1 
ATOM   1344 O OE1 . GLU B 1 59  ? 9.941   -8.822  -14.526 1.00 39.54 ? 815 GLU B OE1 1 
ATOM   1345 O OE2 . GLU B 1 59  ? 10.849  -10.493 -15.627 1.00 53.29 ? 815 GLU B OE2 1 
ATOM   1346 N N   . ILE B 1 60  ? 6.448   -5.657  -15.848 1.00 31.37 ? 816 ILE B N   1 
ATOM   1347 C CA  . ILE B 1 60  ? 5.288   -4.777  -15.731 1.00 22.75 ? 816 ILE B CA  1 
ATOM   1348 C C   . ILE B 1 60  ? 5.545   -3.423  -16.384 1.00 26.12 ? 816 ILE B C   1 
ATOM   1349 O O   . ILE B 1 60  ? 4.746   -2.500  -16.241 1.00 22.17 ? 816 ILE B O   1 
ATOM   1350 C CB  . ILE B 1 60  ? 4.819   -4.584  -14.262 1.00 26.66 ? 816 ILE B CB  1 
ATOM   1351 C CG1 . ILE B 1 60  ? 5.964   -4.062  -13.391 1.00 28.63 ? 816 ILE B CG1 1 
ATOM   1352 C CG2 . ILE B 1 60  ? 4.255   -5.888  -13.700 1.00 33.09 ? 816 ILE B CG2 1 
ATOM   1353 C CD1 . ILE B 1 60  ? 5.504   -3.381  -12.104 1.00 28.50 ? 816 ILE B CD1 1 
ATOM   1354 N N   . SER B 1 61  ? 6.654   -3.306  -17.110 1.00 22.68 ? 817 SER B N   1 
ATOM   1355 C CA  . SER B 1 61  ? 6.986   -2.029  -17.742 1.00 24.70 ? 817 SER B CA  1 
ATOM   1356 C C   . SER B 1 61  ? 6.062   -1.737  -18.932 1.00 28.90 ? 817 SER B C   1 
ATOM   1357 O O   . SER B 1 61  ? 6.103   -0.647  -19.511 1.00 25.06 ? 817 SER B O   1 
ATOM   1358 C CB  . SER B 1 61  ? 8.460   -1.968  -18.148 1.00 31.64 ? 817 SER B CB  1 
ATOM   1359 O OG  . SER B 1 61  ? 8.734   -2.857  -19.213 1.00 29.29 ? 817 SER B OG  1 
ATOM   1360 N N   . ASP B 1 62  ? 5.223   -2.710  -19.276 1.00 29.40 ? 818 ASP B N   1 
ATOM   1361 C CA  . ASP B 1 62  ? 4.158   -2.501  -20.256 1.00 31.44 ? 818 ASP B CA  1 
ATOM   1362 C C   . ASP B 1 62  ? 2.923   -1.852  -19.625 1.00 27.25 ? 818 ASP B C   1 
ATOM   1363 O O   . ASP B 1 62  ? 2.065   -1.322  -20.330 1.00 36.47 ? 818 ASP B O   1 
ATOM   1364 C CB  . ASP B 1 62  ? 3.777   -3.817  -20.944 1.00 32.58 ? 818 ASP B CB  1 
ATOM   1365 C CG  . ASP B 1 62  ? 3.291   -4.884  -19.971 1.00 36.49 ? 818 ASP B CG  1 
ATOM   1366 O OD1 . ASP B 1 62  ? 3.866   -5.016  -18.866 1.00 29.61 ? 818 ASP B OD1 1 
ATOM   1367 O OD2 . ASP B 1 62  ? 2.342   -5.616  -20.332 1.00 40.00 ? 818 ASP B OD2 1 
ATOM   1368 N N   . LYS B 1 63  ? 2.847   -1.898  -18.296 1.00 25.03 ? 819 LYS B N   1 
ATOM   1369 C CA  . LYS B 1 63  ? 1.713   -1.342  -17.553 1.00 21.19 ? 819 LYS B CA  1 
ATOM   1370 C C   . LYS B 1 63  ? 2.074   -0.071  -16.795 1.00 25.41 ? 819 LYS B C   1 
ATOM   1371 O O   . LYS B 1 63  ? 1.221   0.787   -16.559 1.00 24.89 ? 819 LYS B O   1 
ATOM   1372 C CB  . LYS B 1 63  ? 1.167   -2.388  -16.576 1.00 28.15 ? 819 LYS B CB  1 
ATOM   1373 C CG  . LYS B 1 63  ? 0.802   -3.713  -17.235 1.00 39.13 ? 819 LYS B CG  1 
ATOM   1374 C CD  . LYS B 1 63  ? 0.659   -4.826  -16.206 1.00 40.82 ? 819 LYS B CD  1 
ATOM   1375 C CE  . LYS B 1 63  ? 0.625   -6.202  -16.876 1.00 48.96 ? 819 LYS B CE  1 
ATOM   1376 N NZ  . LYS B 1 63  ? 1.931   -6.584  -17.512 1.00 34.63 ? 819 LYS B NZ  1 
ATOM   1377 N N   . VAL B 1 64  ? 3.341   0.037   -16.401 1.00 22.73 ? 820 VAL B N   1 
ATOM   1378 C CA  . VAL B 1 64  ? 3.838   1.228   -15.721 1.00 21.30 ? 820 VAL B CA  1 
ATOM   1379 C C   . VAL B 1 64  ? 5.064   1.701   -16.490 1.00 22.94 ? 820 VAL B C   1 
ATOM   1380 O O   . VAL B 1 64  ? 6.089   1.026   -16.499 1.00 25.38 ? 820 VAL B O   1 
ATOM   1381 C CB  . VAL B 1 64  ? 4.279   0.936   -14.275 1.00 23.06 ? 820 VAL B CB  1 
ATOM   1382 C CG1 . VAL B 1 64  ? 4.775   2.233   -13.600 1.00 18.90 ? 820 VAL B CG1 1 
ATOM   1383 C CG2 . VAL B 1 64  ? 3.154   0.312   -13.474 1.00 26.40 ? 820 VAL B CG2 1 
ATOM   1384 N N   . ASN B 1 65  ? 4.942   2.852   -17.140 1.00 22.74 ? 821 ASN B N   1 
ATOM   1385 C CA  . ASN B 1 65  ? 6.018   3.382   -17.960 1.00 26.64 ? 821 ASN B CA  1 
ATOM   1386 C C   . ASN B 1 65  ? 6.747   4.459   -17.167 1.00 21.38 ? 821 ASN B C   1 
ATOM   1387 O O   . ASN B 1 65  ? 6.193   5.534   -16.924 1.00 20.96 ? 821 ASN B O   1 
ATOM   1388 C CB  . ASN B 1 65  ? 5.422   3.954   -19.251 1.00 21.23 ? 821 ASN B CB  1 
ATOM   1389 C CG  . ASN B 1 65  ? 6.479   4.463   -20.214 1.00 29.57 ? 821 ASN B CG  1 
ATOM   1390 O OD1 . ASN B 1 65  ? 7.378   5.214   -19.832 1.00 31.37 ? 821 ASN B OD1 1 
ATOM   1391 N ND2 . ASN B 1 65  ? 6.378   4.052   -21.466 1.00 22.88 ? 821 ASN B ND2 1 
ATOM   1392 N N   . ALA B 1 66  ? 7.976   4.170   -16.739 1.00 19.74 ? 822 ALA B N   1 
ATOM   1393 C CA  . ALA B 1 66  ? 8.691   5.087   -15.847 1.00 19.64 ? 822 ALA B CA  1 
ATOM   1394 C C   . ALA B 1 66  ? 8.840   6.488   -16.440 1.00 23.80 ? 822 ALA B C   1 
ATOM   1395 O O   . ALA B 1 66  ? 8.707   7.488   -15.729 1.00 23.22 ? 822 ALA B O   1 
ATOM   1396 C CB  . ALA B 1 66  ? 10.058  4.516   -15.462 1.00 24.38 ? 822 ALA B CB  1 
ATOM   1397 N N   . LYS B 1 67  ? 9.115   6.546   -17.745 1.00 20.24 ? 823 LYS B N   1 
ATOM   1398 C CA  . LYS B 1 67  ? 9.310   7.812   -18.466 1.00 20.72 ? 823 LYS B CA  1 
ATOM   1399 C C   . LYS B 1 67  ? 8.038   8.654   -18.410 1.00 23.53 ? 823 LYS B C   1 
ATOM   1400 O O   . LYS B 1 67  ? 8.092   9.861   -18.167 1.00 28.76 ? 823 LYS B O   1 
ATOM   1401 C CB  . LYS B 1 67  ? 9.743   7.523   -19.914 1.00 27.51 ? 823 LYS B CB  1 
ATOM   1402 C CG  . LYS B 1 67  ? 9.671   8.693   -20.923 1.00 30.35 ? 823 LYS B CG  1 
ATOM   1403 C CD  . LYS B 1 67  ? 10.168  8.206   -22.293 1.00 31.19 ? 823 LYS B CD  1 
ATOM   1404 C CE  . LYS B 1 67  ? 9.811   9.146   -23.439 1.00 41.27 ? 823 LYS B CE  1 
ATOM   1405 N NZ  . LYS B 1 67  ? 10.134  8.526   -24.775 1.00 36.17 ? 823 LYS B NZ  1 
ATOM   1406 N N   . GLU B 1 68  ? 6.890   8.011   -18.611 1.00 20.50 ? 824 GLU B N   1 
ATOM   1407 C CA  . GLU B 1 68  ? 5.606   8.709   -18.544 1.00 22.80 ? 824 GLU B CA  1 
ATOM   1408 C C   . GLU B 1 68  ? 5.312   9.166   -17.118 1.00 27.85 ? 824 GLU B C   1 
ATOM   1409 O O   . GLU B 1 68  ? 4.998   10.335  -16.872 1.00 26.19 ? 824 GLU B O   1 
ATOM   1410 C CB  . GLU B 1 68  ? 4.473   7.789   -19.032 1.00 31.30 ? 824 GLU B CB  1 
ATOM   1411 C CG  . GLU B 1 68  ? 3.071   8.229   -18.579 1.00 49.41 ? 824 GLU B CG  1 
ATOM   1412 C CD  . GLU B 1 68  ? 1.959   7.257   -18.978 1.00 51.34 ? 824 GLU B CD  1 
ATOM   1413 O OE1 . GLU B 1 68  ? 2.257   6.108   -19.374 1.00 40.17 ? 824 GLU B OE1 1 
ATOM   1414 O OE2 . GLU B 1 68  ? 0.778   7.648   -18.886 1.00 51.81 ? 824 GLU B OE2 1 
ATOM   1415 N N   . VAL B 1 69  ? 5.416   8.230   -16.180 1.00 23.00 ? 825 VAL B N   1 
ATOM   1416 C CA  . VAL B 1 69  ? 5.087   8.501   -14.781 1.00 18.27 ? 825 VAL B CA  1 
ATOM   1417 C C   . VAL B 1 69  ? 5.992   9.565   -14.157 1.00 29.42 ? 825 VAL B C   1 
ATOM   1418 O O   . VAL B 1 69  ? 5.532   10.373  -13.345 1.00 24.73 ? 825 VAL B O   1 
ATOM   1419 C CB  . VAL B 1 69  ? 5.110   7.209   -13.928 1.00 27.31 ? 825 VAL B CB  1 
ATOM   1420 C CG1 . VAL B 1 69  ? 4.849   7.537   -12.461 1.00 27.99 ? 825 VAL B CG1 1 
ATOM   1421 C CG2 . VAL B 1 69  ? 4.069   6.219   -14.431 1.00 26.80 ? 825 VAL B CG2 1 
ATOM   1422 N N   . ILE B 1 70  ? 7.267   9.583   -14.546 1.00 21.32 ? 826 ILE B N   1 
ATOM   1423 C CA  . ILE B 1 70  ? 8.204   10.547  -13.967 1.00 24.75 ? 826 ILE B CA  1 
ATOM   1424 C C   . ILE B 1 70  ? 7.864   11.999  -14.339 1.00 20.09 ? 826 ILE B C   1 
ATOM   1425 O O   . ILE B 1 70  ? 8.119   12.912  -13.568 1.00 22.36 ? 826 ILE B O   1 
ATOM   1426 C CB  . ILE B 1 70  ? 9.689   10.203  -14.255 1.00 25.80 ? 826 ILE B CB  1 
ATOM   1427 C CG1 . ILE B 1 70  ? 10.569  10.718  -13.113 1.00 34.26 ? 826 ILE B CG1 1 
ATOM   1428 C CG2 . ILE B 1 70  ? 10.137  10.755  -15.591 1.00 27.20 ? 826 ILE B CG2 1 
ATOM   1429 C CD1 . ILE B 1 70  ? 11.881  10.009  -12.988 1.00 31.88 ? 826 ILE B CD1 1 
ATOM   1430 N N   . ARG B 1 71  ? 7.293   12.205  -15.521 1.00 21.83 ? 827 ARG B N   1 
ATOM   1431 C CA  . ARG B 1 71  ? 6.810   13.523  -15.907 1.00 22.06 ? 827 ARG B CA  1 
ATOM   1432 C C   . ARG B 1 71  ? 5.786   14.077  -14.928 1.00 29.73 ? 827 ARG B C   1 
ATOM   1433 O O   . ARG B 1 71  ? 5.893   15.223  -14.483 1.00 25.21 ? 827 ARG B O   1 
ATOM   1434 C CB  . ARG B 1 71  ? 6.166   13.473  -17.286 1.00 30.32 ? 827 ARG B CB  1 
ATOM   1435 C CG  . ARG B 1 71  ? 7.125   13.324  -18.420 1.00 27.34 ? 827 ARG B CG  1 
ATOM   1436 C CD  . ARG B 1 71  ? 6.335   13.099  -19.695 1.00 31.76 ? 827 ARG B CD  1 
ATOM   1437 N NE  . ARG B 1 71  ? 7.196   12.708  -20.798 1.00 36.53 ? 827 ARG B NE  1 
ATOM   1438 C CZ  . ARG B 1 71  ? 6.766   12.111  -21.904 1.00 36.08 ? 827 ARG B CZ  1 
ATOM   1439 N NH1 . ARG B 1 71  ? 5.478   11.821  -22.064 1.00 34.16 ? 827 ARG B NH1 1 
ATOM   1440 N NH2 . ARG B 1 71  ? 7.635   11.801  -22.852 1.00 24.74 ? 827 ARG B NH2 1 
ATOM   1441 N N   . GLU B 1 72  ? 4.770   13.279  -14.612 1.00 24.11 ? 828 GLU B N   1 
ATOM   1442 C CA  . GLU B 1 72  ? 3.696   13.766  -13.746 1.00 29.79 ? 828 GLU B CA  1 
ATOM   1443 C C   . GLU B 1 72  ? 4.164   13.879  -12.308 1.00 22.23 ? 828 GLU B C   1 
ATOM   1444 O O   . GLU B 1 72  ? 3.956   14.899  -11.656 1.00 27.57 ? 828 GLU B O   1 
ATOM   1445 C CB  . GLU B 1 72  ? 2.433   12.904  -13.857 1.00 34.07 ? 828 GLU B CB  1 
ATOM   1446 C CG  . GLU B 1 72  ? 1.608   13.190  -15.108 1.00 41.25 ? 828 GLU B CG  1 
ATOM   1447 C CD  . GLU B 1 72  ? 1.370   14.676  -15.333 1.00 49.38 ? 828 GLU B CD  1 
ATOM   1448 O OE1 . GLU B 1 72  ? 0.830   15.348  -14.424 1.00 60.70 ? 828 GLU B OE1 1 
ATOM   1449 O OE2 . GLU B 1 72  ? 1.717   15.171  -16.426 1.00 60.07 ? 828 GLU B OE2 1 
ATOM   1450 N N   . VAL B 1 73  ? 4.822   12.838  -11.818 1.00 18.69 ? 829 VAL B N   1 
ATOM   1451 C CA  . VAL B 1 73  ? 5.358   12.864  -10.469 1.00 21.83 ? 829 VAL B CA  1 
ATOM   1452 C C   . VAL B 1 73  ? 6.416   13.949  -10.298 1.00 20.79 ? 829 VAL B C   1 
ATOM   1453 O O   . VAL B 1 73  ? 6.477   14.617  -9.257  1.00 21.64 ? 829 VAL B O   1 
ATOM   1454 C CB  . VAL B 1 73  ? 5.906   11.478  -10.062 1.00 26.63 ? 829 VAL B CB  1 
ATOM   1455 C CG1 . VAL B 1 73  ? 6.650   11.562  -8.746  1.00 34.52 ? 829 VAL B CG1 1 
ATOM   1456 C CG2 . VAL B 1 73  ? 4.764   10.483  -9.983  1.00 28.40 ? 829 VAL B CG2 1 
ATOM   1457 N N   . GLY B 1 74  ? 7.232   14.140  -11.333 1.00 18.31 ? 830 GLY B N   1 
ATOM   1458 C CA  . GLY B 1 74  ? 8.256   15.172  -11.333 1.00 24.07 ? 830 GLY B CA  1 
ATOM   1459 C C   . GLY B 1 74  ? 7.709   16.580  -11.154 1.00 27.02 ? 830 GLY B C   1 
ATOM   1460 O O   . GLY B 1 74  ? 8.334   17.412  -10.491 1.00 22.37 ? 830 GLY B O   1 
ATOM   1461 N N   . LYS B 1 75  ? 6.541   16.854  -11.735 1.00 21.42 ? 831 LYS B N   1 
ATOM   1462 C CA  . LYS B 1 75  ? 5.909   18.165  -11.571 1.00 20.95 ? 831 LYS B CA  1 
ATOM   1463 C C   . LYS B 1 75  ? 5.611   18.468  -10.115 1.00 27.52 ? 831 LYS B C   1 
ATOM   1464 O O   . LYS B 1 75  ? 5.729   19.615  -9.679  1.00 20.59 ? 831 LYS B O   1 
ATOM   1465 C CB  . LYS B 1 75  ? 4.611   18.279  -12.382 1.00 19.59 ? 831 LYS B CB  1 
ATOM   1466 C CG  . LYS B 1 75  ? 4.829   18.371  -13.868 1.00 27.31 ? 831 LYS B CG  1 
ATOM   1467 C CD  . LYS B 1 75  ? 3.498   18.474  -14.574 1.00 33.97 ? 831 LYS B CD  1 
ATOM   1468 C CE  . LYS B 1 75  ? 3.610   18.057  -16.016 1.00 44.83 ? 831 LYS B CE  1 
ATOM   1469 N NZ  . LYS B 1 75  ? 2.254   17.961  -16.628 1.00 53.45 ? 831 LYS B NZ  1 
ATOM   1470 N N   . VAL B 1 76  ? 5.213   17.444  -9.363  1.00 21.34 ? 832 VAL B N   1 
ATOM   1471 C CA  . VAL B 1 76  ? 4.922   17.640  -7.945  1.00 22.15 ? 832 VAL B CA  1 
ATOM   1472 C C   . VAL B 1 76  ? 6.186   18.116  -7.235  1.00 24.09 ? 832 VAL B C   1 
ATOM   1473 O O   . VAL B 1 76  ? 6.129   18.962  -6.338  1.00 21.22 ? 832 VAL B O   1 
ATOM   1474 C CB  . VAL B 1 76  ? 4.394   16.360  -7.283  1.00 22.95 ? 832 VAL B CB  1 
ATOM   1475 C CG1 . VAL B 1 76  ? 4.168   16.590  -5.785  1.00 24.42 ? 832 VAL B CG1 1 
ATOM   1476 C CG2 . VAL B 1 76  ? 3.105   15.923  -7.948  1.00 25.76 ? 832 VAL B CG2 1 
ATOM   1477 N N   . LEU B 1 77  ? 7.327   17.586  -7.665  1.00 23.65 ? 833 LEU B N   1 
ATOM   1478 C CA  . LEU B 1 77  ? 8.621   17.956  -7.081  1.00 20.40 ? 833 LEU B CA  1 
ATOM   1479 C C   . LEU B 1 77  ? 9.262   19.168  -7.758  1.00 17.69 ? 833 LEU B C   1 
ATOM   1480 O O   . LEU B 1 77  ? 10.463  19.432  -7.587  1.00 21.40 ? 833 LEU B O   1 
ATOM   1481 C CB  . LEU B 1 77  ? 9.571   16.764  -7.140  1.00 19.94 ? 833 LEU B CB  1 
ATOM   1482 C CG  . LEU B 1 77  ? 9.046   15.530  -6.398  1.00 18.31 ? 833 LEU B CG  1 
ATOM   1483 C CD1 . LEU B 1 77  ? 10.028  14.398  -6.571  1.00 18.20 ? 833 LEU B CD1 1 
ATOM   1484 C CD2 . LEU B 1 77  ? 8.841   15.843  -4.901  1.00 20.76 ? 833 LEU B CD2 1 
ATOM   1485 N N   . LYS B 1 78  ? 8.456   19.910  -8.511  1.00 22.46 ? 834 LYS B N   1 
ATOM   1486 C CA  . LYS B 1 78  ? 8.923   21.094  -9.237  1.00 19.38 ? 834 LYS B CA  1 
ATOM   1487 C C   . LYS B 1 78  ? 10.101  20.774  -10.156 1.00 22.86 ? 834 LYS B C   1 
ATOM   1488 O O   . LYS B 1 78  ? 11.136  21.449  -10.132 1.00 18.78 ? 834 LYS B O   1 
ATOM   1489 C CB  . LYS B 1 78  ? 9.280   22.234  -8.271  1.00 20.10 ? 834 LYS B CB  1 
ATOM   1490 C CG  . LYS B 1 78  ? 8.080   22.851  -7.556  1.00 21.87 ? 834 LYS B CG  1 
ATOM   1491 C CD  . LYS B 1 78  ? 8.483   24.141  -6.842  1.00 24.86 ? 834 LYS B CD  1 
ATOM   1492 C CE  . LYS B 1 78  ? 7.297   24.796  -6.150  1.00 34.16 ? 834 LYS B CE  1 
ATOM   1493 N NZ  . LYS B 1 78  ? 6.827   24.002  -4.990  1.00 33.73 ? 834 LYS B NZ  1 
ATOM   1494 N N   . GLY B 1 79  ? 9.928   19.745  -10.975 1.00 21.78 ? 835 GLY B N   1 
ATOM   1495 C CA  . GLY B 1 79  ? 10.936  19.381  -11.949 1.00 20.57 ? 835 GLY B CA  1 
ATOM   1496 C C   . GLY B 1 79  ? 10.365  18.429  -12.984 1.00 28.71 ? 835 GLY B C   1 
ATOM   1497 O O   . GLY B 1 79  ? 9.206   18.544  -13.395 1.00 22.94 ? 835 GLY B O   1 
ATOM   1498 N N   . GLY B 1 80  ? 11.184  17.479  -13.406 1.00 24.11 ? 836 GLY B N   1 
ATOM   1499 C CA  . GLY B 1 80  ? 10.774  16.542  -14.440 1.00 26.75 ? 836 GLY B CA  1 
ATOM   1500 C C   . GLY B 1 80  ? 11.858  15.504  -14.603 1.00 30.80 ? 836 GLY B C   1 
ATOM   1501 O O   . GLY B 1 80  ? 12.751  15.396  -13.763 1.00 32.21 ? 836 GLY B O   1 
ATOM   1502 N N   . GLY B 1 81  ? 11.804  14.761  -15.702 1.00 22.01 ? 837 GLY B N   1 
ATOM   1503 C CA  . GLY B 1 81  ? 12.761  13.692  -15.918 1.00 26.21 ? 837 GLY B CA  1 
ATOM   1504 C C   . GLY B 1 81  ? 12.497  12.941  -17.194 1.00 24.56 ? 837 GLY B C   1 
ATOM   1505 O O   . GLY B 1 81  ? 11.594  13.284  -17.959 1.00 23.58 ? 837 GLY B O   1 
ATOM   1506 N N   . GLY B 1 82  ? 13.302  11.922  -17.443 1.00 16.86 ? 838 GLY B N   1 
ATOM   1507 C CA  . GLY B 1 82  ? 13.122  11.116  -18.641 1.00 20.63 ? 838 GLY B CA  1 
ATOM   1508 C C   . GLY B 1 82  ? 13.963  9.870   -18.526 1.00 20.91 ? 838 GLY B C   1 
ATOM   1509 O O   . GLY B 1 82  ? 14.613  9.644   -17.505 1.00 22.30 ? 838 GLY B O   1 
ATOM   1510 N N   . GLY B 1 83  ? 13.948  9.059   -19.573 1.00 23.49 ? 839 GLY B N   1 
ATOM   1511 C CA  . GLY B 1 83  ? 14.689  7.804   -19.577 1.00 22.97 ? 839 GLY B CA  1 
ATOM   1512 C C   . GLY B 1 83  ? 13.949  6.782   -20.417 1.00 27.78 ? 839 GLY B C   1 
ATOM   1513 O O   . GLY B 1 83  ? 13.593  7.056   -21.563 1.00 26.67 ? 839 GLY B O   1 
ATOM   1514 N N   . ARG B 1 84  ? 13.714  5.609   -19.841 1.00 22.58 ? 840 ARG B N   1 
ATOM   1515 C CA  . ARG B 1 84  ? 13.087  4.492   -20.551 1.00 26.98 ? 840 ARG B CA  1 
ATOM   1516 C C   . ARG B 1 84  ? 11.829  4.061   -19.817 1.00 26.19 ? 840 ARG B C   1 
ATOM   1517 O O   . ARG B 1 84  ? 11.521  4.578   -18.752 1.00 23.45 ? 840 ARG B O   1 
ATOM   1518 C CB  . ARG B 1 84  ? 14.024  3.284   -20.606 1.00 33.56 ? 840 ARG B CB  1 
ATOM   1519 C CG  . ARG B 1 84  ? 15.420  3.540   -21.136 1.00 43.81 ? 840 ARG B CG  1 
ATOM   1520 C CD  . ARG B 1 84  ? 16.157  2.221   -21.329 1.00 35.69 ? 840 ARG B CD  1 
ATOM   1521 N NE  . ARG B 1 84  ? 16.195  1.405   -20.111 1.00 37.48 ? 840 ARG B NE  1 
ATOM   1522 C CZ  . ARG B 1 84  ? 17.186  1.432   -19.222 1.00 34.46 ? 840 ARG B CZ  1 
ATOM   1523 N NH1 . ARG B 1 84  ? 18.226  2.236   -19.405 1.00 36.29 ? 840 ARG B NH1 1 
ATOM   1524 N NH2 . ARG B 1 84  ? 17.148  0.650   -18.154 1.00 36.61 ? 840 ARG B NH2 1 
ATOM   1525 N N   . ALA B 1 85  ? 11.119  3.093   -20.387 1.00 22.90 ? 841 ALA B N   1 
ATOM   1526 C CA  . ALA B 1 85  ? 9.919   2.546   -19.756 1.00 27.51 ? 841 ALA B CA  1 
ATOM   1527 C C   . ALA B 1 85  ? 10.221  1.907   -18.395 1.00 23.14 ? 841 ALA B C   1 
ATOM   1528 O O   . ALA B 1 85  ? 9.402   1.966   -17.477 1.00 24.13 ? 841 ALA B O   1 
ATOM   1529 C CB  . ALA B 1 85  ? 9.259   1.532   -20.677 1.00 26.73 ? 841 ALA B CB  1 
ATOM   1530 N N   . ASP B 1 86  ? 11.398  1.299   -18.270 1.00 19.22 ? 842 ASP B N   1 
ATOM   1531 C CA  . ASP B 1 86  ? 11.714  0.540   -17.066 1.00 18.95 ? 842 ASP B CA  1 
ATOM   1532 C C   . ASP B 1 86  ? 12.576  1.296   -16.053 1.00 18.15 ? 842 ASP B C   1 
ATOM   1533 O O   . ASP B 1 86  ? 12.767  0.836   -14.924 1.00 17.59 ? 842 ASP B O   1 
ATOM   1534 C CB  . ASP B 1 86  ? 12.372  -0.792  -17.429 1.00 18.26 ? 842 ASP B CB  1 
ATOM   1535 C CG  . ASP B 1 86  ? 13.744  -0.621  -18.066 1.00 26.26 ? 842 ASP B CG  1 
ATOM   1536 O OD1 . ASP B 1 86  ? 13.922  0.305   -18.885 1.00 29.55 ? 842 ASP B OD1 1 
ATOM   1537 O OD2 . ASP B 1 86  ? 14.639  -1.431  -17.762 1.00 35.71 ? 842 ASP B OD2 1 
ATOM   1538 N N   . LEU B 1 87  ? 13.103  2.445   -16.458 1.00 19.44 ? 843 LEU B N   1 
ATOM   1539 C CA  . LEU B 1 87  ? 13.993  3.224   -15.590 1.00 17.72 ? 843 LEU B CA  1 
ATOM   1540 C C   . LEU B 1 87  ? 14.114  4.666   -16.083 1.00 22.44 ? 843 LEU B C   1 
ATOM   1541 O O   . LEU B 1 87  ? 14.608  4.911   -17.192 1.00 19.98 ? 843 LEU B O   1 
ATOM   1542 C CB  . LEU B 1 87  ? 15.388  2.575   -15.558 1.00 16.19 ? 843 LEU B CB  1 
ATOM   1543 C CG  . LEU B 1 87  ? 16.379  3.093   -14.513 1.00 17.62 ? 843 LEU B CG  1 
ATOM   1544 C CD1 . LEU B 1 87  ? 15.798  2.885   -13.102 1.00 24.48 ? 843 LEU B CD1 1 
ATOM   1545 C CD2 . LEU B 1 87  ? 17.723  2.374   -14.683 1.00 21.01 ? 843 LEU B CD2 1 
ATOM   1546 N N   . ALA B 1 88  ? 13.677  5.608   -15.249 1.00 17.51 ? 844 ALA B N   1 
ATOM   1547 C CA  . ALA B 1 88  ? 13.685  7.027   -15.591 1.00 16.78 ? 844 ALA B CA  1 
ATOM   1548 C C   . ALA B 1 88  ? 14.151  7.821   -14.380 1.00 17.79 ? 844 ALA B C   1 
ATOM   1549 O O   . ALA B 1 88  ? 13.957  7.403   -13.235 1.00 20.19 ? 844 ALA B O   1 
ATOM   1550 C CB  . ALA B 1 88  ? 12.289  7.481   -16.020 1.00 17.58 ? 844 ALA B CB  1 
ATOM   1551 N N   . GLN B 1 89  ? 14.769  8.964   -14.634 1.00 20.23 ? 845 GLN B N   1 
ATOM   1552 C CA  . GLN B 1 89  ? 15.405  9.720   -13.566 1.00 17.26 ? 845 GLN B CA  1 
ATOM   1553 C C   . GLN B 1 89  ? 15.168  11.198  -13.797 1.00 21.25 ? 845 GLN B C   1 
ATOM   1554 O O   . GLN B 1 89  ? 15.039  11.650  -14.946 1.00 19.13 ? 845 GLN B O   1 
ATOM   1555 C CB  . GLN B 1 89  ? 16.896  9.395   -13.530 1.00 23.63 ? 845 GLN B CB  1 
ATOM   1556 C CG  . GLN B 1 89  ? 17.664  10.028  -12.406 1.00 29.76 ? 845 GLN B CG  1 
ATOM   1557 C CD  . GLN B 1 89  ? 19.009  9.358   -12.187 1.00 32.04 ? 845 GLN B CD  1 
ATOM   1558 O OE1 . GLN B 1 89  ? 19.368  8.414   -12.894 1.00 36.88 ? 845 GLN B OE1 1 
ATOM   1559 N NE2 . GLN B 1 89  ? 19.746  9.827   -11.195 1.00 30.00 ? 845 GLN B NE2 1 
ATOM   1560 N N   . GLY B 1 90  ? 15.087  11.951  -12.708 1.00 20.35 ? 846 GLY B N   1 
ATOM   1561 C CA  . GLY B 1 90  ? 14.807  13.367  -12.820 1.00 21.47 ? 846 GLY B CA  1 
ATOM   1562 C C   . GLY B 1 90  ? 15.315  14.162  -11.649 1.00 20.93 ? 846 GLY B C   1 
ATOM   1563 O O   . GLY B 1 90  ? 15.922  13.614  -10.720 1.00 18.85 ? 846 GLY B O   1 
ATOM   1564 N N   . GLY B 1 91  ? 15.065  15.461  -11.704 1.00 20.05 ? 847 GLY B N   1 
ATOM   1565 C CA  . GLY B 1 91  ? 15.417  16.366  -10.614 1.00 26.76 ? 847 GLY B CA  1 
ATOM   1566 C C   . GLY B 1 91  ? 14.394  17.483  -10.532 1.00 23.20 ? 847 GLY B C   1 
ATOM   1567 O O   . GLY B 1 91  ? 13.692  17.775  -11.517 1.00 21.21 ? 847 GLY B O   1 
ATOM   1568 N N   . GLY B 1 92  ? 14.314  18.114  -9.364  1.00 20.09 ? 848 GLY B N   1 
ATOM   1569 C CA  . GLY B 1 92  ? 13.330  19.160  -9.131  1.00 23.25 ? 848 GLY B CA  1 
ATOM   1570 C C   . GLY B 1 92  ? 13.750  20.097  -8.011  1.00 21.46 ? 848 GLY B C   1 
ATOM   1571 O O   . GLY B 1 92  ? 14.815  19.933  -7.412  1.00 20.33 ? 848 GLY B O   1 
ATOM   1572 N N   . LYS B 1 93  ? 12.904  21.081  -7.741  1.00 19.56 ? 849 LYS B N   1 
ATOM   1573 C CA  . LYS B 1 93  ? 13.225  22.146  -6.796  1.00 19.96 ? 849 LYS B CA  1 
ATOM   1574 C C   . LYS B 1 93  ? 12.292  22.170  -5.594  1.00 19.78 ? 849 LYS B C   1 
ATOM   1575 O O   . LYS B 1 93  ? 12.248  23.157  -4.858  1.00 23.01 ? 849 LYS B O   1 
ATOM   1576 C CB  . LYS B 1 93  ? 13.203  23.504  -7.506  1.00 26.51 ? 849 LYS B CB  1 
ATOM   1577 C CG  . LYS B 1 93  ? 14.105  23.574  -8.734  1.00 28.23 ? 849 LYS B CG  1 
ATOM   1578 C CD  . LYS B 1 93  ? 13.969  24.904  -9.478  1.00 38.21 ? 849 LYS B CD  1 
ATOM   1579 C CE  . LYS B 1 93  ? 14.501  26.069  -8.637  1.00 56.47 ? 849 LYS B CE  1 
ATOM   1580 N NZ  . LYS B 1 93  ? 14.254  27.403  -9.266  1.00 46.51 ? 849 LYS B NZ  1 
ATOM   1581 N N   . ALA B 1 94  ? 11.565  21.076  -5.371  1.00 18.39 ? 850 ALA B N   1 
ATOM   1582 C CA  . ALA B 1 94  ? 10.670  21.006  -4.218  1.00 18.93 ? 850 ALA B CA  1 
ATOM   1583 C C   . ALA B 1 94  ? 10.958  19.787  -3.340  1.00 20.53 ? 850 ALA B C   1 
ATOM   1584 O O   . ALA B 1 94  ? 10.184  18.839  -3.324  1.00 23.22 ? 850 ALA B O   1 
ATOM   1585 C CB  . ALA B 1 94  ? 9.206   21.005  -4.686  1.00 20.14 ? 850 ALA B CB  1 
ATOM   1586 N N   . PRO B 1 95  ? 12.084  19.807  -2.601  1.00 21.17 ? 851 PRO B N   1 
ATOM   1587 C CA  . PRO B 1 95  ? 12.470  18.661  -1.786  1.00 24.31 ? 851 PRO B CA  1 
ATOM   1588 C C   . PRO B 1 95  ? 11.500  18.342  -0.653  1.00 30.40 ? 851 PRO B C   1 
ATOM   1589 O O   . PRO B 1 95  ? 11.604  17.278  -0.048  1.00 32.45 ? 851 PRO B O   1 
ATOM   1590 C CB  . PRO B 1 95  ? 13.824  19.082  -1.192  1.00 24.38 ? 851 PRO B CB  1 
ATOM   1591 C CG  . PRO B 1 95  ? 13.825  20.558  -1.253  1.00 26.85 ? 851 PRO B CG  1 
ATOM   1592 C CD  . PRO B 1 95  ? 13.063  20.898  -2.512  1.00 21.22 ? 851 PRO B CD  1 
ATOM   1593 N N   . ASP B 1 96  ? 10.570  19.248  -0.364  1.00 22.24 ? 852 ASP B N   1 
ATOM   1594 C CA  . ASP B 1 96  ? 9.648   19.025  0.744   1.00 25.26 ? 852 ASP B CA  1 
ATOM   1595 C C   . ASP B 1 96  ? 8.286   18.507  0.274   1.00 30.24 ? 852 ASP B C   1 
ATOM   1596 O O   . ASP B 1 96  ? 7.359   18.364  1.070   1.00 22.00 ? 852 ASP B O   1 
ATOM   1597 C CB  . ASP B 1 96  ? 9.500   20.290  1.599   1.00 29.24 ? 852 ASP B CB  1 
ATOM   1598 C CG  . ASP B 1 96  ? 10.814  20.719  2.246   1.00 49.92 ? 852 ASP B CG  1 
ATOM   1599 O OD1 . ASP B 1 96  ? 11.719  19.867  2.415   1.00 43.62 ? 852 ASP B OD1 1 
ATOM   1600 O OD2 . ASP B 1 96  ? 10.943  21.913  2.587   1.00 57.48 ? 852 ASP B OD2 1 
ATOM   1601 N N   . LYS B 1 97  ? 8.177   18.202  -1.014  1.00 23.46 ? 853 LYS B N   1 
ATOM   1602 C CA  . LYS B 1 97  ? 6.919   17.666  -1.561  1.00 21.41 ? 853 LYS B CA  1 
ATOM   1603 C C   . LYS B 1 97  ? 6.966   16.169  -1.890  1.00 22.08 ? 853 LYS B C   1 
ATOM   1604 O O   . LYS B 1 97  ? 6.140   15.682  -2.670  1.00 20.80 ? 853 LYS B O   1 
ATOM   1605 C CB  . LYS B 1 97  ? 6.510   18.445  -2.813  1.00 21.97 ? 853 LYS B CB  1 
ATOM   1606 C CG  . LYS B 1 97  ? 6.218   19.922  -2.576  1.00 22.41 ? 853 LYS B CG  1 
ATOM   1607 C CD  . LYS B 1 97  ? 4.903   20.110  -1.838  1.00 28.51 ? 853 LYS B CD  1 
ATOM   1608 C CE  . LYS B 1 97  ? 4.503   21.582  -1.777  1.00 30.88 ? 853 LYS B CE  1 
ATOM   1609 N NZ  . LYS B 1 97  ? 3.045   21.697  -1.506  1.00 29.18 ? 853 LYS B NZ  1 
ATOM   1610 N N   . PHE B 1 98  ? 7.917   15.440  -1.312  1.00 23.10 ? 854 PHE B N   1 
ATOM   1611 C CA  . PHE B 1 98  ? 8.015   14.003  -1.583  1.00 21.28 ? 854 PHE B CA  1 
ATOM   1612 C C   . PHE B 1 98  ? 6.738   13.257  -1.212  1.00 21.67 ? 854 PHE B C   1 
ATOM   1613 O O   . PHE B 1 98  ? 6.279   12.418  -1.978  1.00 23.42 ? 854 PHE B O   1 
ATOM   1614 C CB  . PHE B 1 98  ? 9.223   13.364  -0.890  1.00 24.06 ? 854 PHE B CB  1 
ATOM   1615 C CG  . PHE B 1 98  ? 9.452   11.930  -1.283  1.00 23.88 ? 854 PHE B CG  1 
ATOM   1616 C CD1 . PHE B 1 98  ? 9.149   10.900  -0.416  1.00 22.91 ? 854 PHE B CD1 1 
ATOM   1617 C CD2 . PHE B 1 98  ? 9.946   11.615  -2.540  1.00 23.89 ? 854 PHE B CD2 1 
ATOM   1618 C CE1 . PHE B 1 98  ? 9.359   9.580   -0.783  1.00 32.06 ? 854 PHE B CE1 1 
ATOM   1619 C CE2 . PHE B 1 98  ? 10.162  10.298  -2.911  1.00 27.92 ? 854 PHE B CE2 1 
ATOM   1620 C CZ  . PHE B 1 98  ? 9.862   9.280   -2.035  1.00 24.03 ? 854 PHE B CZ  1 
ATOM   1621 N N   . PRO B 1 99  ? 6.155   13.557  -0.034  1.00 23.19 ? 855 PRO B N   1 
ATOM   1622 C CA  . PRO B 1 99  ? 4.905   12.881  0.343   1.00 19.83 ? 855 PRO B CA  1 
ATOM   1623 C C   . PRO B 1 99  ? 3.787   13.102  -0.678  1.00 24.97 ? 855 PRO B C   1 
ATOM   1624 O O   . PRO B 1 99  ? 3.074   12.158  -1.017  1.00 21.89 ? 855 PRO B O   1 
ATOM   1625 C CB  . PRO B 1 99  ? 4.551   13.518  1.694   1.00 22.54 ? 855 PRO B CB  1 
ATOM   1626 C CG  . PRO B 1 99  ? 5.886   13.990  2.238   1.00 25.79 ? 855 PRO B CG  1 
ATOM   1627 C CD  . PRO B 1 99  ? 6.602   14.497  1.014   1.00 23.60 ? 855 PRO B CD  1 
ATOM   1628 N N   . GLU B 1 100 ? 3.645   14.337  -1.161  1.00 22.47 ? 856 GLU B N   1 
ATOM   1629 C CA  . GLU B 1 100 ? 2.678   14.655  -2.207  1.00 27.95 ? 856 GLU B CA  1 
ATOM   1630 C C   . GLU B 1 100 ? 2.954   13.884  -3.500  1.00 22.35 ? 856 GLU B C   1 
ATOM   1631 O O   . GLU B 1 100 ? 2.026   13.493  -4.205  1.00 19.18 ? 856 GLU B O   1 
ATOM   1632 C CB  . GLU B 1 100 ? 2.665   16.160  -2.495  1.00 24.54 ? 856 GLU B CB  1 
ATOM   1633 C CG  . GLU B 1 100 ? 1.986   17.010  -1.424  1.00 21.22 ? 856 GLU B CG  1 
ATOM   1634 C CD  . GLU B 1 100 ? 2.873   17.288  -0.221  1.00 27.28 ? 856 GLU B CD  1 
ATOM   1635 O OE1 . GLU B 1 100 ? 4.038   16.826  -0.192  1.00 28.50 ? 856 GLU B OE1 1 
ATOM   1636 O OE2 . GLU B 1 100 ? 2.401   17.976  0.710   1.00 30.51 ? 856 GLU B OE2 1 
ATOM   1637 N N   . ALA B 1 101 ? 4.232   13.680  -3.810  1.00 22.50 ? 857 ALA B N   1 
ATOM   1638 C CA  . ALA B 1 101 ? 4.623   12.963  -5.018  1.00 23.57 ? 857 ALA B CA  1 
ATOM   1639 C C   . ALA B 1 101 ? 4.299   11.487  -4.875  1.00 21.23 ? 857 ALA B C   1 
ATOM   1640 O O   . ALA B 1 101 ? 3.852   10.857  -5.828  1.00 19.12 ? 857 ALA B O   1 
ATOM   1641 C CB  . ALA B 1 101 ? 6.113   13.150  -5.301  1.00 19.70 ? 857 ALA B CB  1 
ATOM   1642 N N   . VAL B 1 102 ? 4.539   10.942  -3.685  1.00 19.77 ? 858 VAL B N   1 
ATOM   1643 C CA  . VAL B 1 102 ? 4.208   9.545   -3.408  1.00 24.18 ? 858 VAL B CA  1 
ATOM   1644 C C   . VAL B 1 102 ? 2.701   9.317   -3.486  1.00 22.06 ? 858 VAL B C   1 
ATOM   1645 O O   . VAL B 1 102 ? 2.233   8.298   -4.005  1.00 20.34 ? 858 VAL B O   1 
ATOM   1646 C CB  . VAL B 1 102 ? 4.699   9.114   -2.008  1.00 23.40 ? 858 VAL B CB  1 
ATOM   1647 C CG1 . VAL B 1 102 ? 4.092   7.770   -1.618  1.00 28.05 ? 858 VAL B CG1 1 
ATOM   1648 C CG2 . VAL B 1 102 ? 6.225   9.049   -1.969  1.00 24.76 ? 858 VAL B CG2 1 
ATOM   1649 N N   . LYS B 1 103 ? 1.944   10.262  -2.941  1.00 23.97 ? 859 LYS B N   1 
ATOM   1650 C CA  . LYS B 1 103 ? 0.485   10.200  -2.987  1.00 26.05 ? 859 LYS B CA  1 
ATOM   1651 C C   . LYS B 1 103 ? -0.003  10.116  -4.436  1.00 26.81 ? 859 LYS B C   1 
ATOM   1652 O O   . LYS B 1 103 ? -0.838  9.267   -4.784  1.00 19.93 ? 859 LYS B O   1 
ATOM   1653 C CB  . LYS B 1 103 ? -0.098  11.429  -2.289  1.00 24.14 ? 859 LYS B CB  1 
ATOM   1654 C CG  . LYS B 1 103 ? -1.616  11.456  -2.212  1.00 27.07 ? 859 LYS B CG  1 
ATOM   1655 C CD  . LYS B 1 103 ? -2.116  12.813  -1.726  1.00 38.89 ? 859 LYS B CD  1 
ATOM   1656 C CE  . LYS B 1 103 ? -3.641  12.874  -1.716  1.00 51.53 ? 859 LYS B CE  1 
ATOM   1657 N NZ  . LYS B 1 103 ? -4.129  14.272  -1.504  1.00 51.27 ? 859 LYS B NZ  1 
ATOM   1658 N N   . LEU B 1 104 ? 0.530   10.990  -5.285  1.00 24.66 ? 860 LEU B N   1 
ATOM   1659 C CA  . LEU B 1 104 ? 0.169   10.984  -6.705  1.00 19.12 ? 860 LEU B CA  1 
ATOM   1660 C C   . LEU B 1 104 ? 0.579   9.675   -7.392  1.00 23.61 ? 860 LEU B C   1 
ATOM   1661 O O   . LEU B 1 104 ? -0.212  9.083   -8.127  1.00 22.07 ? 860 LEU B O   1 
ATOM   1662 C CB  . LEU B 1 104 ? 0.764   12.197  -7.439  1.00 20.99 ? 860 LEU B CB  1 
ATOM   1663 C CG  . LEU B 1 104 ? 0.544   12.247  -8.960  1.00 21.15 ? 860 LEU B CG  1 
ATOM   1664 C CD1 . LEU B 1 104 ? -0.938  12.384  -9.303  1.00 24.75 ? 860 LEU B CD1 1 
ATOM   1665 C CD2 . LEU B 1 104 ? 1.350   13.389  -9.583  1.00 24.68 ? 860 LEU B CD2 1 
ATOM   1666 N N   . LEU B 1 105 ? 1.805   9.217   -7.160  1.00 20.27 ? 861 LEU B N   1 
ATOM   1667 C CA  . LEU B 1 105 ? 2.220   7.918   -7.706  1.00 18.23 ? 861 LEU B CA  1 
ATOM   1668 C C   . LEU B 1 105 ? 1.257   6.787   -7.325  1.00 17.61 ? 861 LEU B C   1 
ATOM   1669 O O   . LEU B 1 105 ? 0.859   5.990   -8.170  1.00 22.44 ? 861 LEU B O   1 
ATOM   1670 C CB  . LEU B 1 105 ? 3.646   7.565   -7.277  1.00 20.70 ? 861 LEU B CB  1 
ATOM   1671 C CG  . LEU B 1 105 ? 4.179   6.257   -7.870  1.00 23.09 ? 861 LEU B CG  1 
ATOM   1672 C CD1 . LEU B 1 105 ? 4.022   6.229   -9.379  1.00 20.56 ? 861 LEU B CD1 1 
ATOM   1673 C CD2 . LEU B 1 105 ? 5.639   5.996   -7.476  1.00 23.22 ? 861 LEU B CD2 1 
ATOM   1674 N N   . LYS B 1 106 ? 0.876   6.721   -6.055  1.00 24.25 ? 862 LYS B N   1 
ATOM   1675 C CA  . LYS B 1 106 ? -0.065  5.688   -5.615  1.00 19.72 ? 862 LYS B CA  1 
ATOM   1676 C C   . LYS B 1 106 ? -1.394  5.792   -6.358  1.00 20.87 ? 862 LYS B C   1 
ATOM   1677 O O   . LYS B 1 106 ? -1.994  4.773   -6.704  1.00 23.19 ? 862 LYS B O   1 
ATOM   1678 C CB  . LYS B 1 106 ? -0.300  5.768   -4.112  1.00 24.69 ? 862 LYS B CB  1 
ATOM   1679 C CG  . LYS B 1 106 ? 0.892   5.359   -3.264  1.00 29.78 ? 862 LYS B CG  1 
ATOM   1680 C CD  . LYS B 1 106 ? 0.497   5.430   -1.796  1.00 27.64 ? 862 LYS B CD  1 
ATOM   1681 C CE  . LYS B 1 106 ? 1.553   4.850   -0.898  1.00 36.84 ? 862 LYS B CE  1 
ATOM   1682 N NZ  . LYS B 1 106 ? 1.202   5.121   0.533   1.00 30.84 ? 862 LYS B NZ  1 
ATOM   1683 N N   . GLU B 1 107 ? -1.842  7.021   -6.617  1.00 26.30 ? 863 GLU B N   1 
ATOM   1684 C CA  . GLU B 1 107 ? -3.059  7.242   -7.391  1.00 26.93 ? 863 GLU B CA  1 
ATOM   1685 C C   . GLU B 1 107 ? -2.900  6.700   -8.803  1.00 31.70 ? 863 GLU B C   1 
ATOM   1686 O O   . GLU B 1 107 ? -3.747  5.947   -9.279  1.00 23.15 ? 863 GLU B O   1 
ATOM   1687 C CB  . GLU B 1 107 ? -3.430  8.728   -7.433  1.00 24.70 ? 863 GLU B CB  1 
ATOM   1688 C CG  . GLU B 1 107 ? -3.907  9.285   -6.096  1.00 36.12 ? 863 GLU B CG  1 
ATOM   1689 C CD  . GLU B 1 107 ? -4.041  10.800  -6.095  1.00 43.25 ? 863 GLU B CD  1 
ATOM   1690 O OE1 . GLU B 1 107 ? -3.779  11.431  -7.142  1.00 42.42 ? 863 GLU B OE1 1 
ATOM   1691 O OE2 . GLU B 1 107 ? -4.414  11.361  -5.041  1.00 46.55 ? 863 GLU B OE2 1 
ATOM   1692 N N   . ILE B 1 108 ? -1.807  7.077   -9.469  1.00 22.27 ? 864 ILE B N   1 
ATOM   1693 C CA  . ILE B 1 108 ? -1.537  6.580   -10.815 1.00 24.06 ? 864 ILE B CA  1 
ATOM   1694 C C   . ILE B 1 108 ? -1.515  5.051   -10.849 1.00 25.80 ? 864 ILE B C   1 
ATOM   1695 O O   . ILE B 1 108 ? -2.114  4.434   -11.731 1.00 26.87 ? 864 ILE B O   1 
ATOM   1696 C CB  . ILE B 1 108 ? -0.202  7.133   -11.374 1.00 23.30 ? 864 ILE B CB  1 
ATOM   1697 C CG1 . ILE B 1 108 ? -0.302  8.649   -11.584 1.00 24.86 ? 864 ILE B CG1 1 
ATOM   1698 C CG2 . ILE B 1 108 ? 0.152   6.433   -12.666 1.00 26.77 ? 864 ILE B CG2 1 
ATOM   1699 C CD1 . ILE B 1 108 ? 1.045   9.356   -11.673 1.00 28.49 ? 864 ILE B CD1 1 
ATOM   1700 N N   . LEU B 1 109 ? -0.842  4.445   -9.880  1.00 20.02 ? 865 LEU B N   1 
ATOM   1701 C CA  . LEU B 1 109 ? -0.649  2.989   -9.875  1.00 24.88 ? 865 LEU B CA  1 
ATOM   1702 C C   . LEU B 1 109 ? -1.922  2.212   -9.568  1.00 33.15 ? 865 LEU B C   1 
ATOM   1703 O O   . LEU B 1 109 ? -2.108  1.100   -10.068 1.00 24.93 ? 865 LEU B O   1 
ATOM   1704 C CB  . LEU B 1 109 ? 0.435   2.580   -8.876  1.00 25.35 ? 865 LEU B CB  1 
ATOM   1705 C CG  . LEU B 1 109 ? 1.856   3.041   -9.200  1.00 21.43 ? 865 LEU B CG  1 
ATOM   1706 C CD1 . LEU B 1 109 ? 2.809   2.663   -8.070  1.00 25.87 ? 865 LEU B CD1 1 
ATOM   1707 C CD2 . LEU B 1 109 ? 2.316   2.457   -10.536 1.00 24.20 ? 865 LEU B CD2 1 
ATOM   1708 N N   . SER B 1 110 ? -2.784  2.789   -8.735  1.00 24.83 ? 866 SER B N   1 
ATOM   1709 C CA  . SER B 1 110 ? -4.010  2.104   -8.317  1.00 30.55 ? 866 SER B CA  1 
ATOM   1710 C C   . SER B 1 110 ? -5.066  2.067   -9.422  1.00 40.08 ? 866 SER B C   1 
ATOM   1711 O O   . SER B 1 110 ? -5.913  1.173   -9.447  1.00 54.16 ? 866 SER B O   1 
ATOM   1712 C CB  . SER B 1 110 ? -4.585  2.733   -7.047  1.00 30.02 ? 866 SER B CB  1 
ATOM   1713 O OG  . SER B 1 110 ? -4.961  4.075   -7.278  1.00 44.23 ? 866 SER B OG  1 
ATOM   1714 N N   . GLY B 1 111 ? -5.013  3.039   -10.334 1.00 35.62 ? 867 GLY B N   1 
ATOM   1715 C CA  . GLY B 1 111 ? -5.917  3.101   -11.473 1.00 56.80 ? 867 GLY B CA  1 
ATOM   1716 C C   . GLY B 1 111 ? -7.380  3.009   -11.075 1.00 58.18 ? 867 GLY B C   1 
ATOM   1717 O O   . GLY B 1 111 ? -8.274  3.370   -11.862 1.00 79.41 ? 867 GLY B O   1 
ATOM   1718 O OXT . GLY B 1 111 ? -7.711  2.576   -9.970  1.00 77.97 ? 867 GLY B OXT 1 
HETATM 1719 O O   . HOH C 2 .   ? 0.739   -2.158  1.835   1.00 25.63 ? 1   HOH A O   1 
HETATM 1720 O O   . HOH C 2 .   ? -5.422  -23.219 3.719   1.00 30.77 ? 2   HOH A O   1 
HETATM 1721 O O   . HOH C 2 .   ? -18.434 -10.711 15.376  1.00 23.55 ? 3   HOH A O   1 
HETATM 1722 O O   . HOH C 2 .   ? 0.152   -18.241 7.604   1.00 25.47 ? 5   HOH A O   1 
HETATM 1723 O O   . HOH C 2 .   ? -14.503 7.737   15.937  1.00 29.48 ? 6   HOH A O   1 
HETATM 1724 O O   . HOH C 2 .   ? -12.098 -26.048 1.647   1.00 38.62 ? 7   HOH A O   1 
HETATM 1725 O O   . HOH C 2 .   ? -20.421 -14.492 7.674   1.00 29.85 ? 8   HOH A O   1 
HETATM 1726 O O   . HOH C 2 .   ? -23.763 -6.055  12.654  1.00 21.75 ? 10  HOH A O   1 
HETATM 1727 O O   . HOH C 2 .   ? -11.810 -20.904 16.646  1.00 33.17 ? 11  HOH A O   1 
HETATM 1728 O O   . HOH C 2 .   ? -11.404 -17.609 -4.563  1.00 31.38 ? 12  HOH A O   1 
HETATM 1729 O O   . HOH C 2 .   ? -2.225  8.008   8.796   1.00 30.07 ? 14  HOH A O   1 
HETATM 1730 O O   . HOH C 2 .   ? -17.352 3.338   7.947   1.00 31.48 ? 19  HOH A O   1 
HETATM 1731 O O   . HOH C 2 .   ? 0.977   -4.536  10.308  1.00 35.51 ? 20  HOH A O   1 
HETATM 1732 O O   . HOH C 2 .   ? -16.973 9.235   -0.651  1.00 31.97 ? 23  HOH A O   1 
HETATM 1733 O O   . HOH C 2 .   ? -4.193  -5.608  -2.553  1.00 28.18 ? 27  HOH A O   1 
HETATM 1734 O O   . HOH C 2 .   ? -17.849 -7.821  18.060  1.00 37.00 ? 28  HOH A O   1 
HETATM 1735 O O   . HOH C 2 .   ? -3.843  -2.273  -2.537  1.00 26.33 ? 31  HOH A O   1 
HETATM 1736 O O   . HOH C 2 .   ? -11.250 -3.884  -4.937  1.00 29.91 ? 32  HOH A O   1 
HETATM 1737 O O   . HOH C 2 .   ? -7.439  1.090   -2.978  1.00 28.56 ? 34  HOH A O   1 
HETATM 1738 O O   . HOH C 2 .   ? -1.495  1.211   -1.237  1.00 36.38 ? 35  HOH A O   1 
HETATM 1739 O O   . HOH C 2 .   ? -10.168 -19.685 9.237   1.00 49.32 ? 36  HOH A O   1 
HETATM 1740 O O   . HOH C 2 .   ? -11.275 9.741   16.627  1.00 37.70 ? 37  HOH A O   1 
HETATM 1741 O O   . HOH C 2 .   ? -11.786 -15.024 19.962  1.00 42.42 ? 39  HOH A O   1 
HETATM 1742 O O   . HOH C 2 .   ? -8.519  0.126   20.908  1.00 36.11 ? 41  HOH A O   1 
HETATM 1743 O O   . HOH C 2 .   ? -24.257 -10.025 10.538  1.00 33.39 ? 42  HOH A O   1 
HETATM 1744 O O   . HOH C 2 .   ? 4.822   -3.498  6.735   1.00 36.02 ? 43  HOH A O   1 
HETATM 1745 O O   . HOH C 2 .   ? -11.844 -25.273 4.516   1.00 32.10 ? 44  HOH A O   1 
HETATM 1746 O O   . HOH C 2 .   ? -9.081  -1.763  22.852  1.00 39.77 ? 47  HOH A O   1 
HETATM 1747 O O   . HOH C 2 .   ? -17.793 -4.939  -4.077  1.00 31.62 ? 49  HOH A O   1 
HETATM 1748 O O   . HOH C 2 .   ? -27.353 -3.720  14.563  1.00 40.54 ? 51  HOH A O   1 
HETATM 1749 O O   . HOH C 2 .   ? -6.870  -20.558 -4.961  1.00 39.71 ? 55  HOH A O   1 
HETATM 1750 O O   . HOH C 2 .   ? -4.107  -17.389 -0.298  1.00 34.69 ? 56  HOH A O   1 
HETATM 1751 O O   . HOH C 2 .   ? -15.295 5.825   2.468   1.00 30.79 ? 57  HOH A O   1 
HETATM 1752 O O   . HOH C 2 .   ? -5.105  -15.105 18.820  1.00 43.06 ? 59  HOH A O   1 
HETATM 1753 O O   . HOH C 2 .   ? -14.183 4.756   7.131   1.00 34.56 ? 66  HOH A O   1 
HETATM 1754 O O   . HOH C 2 .   ? -16.094 -19.526 5.096   1.00 43.13 ? 69  HOH A O   1 
HETATM 1755 O O   . HOH C 2 .   ? -1.472  -21.444 10.988  1.00 41.95 ? 74  HOH A O   1 
HETATM 1756 O O   . HOH C 2 .   ? -21.493 -9.092  2.995   1.00 41.91 ? 75  HOH A O   1 
HETATM 1757 O O   . HOH C 2 .   ? -0.083  -8.237  4.289   1.00 40.29 ? 76  HOH A O   1 
HETATM 1758 O O   . HOH C 2 .   ? -14.486 8.966   8.576   1.00 37.17 ? 80  HOH A O   1 
HETATM 1759 O O   . HOH C 2 .   ? -18.175 -4.439  -1.573  1.00 33.98 ? 81  HOH A O   1 
HETATM 1760 O O   . HOH C 2 .   ? -12.292 -26.313 10.399  1.00 41.70 ? 85  HOH A O   1 
HETATM 1761 O O   . HOH C 2 .   ? -23.504 1.151   21.078  1.00 38.49 ? 86  HOH A O   1 
HETATM 1762 O O   . HOH C 2 .   ? -7.160  12.086  14.927  1.00 44.19 ? 87  HOH A O   1 
HETATM 1763 O O   . HOH C 2 .   ? -6.810  -17.276 20.890  1.00 32.89 ? 89  HOH A O   1 
HETATM 1764 O O   . HOH C 2 .   ? -21.654 -12.147 -0.225  1.00 38.71 ? 94  HOH A O   1 
HETATM 1765 O O   . HOH C 2 .   ? -11.607 -0.970  -4.825  1.00 44.47 ? 97  HOH A O   1 
HETATM 1766 O O   . HOH C 2 .   ? -2.630  -17.276 1.749   1.00 43.91 ? 100 HOH A O   1 
HETATM 1767 O O   . HOH C 2 .   ? -14.837 5.409   -0.806  1.00 49.19 ? 101 HOH A O   1 
HETATM 1768 O O   . HOH C 2 .   ? -7.808  8.628   17.389  1.00 41.39 ? 102 HOH A O   1 
HETATM 1769 O O   . HOH C 2 .   ? -5.016  -14.229 -4.625  1.00 47.68 ? 103 HOH A O   1 
HETATM 1770 O O   . HOH C 2 .   ? -14.801 -21.767 -1.687  1.00 50.74 ? 104 HOH A O   1 
HETATM 1771 O O   . HOH C 2 .   ? -13.247 -21.814 10.294  1.00 48.72 ? 105 HOH A O   1 
HETATM 1772 O O   . HOH C 2 .   ? -8.283  -10.731 22.364  1.00 44.72 ? 109 HOH A O   1 
HETATM 1773 O O   . HOH C 2 .   ? -13.279 4.921   -5.080  1.00 66.54 ? 113 HOH A O   1 
HETATM 1774 O O   . HOH C 2 .   ? -1.568  4.582   1.575   1.00 35.88 ? 115 HOH A O   1 
HETATM 1775 O O   . HOH C 2 .   ? -0.755  -11.556 3.540   1.00 39.93 ? 119 HOH A O   1 
HETATM 1776 O O   . HOH C 2 .   ? -9.641  -4.267  23.490  1.00 45.15 ? 127 HOH A O   1 
HETATM 1777 O O   . HOH C 2 .   ? 1.968   4.237   4.653   1.00 42.72 ? 130 HOH A O   1 
HETATM 1778 O O   . HOH C 2 .   ? -15.395 2.825   -1.588  1.00 48.11 ? 132 HOH A O   1 
HETATM 1779 O O   . HOH C 2 .   ? -6.090  -12.730 21.878  1.00 56.01 ? 134 HOH A O   1 
HETATM 1780 O O   . HOH C 2 .   ? -5.668  -14.492 -0.659  1.00 54.50 ? 136 HOH A O   1 
HETATM 1781 O O   . HOH C 2 .   ? -0.729  -19.576 9.080   1.00 55.29 ? 139 HOH A O   1 
HETATM 1782 O O   . HOH C 2 .   ? -8.816  7.432   24.004  1.00 55.39 ? 140 HOH A O   1 
HETATM 1783 O O   . HOH C 2 .   ? -9.044  10.462  7.085   1.00 53.58 ? 142 HOH A O   1 
HETATM 1784 O O   . HOH C 2 .   ? -17.649 -0.717  19.955  1.00 56.42 ? 145 HOH A O   1 
HETATM 1785 O O   . HOH C 2 .   ? -7.590  -24.511 9.836   1.00 57.24 ? 146 HOH A O   1 
HETATM 1786 O O   . HOH C 2 .   ? -8.875  -6.257  -7.414  1.00 56.35 ? 147 HOH A O   1 
HETATM 1787 O O   . HOH C 2 .   ? -11.537 -26.293 13.831  1.00 56.80 ? 148 HOH A O   1 
HETATM 1788 O O   . HOH C 2 .   ? -11.466 -6.141  -5.209  1.00 57.56 ? 149 HOH A O   1 
HETATM 1789 O O   . HOH C 2 .   ? -22.468 -2.386  19.469  1.00 56.79 ? 151 HOH A O   1 
HETATM 1790 O O   . HOH C 2 .   ? -22.480 -12.245 10.614  1.00 53.94 ? 152 HOH A O   1 
HETATM 1791 O O   . HOH D 2 .   ? 9.937   22.033  -1.083  1.00 23.59 ? 4   HOH B O   1 
HETATM 1792 O O   . HOH D 2 .   ? 18.440  12.446  -10.612 1.00 33.12 ? 9   HOH B O   1 
HETATM 1793 O O   . HOH D 2 .   ? 11.155  -1.154  0.091   1.00 33.75 ? 13  HOH B O   1 
HETATM 1794 O O   . HOH D 2 .   ? 12.971  10.866  -21.967 1.00 20.92 ? 15  HOH B O   1 
HETATM 1795 O O   . HOH D 2 .   ? 14.826  7.517   5.059   1.00 31.71 ? 16  HOH B O   1 
HETATM 1796 O O   . HOH D 2 .   ? 1.596   16.283  -11.869 1.00 26.32 ? 17  HOH B O   1 
HETATM 1797 O O   . HOH D 2 .   ? 9.712   15.858  -17.461 1.00 23.14 ? 18  HOH B O   1 
HETATM 1798 O O   . HOH D 2 .   ? 13.901  16.969  -17.237 1.00 24.35 ? 21  HOH B O   1 
HETATM 1799 O O   . HOH D 2 .   ? 17.590  8.589   -16.968 1.00 30.42 ? 22  HOH B O   1 
HETATM 1800 O O   . HOH D 2 .   ? 2.470   10.184  0.846   1.00 28.57 ? 24  HOH B O   1 
HETATM 1801 O O   . HOH D 2 .   ? 12.104  8.046   3.633   1.00 26.35 ? 25  HOH B O   1 
HETATM 1802 O O   . HOH D 2 .   ? 2.322   4.226   -17.451 1.00 36.29 ? 26  HOH B O   1 
HETATM 1803 O O   . HOH D 2 .   ? 7.402   16.924  -16.115 1.00 35.19 ? 29  HOH B O   1 
HETATM 1804 O O   . HOH D 2 .   ? 25.879  11.072  -9.206  1.00 41.87 ? 30  HOH B O   1 
HETATM 1805 O O   . HOH D 2 .   ? 24.345  4.693   -12.045 1.00 34.30 ? 33  HOH B O   1 
HETATM 1806 O O   . HOH D 2 .   ? -0.324  14.709  -4.746  1.00 30.71 ? 38  HOH B O   1 
HETATM 1807 O O   . HOH D 2 .   ? 5.064   22.002  -10.595 1.00 35.33 ? 40  HOH B O   1 
HETATM 1808 O O   . HOH D 2 .   ? -3.188  -1.772  -10.247 1.00 38.63 ? 45  HOH B O   1 
HETATM 1809 O O   . HOH D 2 .   ? 9.277   5.721   2.807   1.00 31.59 ? 46  HOH B O   1 
HETATM 1810 O O   . HOH D 2 .   ? 2.659   21.327  -12.100 1.00 27.71 ? 48  HOH B O   1 
HETATM 1811 O O   . HOH D 2 .   ? 22.383  1.951   -12.890 1.00 48.74 ? 50  HOH B O   1 
HETATM 1812 O O   . HOH D 2 .   ? 5.048   -7.380  -19.799 1.00 42.25 ? 52  HOH B O   1 
HETATM 1813 O O   . HOH D 2 .   ? 11.113  -2.432  -20.493 1.00 39.84 ? 53  HOH B O   1 
HETATM 1814 O O   . HOH D 2 .   ? -2.700  7.970   -3.071  1.00 39.80 ? 54  HOH B O   1 
HETATM 1815 O O   . HOH D 2 .   ? 13.220  -6.374  -13.897 1.00 34.05 ? 58  HOH B O   1 
HETATM 1816 O O   . HOH D 2 .   ? 12.656  -4.894  -4.571  1.00 40.54 ? 60  HOH B O   1 
HETATM 1817 O O   . HOH D 2 .   ? 8.018   -1.690  4.527   1.00 36.30 ? 61  HOH B O   1 
HETATM 1818 O O   . HOH D 2 .   ? 0.258   -6.106  -4.543  1.00 38.91 ? 62  HOH B O   1 
HETATM 1819 O O   . HOH D 2 .   ? 5.086   -4.076  3.670   1.00 46.23 ? 63  HOH B O   1 
HETATM 1820 O O   . HOH D 2 .   ? -1.621  8.457   -0.389  1.00 46.77 ? 64  HOH B O   1 
HETATM 1821 O O   . HOH D 2 .   ? 14.519  5.829   2.810   1.00 34.17 ? 65  HOH B O   1 
HETATM 1822 O O   . HOH D 2 .   ? 21.203  13.447  -4.815  1.00 37.41 ? 67  HOH B O   1 
HETATM 1823 O O   . HOH D 2 .   ? 4.176   1.022   -20.758 1.00 47.34 ? 68  HOH B O   1 
HETATM 1824 O O   . HOH D 2 .   ? 9.621   15.832  1.244   1.00 36.33 ? 70  HOH B O   1 
HETATM 1825 O O   . HOH D 2 .   ? 1.678   2.623   -19.596 1.00 41.64 ? 71  HOH B O   1 
HETATM 1826 O O   . HOH D 2 .   ? 19.101  19.210  1.910   1.00 37.65 ? 77  HOH B O   1 
HETATM 1827 O O   . HOH D 2 .   ? 13.823  -4.328  -17.753 1.00 47.34 ? 79  HOH B O   1 
HETATM 1828 O O   . HOH D 2 .   ? 24.089  14.630  -2.193  1.00 58.89 ? 82  HOH B O   1 
HETATM 1829 O O   . HOH D 2 .   ? 3.369   -2.161  3.547   1.00 39.44 ? 83  HOH B O   1 
HETATM 1830 O O   . HOH D 2 .   ? 11.058  5.518   4.234   1.00 43.64 ? 84  HOH B O   1 
HETATM 1831 O O   . HOH D 2 .   ? 22.854  16.997  -8.132  1.00 34.03 ? 90  HOH B O   1 
HETATM 1832 O O   . HOH D 2 .   ? 1.156   -9.146  0.726   1.00 49.10 ? 91  HOH B O   1 
HETATM 1833 O O   . HOH D 2 .   ? -4.495  -0.107  -3.675  1.00 38.88 ? 92  HOH B O   1 
HETATM 1834 O O   . HOH D 2 .   ? 1.290   -6.390  -11.880 1.00 42.72 ? 95  HOH B O   1 
HETATM 1835 O O   . HOH D 2 .   ? 7.732   23.078  -2.344  1.00 47.28 ? 96  HOH B O   1 
HETATM 1836 O O   . HOH D 2 .   ? 20.307  17.329  2.117   1.00 35.34 ? 98  HOH B O   1 
HETATM 1837 O O   . HOH D 2 .   ? 21.113  14.221  -2.671  1.00 44.08 ? 99  HOH B O   1 
HETATM 1838 O O   . HOH D 2 .   ? 6.633   -8.099  -5.577  1.00 44.52 ? 106 HOH B O   1 
HETATM 1839 O O   . HOH D 2 .   ? 9.780   11.680  -19.319 1.00 34.49 ? 108 HOH B O   1 
HETATM 1840 O O   . HOH D 2 .   ? 8.093   20.997  -13.330 1.00 43.79 ? 110 HOH B O   1 
HETATM 1841 O O   . HOH D 2 .   ? 22.608  -0.235  -12.370 1.00 43.77 ? 114 HOH B O   1 
HETATM 1842 O O   . HOH D 2 .   ? 6.607   -11.416 -8.488  1.00 44.16 ? 116 HOH B O   1 
HETATM 1843 O O   . HOH D 2 .   ? 17.330  7.192   -15.218 1.00 49.52 ? 118 HOH B O   1 
HETATM 1844 O O   . HOH D 2 .   ? 12.157  -8.456  -12.897 1.00 41.97 ? 122 HOH B O   1 
HETATM 1845 O O   . HOH D 2 .   ? 9.404   24.081  -3.511  1.00 40.70 ? 124 HOH B O   1 
HETATM 1846 O O   . HOH D 2 .   ? 7.205   22.904  0.596   1.00 54.83 ? 125 HOH B O   1 
HETATM 1847 O O   . HOH D 2 .   ? 2.801   8.561   -23.817 1.00 45.73 ? 128 HOH B O   1 
HETATM 1848 O O   . HOH D 2 .   ? 17.024  5.548   -18.092 1.00 37.17 ? 129 HOH B O   1 
HETATM 1849 O O   . HOH D 2 .   ? -1.070  -1.601  -20.466 1.00 46.52 ? 131 HOH B O   1 
HETATM 1850 O O   . HOH D 2 .   ? 3.484   6.783   -21.481 1.00 55.47 ? 133 HOH B O   1 
HETATM 1851 O O   . HOH D 2 .   ? 17.588  15.497  3.896   1.00 55.00 ? 135 HOH B O   1 
HETATM 1852 O O   . HOH D 2 .   ? -6.136  -0.544  -7.869  1.00 56.70 ? 137 HOH B O   1 
HETATM 1853 O O   . HOH D 2 .   ? 13.339  14.194  3.532   1.00 54.93 ? 138 HOH B O   1 
HETATM 1854 O O   . HOH D 2 .   ? -1.085  2.298   -13.558 1.00 55.47 ? 141 HOH B O   1 
HETATM 1855 O O   . HOH D 2 .   ? 17.412  19.060  -10.130 1.00 56.19 ? 143 HOH B O   1 
HETATM 1856 O O   . HOH D 2 .   ? 8.032   16.722  3.339   1.00 54.69 ? 144 HOH B O   1 
HETATM 1857 O O   . HOH D 2 .   ? 4.606   17.459  2.163   1.00 55.81 ? 150 HOH B O   1 
# 
